data_3ZEJ
# 
_entry.id   3ZEJ 
# 
_audit_conform.dict_name       mmcif_pdbx.dic 
_audit_conform.dict_version    5.397 
_audit_conform.dict_location   http://mmcif.pdb.org/dictionaries/ascii/mmcif_pdbx.dic 
# 
loop_
_database_2.database_id 
_database_2.database_code 
_database_2.pdbx_database_accession 
_database_2.pdbx_DOI 
PDB   3ZEJ         pdb_00003zej 10.2210/pdb3zej/pdb 
PDBE  EBI-54995    ?            ?                   
WWPDB D_1290054995 ?            ?                   
# 
loop_
_pdbx_audit_revision_history.ordinal 
_pdbx_audit_revision_history.data_content_type 
_pdbx_audit_revision_history.major_revision 
_pdbx_audit_revision_history.minor_revision 
_pdbx_audit_revision_history.revision_date 
1 'Structure model' 1 0 2012-12-26 
2 'Structure model' 1 1 2019-03-06 
3 'Structure model' 1 2 2023-12-20 
4 'Structure model' 1 3 2024-10-23 
# 
_pdbx_audit_revision_details.ordinal             1 
_pdbx_audit_revision_details.revision_ordinal    1 
_pdbx_audit_revision_details.data_content_type   'Structure model' 
_pdbx_audit_revision_details.provider            repository 
_pdbx_audit_revision_details.type                'Initial release' 
_pdbx_audit_revision_details.description         ? 
_pdbx_audit_revision_details.details             ? 
# 
loop_
_pdbx_audit_revision_group.ordinal 
_pdbx_audit_revision_group.revision_ordinal 
_pdbx_audit_revision_group.data_content_type 
_pdbx_audit_revision_group.group 
1 2 'Structure model' 'Data collection'          
2 2 'Structure model' 'Experimental preparation' 
3 2 'Structure model' Other                      
4 3 'Structure model' 'Data collection'          
5 3 'Structure model' 'Database references'      
6 3 'Structure model' 'Derived calculations'     
7 3 'Structure model' Other                      
8 3 'Structure model' 'Refinement description'   
9 4 'Structure model' 'Structure summary'        
# 
loop_
_pdbx_audit_revision_category.ordinal 
_pdbx_audit_revision_category.revision_ordinal 
_pdbx_audit_revision_category.data_content_type 
_pdbx_audit_revision_category.category 
1  2 'Structure model' database_PDB_rev              
2  2 'Structure model' database_PDB_rev_record       
3  2 'Structure model' exptl_crystal_grow            
4  2 'Structure model' pdbx_database_proc            
5  2 'Structure model' pdbx_database_status          
6  2 'Structure model' struct_biol                   
7  3 'Structure model' chem_comp_atom                
8  3 'Structure model' chem_comp_bond                
9  3 'Structure model' database_2                    
10 3 'Structure model' pdbx_database_status          
11 3 'Structure model' pdbx_initial_refinement_model 
12 3 'Structure model' struct_site                   
13 4 'Structure model' pdbx_entry_details            
14 4 'Structure model' pdbx_modification_feature     
# 
loop_
_pdbx_audit_revision_item.ordinal 
_pdbx_audit_revision_item.revision_ordinal 
_pdbx_audit_revision_item.data_content_type 
_pdbx_audit_revision_item.item 
1 2 'Structure model' '_exptl_crystal_grow.method'                  
2 2 'Structure model' '_exptl_crystal_grow.temp'                    
3 2 'Structure model' '_pdbx_database_status.recvd_author_approval' 
4 3 'Structure model' '_database_2.pdbx_DOI'                        
5 3 'Structure model' '_database_2.pdbx_database_accession'         
6 3 'Structure model' '_pdbx_database_status.status_code_sf'        
7 3 'Structure model' '_struct_site.pdbx_auth_asym_id'              
8 3 'Structure model' '_struct_site.pdbx_auth_comp_id'              
9 3 'Structure model' '_struct_site.pdbx_auth_seq_id'               
# 
_pdbx_database_status.status_code                     REL 
_pdbx_database_status.entry_id                        3ZEJ 
_pdbx_database_status.deposit_site                    PDBE 
_pdbx_database_status.process_site                    PDBE 
_pdbx_database_status.SG_entry                        . 
_pdbx_database_status.recvd_initial_deposition_date   2012-12-05 
_pdbx_database_status.pdb_format_compatible           Y 
_pdbx_database_status.status_code_sf                  REL 
_pdbx_database_status.status_code_mr                  ? 
_pdbx_database_status.status_code_cs                  ? 
_pdbx_database_status.methods_development_category    ? 
_pdbx_database_status.status_code_nmr_data            ? 
# 
_pdbx_database_related.db_name        PDB 
_pdbx_database_related.db_id          3ZEK 
_pdbx_database_related.content_type   unspecified 
_pdbx_database_related.details        
'HEN EGG-WHITE LYSOZYME STRUCTURE DETERMINED AT ROOM TEMPERATURE BY IN-SITU DIFFRACTION IN CHIPX' 
# 
loop_
_audit_author.name 
_audit_author.pdbx_ordinal 
_audit_author.identifier_ORCID 
'Pinker, F.' 1 ? 
'Lorber, B.' 2 ? 
'Sauter, C.' 3 ? 
# 
loop_
_citation.id 
_citation.title 
_citation.journal_abbrev 
_citation.journal_volume 
_citation.page_first 
_citation.page_last 
_citation.year 
_citation.journal_id_ASTM 
_citation.country 
_citation.journal_id_ISSN 
_citation.journal_id_CSD 
_citation.book_publisher 
_citation.pdbx_database_id_PubMed 
_citation.pdbx_database_id_DOI 
primary 
;Chipx: A Novel Microfluidic Chip for Counter- Diffusion Crystallization of Biomolecules and in Situ Crystal Analysis at Room Temperature
;
'To be Published' ? ?    ? ?    ? ? ?         0353 ? ?        ?                
1       'Microfluidic Chips for the Crystallization of Biomacromolecules by Counter-Diffusion and on-Chip Crystal X-Ray Analysis.' 
'Lab Chip'        9 1412 ? 2009 ? ? 1473-0197 ?    ? 19417908 10.1039/B819362B 
# 
loop_
_citation_author.citation_id 
_citation_author.name 
_citation_author.ordinal 
_citation_author.identifier_ORCID 
primary 'Pinker, F.'            1  ? 
primary 'Brun, M.'              2  ? 
primary 'Morin, P.'             3  ? 
primary 'Deman, A.'             4  ? 
primary 'Chateaux, J.'          5  ? 
primary 'Olieric, V.'           6  ? 
primary 'Stirnimann, C.'        7  ? 
primary 'Lorber, B.'            8  ? 
primary 'Terrier, N.'           9  ? 
primary 'Ferrigno, R.'          10 ? 
primary 'Sauter, C.'            11 ? 
1       'Dhouib, K.'            12 ? 
1       'Khan Malek, C.'        13 ? 
1       'Pfleging, W.'          14 ? 
1       'Gauthier-Manuel, B.'   15 ? 
1       'Duffait, R.'           16 ? 
1       'Thuillier, G.'         17 ? 
1       'Ferrigno, R.'          18 ? 
1       'Jacquamet, L.'         19 ? 
1       'Ohana, J.'             20 ? 
1       'Ferrer, J.'            21 ? 
1       'Theobald-Dietrich, A.' 22 ? 
1       'Giege, R.'             23 ? 
1       'Lorber, B.'            24 ? 
1       'Sauter, C.'            25 ? 
# 
loop_
_entity.id 
_entity.type 
_entity.src_method 
_entity.pdbx_description 
_entity.formula_weight 
_entity.pdbx_number_of_molecules 
_entity.pdbx_ec 
_entity.pdbx_mutation 
_entity.pdbx_fragment 
_entity.details 
1 polymer     nat THAUMATIN-1          22227.059 1   ? ? ? ? 
2 non-polymer syn 'L(+)-TARTARIC ACID' 150.087   1   ? ? ? ? 
3 water       nat water                18.015    143 ? ? ? ? 
# 
_entity_name_com.entity_id   1 
_entity_name_com.name        'THAUMATIN I, THAUMATIN' 
# 
_entity_poly.entity_id                      1 
_entity_poly.type                           'polypeptide(L)' 
_entity_poly.nstd_linkage                   no 
_entity_poly.nstd_monomer                   no 
_entity_poly.pdbx_seq_one_letter_code       
;ATFEIVNRCSYTVWAAASKGDAALDAGGRQLNSGESWTINVEPGTNGGKIWARTDCYFDDSGSGICKTGDCGGLLRCKRF
GRPPTTLAEFSLNQYGKDYIDISNIKGFNVPMNFSPTTRGCRGVRCAADIVGQCPAKLKAPGGGCNDACTVFQTSEYCCT
TGKCGPTEYSRFFKRLCPDAFSYVLDKPTTVTCPGSSNYRVTFCPTA
;
_entity_poly.pdbx_seq_one_letter_code_can   
;ATFEIVNRCSYTVWAAASKGDAALDAGGRQLNSGESWTINVEPGTNGGKIWARTDCYFDDSGSGICKTGDCGGLLRCKRF
GRPPTTLAEFSLNQYGKDYIDISNIKGFNVPMNFSPTTRGCRGVRCAADIVGQCPAKLKAPGGGCNDACTVFQTSEYCCT
TGKCGPTEYSRFFKRLCPDAFSYVLDKPTTVTCPGSSNYRVTFCPTA
;
_entity_poly.pdbx_strand_id                 A 
_entity_poly.pdbx_target_identifier         ? 
# 
loop_
_pdbx_entity_nonpoly.entity_id 
_pdbx_entity_nonpoly.name 
_pdbx_entity_nonpoly.comp_id 
2 'L(+)-TARTARIC ACID' TLA 
3 water                HOH 
# 
loop_
_entity_poly_seq.entity_id 
_entity_poly_seq.num 
_entity_poly_seq.mon_id 
_entity_poly_seq.hetero 
1 1   ALA n 
1 2   THR n 
1 3   PHE n 
1 4   GLU n 
1 5   ILE n 
1 6   VAL n 
1 7   ASN n 
1 8   ARG n 
1 9   CYS n 
1 10  SER n 
1 11  TYR n 
1 12  THR n 
1 13  VAL n 
1 14  TRP n 
1 15  ALA n 
1 16  ALA n 
1 17  ALA n 
1 18  SER n 
1 19  LYS n 
1 20  GLY n 
1 21  ASP n 
1 22  ALA n 
1 23  ALA n 
1 24  LEU n 
1 25  ASP n 
1 26  ALA n 
1 27  GLY n 
1 28  GLY n 
1 29  ARG n 
1 30  GLN n 
1 31  LEU n 
1 32  ASN n 
1 33  SER n 
1 34  GLY n 
1 35  GLU n 
1 36  SER n 
1 37  TRP n 
1 38  THR n 
1 39  ILE n 
1 40  ASN n 
1 41  VAL n 
1 42  GLU n 
1 43  PRO n 
1 44  GLY n 
1 45  THR n 
1 46  ASN n 
1 47  GLY n 
1 48  GLY n 
1 49  LYS n 
1 50  ILE n 
1 51  TRP n 
1 52  ALA n 
1 53  ARG n 
1 54  THR n 
1 55  ASP n 
1 56  CYS n 
1 57  TYR n 
1 58  PHE n 
1 59  ASP n 
1 60  ASP n 
1 61  SER n 
1 62  GLY n 
1 63  SER n 
1 64  GLY n 
1 65  ILE n 
1 66  CYS n 
1 67  LYS n 
1 68  THR n 
1 69  GLY n 
1 70  ASP n 
1 71  CYS n 
1 72  GLY n 
1 73  GLY n 
1 74  LEU n 
1 75  LEU n 
1 76  ARG n 
1 77  CYS n 
1 78  LYS n 
1 79  ARG n 
1 80  PHE n 
1 81  GLY n 
1 82  ARG n 
1 83  PRO n 
1 84  PRO n 
1 85  THR n 
1 86  THR n 
1 87  LEU n 
1 88  ALA n 
1 89  GLU n 
1 90  PHE n 
1 91  SER n 
1 92  LEU n 
1 93  ASN n 
1 94  GLN n 
1 95  TYR n 
1 96  GLY n 
1 97  LYS n 
1 98  ASP n 
1 99  TYR n 
1 100 ILE n 
1 101 ASP n 
1 102 ILE n 
1 103 SER n 
1 104 ASN n 
1 105 ILE n 
1 106 LYS n 
1 107 GLY n 
1 108 PHE n 
1 109 ASN n 
1 110 VAL n 
1 111 PRO n 
1 112 MET n 
1 113 ASN n 
1 114 PHE n 
1 115 SER n 
1 116 PRO n 
1 117 THR n 
1 118 THR n 
1 119 ARG n 
1 120 GLY n 
1 121 CYS n 
1 122 ARG n 
1 123 GLY n 
1 124 VAL n 
1 125 ARG n 
1 126 CYS n 
1 127 ALA n 
1 128 ALA n 
1 129 ASP n 
1 130 ILE n 
1 131 VAL n 
1 132 GLY n 
1 133 GLN n 
1 134 CYS n 
1 135 PRO n 
1 136 ALA n 
1 137 LYS n 
1 138 LEU n 
1 139 LYS n 
1 140 ALA n 
1 141 PRO n 
1 142 GLY n 
1 143 GLY n 
1 144 GLY n 
1 145 CYS n 
1 146 ASN n 
1 147 ASP n 
1 148 ALA n 
1 149 CYS n 
1 150 THR n 
1 151 VAL n 
1 152 PHE n 
1 153 GLN n 
1 154 THR n 
1 155 SER n 
1 156 GLU n 
1 157 TYR n 
1 158 CYS n 
1 159 CYS n 
1 160 THR n 
1 161 THR n 
1 162 GLY n 
1 163 LYS n 
1 164 CYS n 
1 165 GLY n 
1 166 PRO n 
1 167 THR n 
1 168 GLU n 
1 169 TYR n 
1 170 SER n 
1 171 ARG n 
1 172 PHE n 
1 173 PHE n 
1 174 LYS n 
1 175 ARG n 
1 176 LEU n 
1 177 CYS n 
1 178 PRO n 
1 179 ASP n 
1 180 ALA n 
1 181 PHE n 
1 182 SER n 
1 183 TYR n 
1 184 VAL n 
1 185 LEU n 
1 186 ASP n 
1 187 LYS n 
1 188 PRO n 
1 189 THR n 
1 190 THR n 
1 191 VAL n 
1 192 THR n 
1 193 CYS n 
1 194 PRO n 
1 195 GLY n 
1 196 SER n 
1 197 SER n 
1 198 ASN n 
1 199 TYR n 
1 200 ARG n 
1 201 VAL n 
1 202 THR n 
1 203 PHE n 
1 204 CYS n 
1 205 PRO n 
1 206 THR n 
1 207 ALA n 
# 
_entity_src_nat.entity_id                  1 
_entity_src_nat.pdbx_src_id                1 
_entity_src_nat.pdbx_alt_source_flag       sample 
_entity_src_nat.pdbx_beg_seq_num           ? 
_entity_src_nat.pdbx_end_seq_num           ? 
_entity_src_nat.common_name                ? 
_entity_src_nat.pdbx_organism_scientific   'THAUMATOCOCCUS DANIELLII' 
_entity_src_nat.pdbx_ncbi_taxonomy_id      4621 
_entity_src_nat.genus                      ? 
_entity_src_nat.species                    ? 
_entity_src_nat.strain                     ? 
_entity_src_nat.tissue                     ? 
_entity_src_nat.tissue_fraction            ? 
_entity_src_nat.pdbx_secretion             ? 
_entity_src_nat.pdbx_fragment              ? 
_entity_src_nat.pdbx_variant               ? 
_entity_src_nat.pdbx_cell_line             ? 
_entity_src_nat.pdbx_atcc                  ? 
_entity_src_nat.pdbx_cellular_location     ? 
_entity_src_nat.pdbx_organ                 FRUIT 
_entity_src_nat.pdbx_organelle             ? 
_entity_src_nat.pdbx_cell                  ? 
_entity_src_nat.pdbx_plasmid_name          ? 
_entity_src_nat.pdbx_plasmid_details       ? 
_entity_src_nat.details                    ? 
# 
loop_
_chem_comp.id 
_chem_comp.type 
_chem_comp.mon_nstd_flag 
_chem_comp.name 
_chem_comp.pdbx_synonyms 
_chem_comp.formula 
_chem_comp.formula_weight 
ALA 'L-peptide linking' y ALANINE              ? 'C3 H7 N O2'     89.093  
ARG 'L-peptide linking' y ARGININE             ? 'C6 H15 N4 O2 1' 175.209 
ASN 'L-peptide linking' y ASPARAGINE           ? 'C4 H8 N2 O3'    132.118 
ASP 'L-peptide linking' y 'ASPARTIC ACID'      ? 'C4 H7 N O4'     133.103 
CYS 'L-peptide linking' y CYSTEINE             ? 'C3 H7 N O2 S'   121.158 
GLN 'L-peptide linking' y GLUTAMINE            ? 'C5 H10 N2 O3'   146.144 
GLU 'L-peptide linking' y 'GLUTAMIC ACID'      ? 'C5 H9 N O4'     147.129 
GLY 'peptide linking'   y GLYCINE              ? 'C2 H5 N O2'     75.067  
HOH non-polymer         . WATER                ? 'H2 O'           18.015  
ILE 'L-peptide linking' y ISOLEUCINE           ? 'C6 H13 N O2'    131.173 
LEU 'L-peptide linking' y LEUCINE              ? 'C6 H13 N O2'    131.173 
LYS 'L-peptide linking' y LYSINE               ? 'C6 H15 N2 O2 1' 147.195 
MET 'L-peptide linking' y METHIONINE           ? 'C5 H11 N O2 S'  149.211 
PHE 'L-peptide linking' y PHENYLALANINE        ? 'C9 H11 N O2'    165.189 
PRO 'L-peptide linking' y PROLINE              ? 'C5 H9 N O2'     115.130 
SER 'L-peptide linking' y SERINE               ? 'C3 H7 N O3'     105.093 
THR 'L-peptide linking' y THREONINE            ? 'C4 H9 N O3'     119.119 
TLA non-polymer         . 'L(+)-TARTARIC ACID' ? 'C4 H6 O6'       150.087 
TRP 'L-peptide linking' y TRYPTOPHAN           ? 'C11 H12 N2 O2'  204.225 
TYR 'L-peptide linking' y TYROSINE             ? 'C9 H11 N O3'    181.189 
VAL 'L-peptide linking' y VALINE               ? 'C5 H11 N O2'    117.146 
# 
loop_
_pdbx_poly_seq_scheme.asym_id 
_pdbx_poly_seq_scheme.entity_id 
_pdbx_poly_seq_scheme.seq_id 
_pdbx_poly_seq_scheme.mon_id 
_pdbx_poly_seq_scheme.ndb_seq_num 
_pdbx_poly_seq_scheme.pdb_seq_num 
_pdbx_poly_seq_scheme.auth_seq_num 
_pdbx_poly_seq_scheme.pdb_mon_id 
_pdbx_poly_seq_scheme.auth_mon_id 
_pdbx_poly_seq_scheme.pdb_strand_id 
_pdbx_poly_seq_scheme.pdb_ins_code 
_pdbx_poly_seq_scheme.hetero 
A 1 1   ALA 1   1   1   ALA ALA A . n 
A 1 2   THR 2   2   2   THR THR A . n 
A 1 3   PHE 3   3   3   PHE PHE A . n 
A 1 4   GLU 4   4   4   GLU GLU A . n 
A 1 5   ILE 5   5   5   ILE ILE A . n 
A 1 6   VAL 6   6   6   VAL VAL A . n 
A 1 7   ASN 7   7   7   ASN ASN A . n 
A 1 8   ARG 8   8   8   ARG ARG A . n 
A 1 9   CYS 9   9   9   CYS CYS A . n 
A 1 10  SER 10  10  10  SER SER A . n 
A 1 11  TYR 11  11  11  TYR TYR A . n 
A 1 12  THR 12  12  12  THR THR A . n 
A 1 13  VAL 13  13  13  VAL VAL A . n 
A 1 14  TRP 14  14  14  TRP TRP A . n 
A 1 15  ALA 15  15  15  ALA ALA A . n 
A 1 16  ALA 16  16  16  ALA ALA A . n 
A 1 17  ALA 17  17  17  ALA ALA A . n 
A 1 18  SER 18  18  18  SER SER A . n 
A 1 19  LYS 19  19  19  LYS LYS A . n 
A 1 20  GLY 20  20  20  GLY GLY A . n 
A 1 21  ASP 21  21  21  ASP ASP A . n 
A 1 22  ALA 22  22  22  ALA ALA A . n 
A 1 23  ALA 23  23  23  ALA ALA A . n 
A 1 24  LEU 24  24  24  LEU LEU A . n 
A 1 25  ASP 25  25  25  ASP ASP A . n 
A 1 26  ALA 26  26  26  ALA ALA A . n 
A 1 27  GLY 27  27  27  GLY GLY A . n 
A 1 28  GLY 28  28  28  GLY GLY A . n 
A 1 29  ARG 29  29  29  ARG ARG A . n 
A 1 30  GLN 30  30  30  GLN GLN A . n 
A 1 31  LEU 31  31  31  LEU LEU A . n 
A 1 32  ASN 32  32  32  ASN ASN A . n 
A 1 33  SER 33  33  33  SER SER A . n 
A 1 34  GLY 34  34  34  GLY GLY A . n 
A 1 35  GLU 35  35  35  GLU GLU A . n 
A 1 36  SER 36  36  36  SER SER A . n 
A 1 37  TRP 37  37  37  TRP TRP A . n 
A 1 38  THR 38  38  38  THR THR A . n 
A 1 39  ILE 39  39  39  ILE ILE A . n 
A 1 40  ASN 40  40  40  ASN ASN A . n 
A 1 41  VAL 41  41  41  VAL VAL A . n 
A 1 42  GLU 42  42  42  GLU GLU A . n 
A 1 43  PRO 43  43  43  PRO PRO A . n 
A 1 44  GLY 44  44  44  GLY GLY A . n 
A 1 45  THR 45  45  45  THR THR A . n 
A 1 46  ASN 46  46  46  ASN ASN A . n 
A 1 47  GLY 47  47  47  GLY GLY A . n 
A 1 48  GLY 48  48  48  GLY GLY A . n 
A 1 49  LYS 49  49  49  LYS LYS A . n 
A 1 50  ILE 50  50  50  ILE ILE A . n 
A 1 51  TRP 51  51  51  TRP TRP A . n 
A 1 52  ALA 52  52  52  ALA ALA A . n 
A 1 53  ARG 53  53  53  ARG ARG A . n 
A 1 54  THR 54  54  54  THR THR A . n 
A 1 55  ASP 55  55  55  ASP ASP A . n 
A 1 56  CYS 56  56  56  CYS CYS A . n 
A 1 57  TYR 57  57  57  TYR TYR A . n 
A 1 58  PHE 58  58  58  PHE PHE A . n 
A 1 59  ASP 59  59  59  ASP ASP A . n 
A 1 60  ASP 60  60  60  ASP ASP A . n 
A 1 61  SER 61  61  61  SER SER A . n 
A 1 62  GLY 62  62  62  GLY GLY A . n 
A 1 63  SER 63  63  63  SER SER A . n 
A 1 64  GLY 64  64  64  GLY GLY A . n 
A 1 65  ILE 65  65  65  ILE ILE A . n 
A 1 66  CYS 66  66  66  CYS CYS A . n 
A 1 67  LYS 67  67  67  LYS LYS A . n 
A 1 68  THR 68  68  68  THR THR A . n 
A 1 69  GLY 69  69  69  GLY GLY A . n 
A 1 70  ASP 70  70  70  ASP ASP A . n 
A 1 71  CYS 71  71  71  CYS CYS A . n 
A 1 72  GLY 72  72  72  GLY GLY A . n 
A 1 73  GLY 73  73  73  GLY GLY A . n 
A 1 74  LEU 74  74  74  LEU LEU A . n 
A 1 75  LEU 75  75  75  LEU LEU A . n 
A 1 76  ARG 76  76  76  ARG ARG A . n 
A 1 77  CYS 77  77  77  CYS CYS A . n 
A 1 78  LYS 78  78  78  LYS LYS A . n 
A 1 79  ARG 79  79  79  ARG ARG A . n 
A 1 80  PHE 80  80  80  PHE PHE A . n 
A 1 81  GLY 81  81  81  GLY GLY A . n 
A 1 82  ARG 82  82  82  ARG ARG A . n 
A 1 83  PRO 83  83  83  PRO PRO A . n 
A 1 84  PRO 84  84  84  PRO PRO A . n 
A 1 85  THR 85  85  85  THR THR A . n 
A 1 86  THR 86  86  86  THR THR A . n 
A 1 87  LEU 87  87  87  LEU LEU A . n 
A 1 88  ALA 88  88  88  ALA ALA A . n 
A 1 89  GLU 89  89  89  GLU GLU A . n 
A 1 90  PHE 90  90  90  PHE PHE A . n 
A 1 91  SER 91  91  91  SER SER A . n 
A 1 92  LEU 92  92  92  LEU LEU A . n 
A 1 93  ASN 93  93  93  ASN ASN A . n 
A 1 94  GLN 94  94  94  GLN GLN A . n 
A 1 95  TYR 95  95  95  TYR TYR A . n 
A 1 96  GLY 96  96  96  GLY GLY A . n 
A 1 97  LYS 97  97  97  LYS LYS A . n 
A 1 98  ASP 98  98  98  ASP ASP A . n 
A 1 99  TYR 99  99  99  TYR TYR A . n 
A 1 100 ILE 100 100 100 ILE ILE A . n 
A 1 101 ASP 101 101 101 ASP ASP A . n 
A 1 102 ILE 102 102 102 ILE ILE A . n 
A 1 103 SER 103 103 103 SER SER A . n 
A 1 104 ASN 104 104 104 ASN ASN A . n 
A 1 105 ILE 105 105 105 ILE ILE A . n 
A 1 106 LYS 106 106 106 LYS LYS A . n 
A 1 107 GLY 107 107 107 GLY GLY A . n 
A 1 108 PHE 108 108 108 PHE PHE A . n 
A 1 109 ASN 109 109 109 ASN ASN A . n 
A 1 110 VAL 110 110 110 VAL VAL A . n 
A 1 111 PRO 111 111 111 PRO PRO A . n 
A 1 112 MET 112 112 112 MET MET A . n 
A 1 113 ASN 113 113 113 ASN ASN A . n 
A 1 114 PHE 114 114 114 PHE PHE A . n 
A 1 115 SER 115 115 115 SER SER A . n 
A 1 116 PRO 116 116 116 PRO PRO A . n 
A 1 117 THR 117 117 117 THR THR A . n 
A 1 118 THR 118 118 118 THR THR A . n 
A 1 119 ARG 119 119 119 ARG ARG A . n 
A 1 120 GLY 120 120 120 GLY GLY A . n 
A 1 121 CYS 121 121 121 CYS CYS A . n 
A 1 122 ARG 122 122 122 ARG ARG A . n 
A 1 123 GLY 123 123 123 GLY GLY A . n 
A 1 124 VAL 124 124 124 VAL VAL A . n 
A 1 125 ARG 125 125 125 ARG ARG A . n 
A 1 126 CYS 126 126 126 CYS CYS A . n 
A 1 127 ALA 127 127 127 ALA ALA A . n 
A 1 128 ALA 128 128 128 ALA ALA A . n 
A 1 129 ASP 129 129 129 ASP ASP A . n 
A 1 130 ILE 130 130 130 ILE ILE A . n 
A 1 131 VAL 131 131 131 VAL VAL A . n 
A 1 132 GLY 132 132 132 GLY GLY A . n 
A 1 133 GLN 133 133 133 GLN GLN A . n 
A 1 134 CYS 134 134 134 CYS CYS A . n 
A 1 135 PRO 135 135 135 PRO PRO A . n 
A 1 136 ALA 136 136 136 ALA ALA A . n 
A 1 137 LYS 137 137 137 LYS LYS A . n 
A 1 138 LEU 138 138 138 LEU LEU A . n 
A 1 139 LYS 139 139 139 LYS LYS A . n 
A 1 140 ALA 140 140 140 ALA ALA A . n 
A 1 141 PRO 141 141 141 PRO PRO A . n 
A 1 142 GLY 142 142 142 GLY GLY A . n 
A 1 143 GLY 143 143 143 GLY GLY A . n 
A 1 144 GLY 144 144 144 GLY GLY A . n 
A 1 145 CYS 145 145 145 CYS CYS A . n 
A 1 146 ASN 146 146 146 ASN ASN A . n 
A 1 147 ASP 147 147 147 ASP ASP A . n 
A 1 148 ALA 148 148 148 ALA ALA A . n 
A 1 149 CYS 149 149 149 CYS CYS A . n 
A 1 150 THR 150 150 150 THR THR A . n 
A 1 151 VAL 151 151 151 VAL VAL A . n 
A 1 152 PHE 152 152 152 PHE PHE A . n 
A 1 153 GLN 153 153 153 GLN GLN A . n 
A 1 154 THR 154 154 154 THR THR A . n 
A 1 155 SER 155 155 155 SER SER A . n 
A 1 156 GLU 156 156 156 GLU GLU A . n 
A 1 157 TYR 157 157 157 TYR TYR A . n 
A 1 158 CYS 158 158 158 CYS CYS A . n 
A 1 159 CYS 159 159 159 CYS CYS A . n 
A 1 160 THR 160 160 160 THR THR A . n 
A 1 161 THR 161 161 161 THR THR A . n 
A 1 162 GLY 162 162 162 GLY GLY A . n 
A 1 163 LYS 163 163 163 LYS LYS A . n 
A 1 164 CYS 164 164 164 CYS CYS A . n 
A 1 165 GLY 165 165 165 GLY GLY A . n 
A 1 166 PRO 166 166 166 PRO PRO A . n 
A 1 167 THR 167 167 167 THR THR A . n 
A 1 168 GLU 168 168 168 GLU GLU A . n 
A 1 169 TYR 169 169 169 TYR TYR A . n 
A 1 170 SER 170 170 170 SER SER A . n 
A 1 171 ARG 171 171 171 ARG ARG A . n 
A 1 172 PHE 172 172 172 PHE PHE A . n 
A 1 173 PHE 173 173 173 PHE PHE A . n 
A 1 174 LYS 174 174 174 LYS LYS A . n 
A 1 175 ARG 175 175 175 ARG ARG A . n 
A 1 176 LEU 176 176 176 LEU LEU A . n 
A 1 177 CYS 177 177 177 CYS CYS A . n 
A 1 178 PRO 178 178 178 PRO PRO A . n 
A 1 179 ASP 179 179 179 ASP ASP A . n 
A 1 180 ALA 180 180 180 ALA ALA A . n 
A 1 181 PHE 181 181 181 PHE PHE A . n 
A 1 182 SER 182 182 182 SER SER A . n 
A 1 183 TYR 183 183 183 TYR TYR A . n 
A 1 184 VAL 184 184 184 VAL VAL A . n 
A 1 185 LEU 185 185 185 LEU LEU A . n 
A 1 186 ASP 186 186 186 ASP ASP A . n 
A 1 187 LYS 187 187 187 LYS LYS A . n 
A 1 188 PRO 188 188 188 PRO PRO A . n 
A 1 189 THR 189 189 189 THR THR A . n 
A 1 190 THR 190 190 190 THR THR A . n 
A 1 191 VAL 191 191 191 VAL VAL A . n 
A 1 192 THR 192 192 192 THR THR A . n 
A 1 193 CYS 193 193 193 CYS CYS A . n 
A 1 194 PRO 194 194 194 PRO PRO A . n 
A 1 195 GLY 195 195 195 GLY GLY A . n 
A 1 196 SER 196 196 196 SER SER A . n 
A 1 197 SER 197 197 197 SER SER A . n 
A 1 198 ASN 198 198 198 ASN ASN A . n 
A 1 199 TYR 199 199 199 TYR TYR A . n 
A 1 200 ARG 200 200 200 ARG ARG A . n 
A 1 201 VAL 201 201 201 VAL VAL A . n 
A 1 202 THR 202 202 202 THR THR A . n 
A 1 203 PHE 203 203 203 PHE PHE A . n 
A 1 204 CYS 204 204 204 CYS CYS A . n 
A 1 205 PRO 205 205 205 PRO PRO A . n 
A 1 206 THR 206 206 206 THR THR A . n 
A 1 207 ALA 207 207 207 ALA ALA A . n 
# 
loop_
_pdbx_nonpoly_scheme.asym_id 
_pdbx_nonpoly_scheme.entity_id 
_pdbx_nonpoly_scheme.mon_id 
_pdbx_nonpoly_scheme.ndb_seq_num 
_pdbx_nonpoly_scheme.pdb_seq_num 
_pdbx_nonpoly_scheme.auth_seq_num 
_pdbx_nonpoly_scheme.pdb_mon_id 
_pdbx_nonpoly_scheme.auth_mon_id 
_pdbx_nonpoly_scheme.pdb_strand_id 
_pdbx_nonpoly_scheme.pdb_ins_code 
B 2 TLA 1   1208 1208 TLA TLA A . 
C 3 HOH 1   2001 2001 HOH HOH A . 
C 3 HOH 2   2002 2002 HOH HOH A . 
C 3 HOH 3   2003 2003 HOH HOH A . 
C 3 HOH 4   2004 2004 HOH HOH A . 
C 3 HOH 5   2005 2005 HOH HOH A . 
C 3 HOH 6   2006 2006 HOH HOH A . 
C 3 HOH 7   2007 2007 HOH HOH A . 
C 3 HOH 8   2008 2008 HOH HOH A . 
C 3 HOH 9   2009 2009 HOH HOH A . 
C 3 HOH 10  2010 2010 HOH HOH A . 
C 3 HOH 11  2011 2011 HOH HOH A . 
C 3 HOH 12  2012 2012 HOH HOH A . 
C 3 HOH 13  2013 2013 HOH HOH A . 
C 3 HOH 14  2014 2014 HOH HOH A . 
C 3 HOH 15  2015 2015 HOH HOH A . 
C 3 HOH 16  2016 2016 HOH HOH A . 
C 3 HOH 17  2017 2017 HOH HOH A . 
C 3 HOH 18  2018 2018 HOH HOH A . 
C 3 HOH 19  2019 2019 HOH HOH A . 
C 3 HOH 20  2020 2020 HOH HOH A . 
C 3 HOH 21  2021 2021 HOH HOH A . 
C 3 HOH 22  2022 2022 HOH HOH A . 
C 3 HOH 23  2023 2023 HOH HOH A . 
C 3 HOH 24  2024 2024 HOH HOH A . 
C 3 HOH 25  2025 2025 HOH HOH A . 
C 3 HOH 26  2026 2026 HOH HOH A . 
C 3 HOH 27  2027 2027 HOH HOH A . 
C 3 HOH 28  2028 2028 HOH HOH A . 
C 3 HOH 29  2029 2029 HOH HOH A . 
C 3 HOH 30  2030 2030 HOH HOH A . 
C 3 HOH 31  2031 2031 HOH HOH A . 
C 3 HOH 32  2032 2032 HOH HOH A . 
C 3 HOH 33  2033 2033 HOH HOH A . 
C 3 HOH 34  2034 2034 HOH HOH A . 
C 3 HOH 35  2035 2035 HOH HOH A . 
C 3 HOH 36  2036 2036 HOH HOH A . 
C 3 HOH 37  2037 2037 HOH HOH A . 
C 3 HOH 38  2038 2038 HOH HOH A . 
C 3 HOH 39  2039 2039 HOH HOH A . 
C 3 HOH 40  2040 2040 HOH HOH A . 
C 3 HOH 41  2041 2041 HOH HOH A . 
C 3 HOH 42  2042 2042 HOH HOH A . 
C 3 HOH 43  2043 2043 HOH HOH A . 
C 3 HOH 44  2044 2044 HOH HOH A . 
C 3 HOH 45  2045 2045 HOH HOH A . 
C 3 HOH 46  2046 2046 HOH HOH A . 
C 3 HOH 47  2047 2047 HOH HOH A . 
C 3 HOH 48  2048 2048 HOH HOH A . 
C 3 HOH 49  2049 2049 HOH HOH A . 
C 3 HOH 50  2050 2050 HOH HOH A . 
C 3 HOH 51  2051 2051 HOH HOH A . 
C 3 HOH 52  2052 2052 HOH HOH A . 
C 3 HOH 53  2053 2053 HOH HOH A . 
C 3 HOH 54  2054 2054 HOH HOH A . 
C 3 HOH 55  2055 2055 HOH HOH A . 
C 3 HOH 56  2056 2056 HOH HOH A . 
C 3 HOH 57  2057 2057 HOH HOH A . 
C 3 HOH 58  2058 2058 HOH HOH A . 
C 3 HOH 59  2059 2059 HOH HOH A . 
C 3 HOH 60  2060 2060 HOH HOH A . 
C 3 HOH 61  2061 2061 HOH HOH A . 
C 3 HOH 62  2062 2062 HOH HOH A . 
C 3 HOH 63  2063 2063 HOH HOH A . 
C 3 HOH 64  2064 2064 HOH HOH A . 
C 3 HOH 65  2065 2065 HOH HOH A . 
C 3 HOH 66  2066 2066 HOH HOH A . 
C 3 HOH 67  2067 2067 HOH HOH A . 
C 3 HOH 68  2068 2068 HOH HOH A . 
C 3 HOH 69  2069 2069 HOH HOH A . 
C 3 HOH 70  2070 2070 HOH HOH A . 
C 3 HOH 71  2071 2071 HOH HOH A . 
C 3 HOH 72  2072 2072 HOH HOH A . 
C 3 HOH 73  2073 2073 HOH HOH A . 
C 3 HOH 74  2074 2074 HOH HOH A . 
C 3 HOH 75  2075 2075 HOH HOH A . 
C 3 HOH 76  2076 2076 HOH HOH A . 
C 3 HOH 77  2077 2077 HOH HOH A . 
C 3 HOH 78  2078 2078 HOH HOH A . 
C 3 HOH 79  2079 2079 HOH HOH A . 
C 3 HOH 80  2080 2080 HOH HOH A . 
C 3 HOH 81  2081 2081 HOH HOH A . 
C 3 HOH 82  2082 2082 HOH HOH A . 
C 3 HOH 83  2083 2083 HOH HOH A . 
C 3 HOH 84  2084 2084 HOH HOH A . 
C 3 HOH 85  2085 2085 HOH HOH A . 
C 3 HOH 86  2086 2086 HOH HOH A . 
C 3 HOH 87  2087 2087 HOH HOH A . 
C 3 HOH 88  2088 2088 HOH HOH A . 
C 3 HOH 89  2089 2089 HOH HOH A . 
C 3 HOH 90  2090 2090 HOH HOH A . 
C 3 HOH 91  2091 2091 HOH HOH A . 
C 3 HOH 92  2092 2092 HOH HOH A . 
C 3 HOH 93  2093 2093 HOH HOH A . 
C 3 HOH 94  2094 2094 HOH HOH A . 
C 3 HOH 95  2095 2095 HOH HOH A . 
C 3 HOH 96  2096 2096 HOH HOH A . 
C 3 HOH 97  2097 2097 HOH HOH A . 
C 3 HOH 98  2098 2098 HOH HOH A . 
C 3 HOH 99  2099 2099 HOH HOH A . 
C 3 HOH 100 2100 2100 HOH HOH A . 
C 3 HOH 101 2101 2101 HOH HOH A . 
C 3 HOH 102 2102 2102 HOH HOH A . 
C 3 HOH 103 2103 2103 HOH HOH A . 
C 3 HOH 104 2104 2104 HOH HOH A . 
C 3 HOH 105 2105 2105 HOH HOH A . 
C 3 HOH 106 2106 2106 HOH HOH A . 
C 3 HOH 107 2107 2107 HOH HOH A . 
C 3 HOH 108 2108 2108 HOH HOH A . 
C 3 HOH 109 2109 2109 HOH HOH A . 
C 3 HOH 110 2110 2110 HOH HOH A . 
C 3 HOH 111 2111 2111 HOH HOH A . 
C 3 HOH 112 2112 2112 HOH HOH A . 
C 3 HOH 113 2113 2113 HOH HOH A . 
C 3 HOH 114 2114 2114 HOH HOH A . 
C 3 HOH 115 2115 2115 HOH HOH A . 
C 3 HOH 116 2116 2116 HOH HOH A . 
C 3 HOH 117 2117 2117 HOH HOH A . 
C 3 HOH 118 2118 2118 HOH HOH A . 
C 3 HOH 119 2119 2119 HOH HOH A . 
C 3 HOH 120 2120 2120 HOH HOH A . 
C 3 HOH 121 2121 2121 HOH HOH A . 
C 3 HOH 122 2122 2122 HOH HOH A . 
C 3 HOH 123 2123 2123 HOH HOH A . 
C 3 HOH 124 2124 2124 HOH HOH A . 
C 3 HOH 125 2125 2125 HOH HOH A . 
C 3 HOH 126 2126 2126 HOH HOH A . 
C 3 HOH 127 2127 2127 HOH HOH A . 
C 3 HOH 128 2128 2128 HOH HOH A . 
C 3 HOH 129 2129 2129 HOH HOH A . 
C 3 HOH 130 2130 2130 HOH HOH A . 
C 3 HOH 131 2131 2131 HOH HOH A . 
C 3 HOH 132 2132 2132 HOH HOH A . 
C 3 HOH 133 2133 2133 HOH HOH A . 
C 3 HOH 134 2134 2134 HOH HOH A . 
C 3 HOH 135 2135 2135 HOH HOH A . 
C 3 HOH 136 2136 2136 HOH HOH A . 
C 3 HOH 137 2137 2137 HOH HOH A . 
C 3 HOH 138 2138 2138 HOH HOH A . 
C 3 HOH 139 2139 2139 HOH HOH A . 
C 3 HOH 140 2140 2140 HOH HOH A . 
C 3 HOH 141 2141 2141 HOH HOH A . 
C 3 HOH 142 2142 2142 HOH HOH A . 
C 3 HOH 143 2143 2143 HOH HOH A . 
# 
loop_
_software.name 
_software.classification 
_software.version 
_software.citation_id 
_software.pdbx_ordinal 
_software.date 
_software.type 
_software.location 
_software.language 
PHENIX refinement       '(PHENIX.REFINE)' ? 1 ? ? ? ? 
XDS    'data reduction' .                 ? 2 ? ? ? ? 
XSCALE 'data scaling'   .                 ? 3 ? ? ? ? 
PHENIX phasing          .                 ? 4 ? ? ? ? 
# 
_cell.entry_id           3ZEJ 
_cell.length_a           58.570 
_cell.length_b           58.570 
_cell.length_c           151.790 
_cell.angle_alpha        90.00 
_cell.angle_beta         90.00 
_cell.angle_gamma        90.00 
_cell.Z_PDB              8 
_cell.pdbx_unique_axis   ? 
# 
_symmetry.entry_id                         3ZEJ 
_symmetry.space_group_name_H-M             'P 41 21 2' 
_symmetry.pdbx_full_space_group_name_H-M   ? 
_symmetry.cell_setting                     ? 
_symmetry.Int_Tables_number                92 
# 
_exptl.entry_id          3ZEJ 
_exptl.method            'X-RAY DIFFRACTION' 
_exptl.crystals_number   1 
# 
_exptl_crystal.id                    1 
_exptl_crystal.density_meas          ? 
_exptl_crystal.density_Matthews      2.9 
_exptl_crystal.density_percent_sol   58.1 
_exptl_crystal.description           NONE 
# 
_exptl_crystal_grow.crystal_id      1 
_exptl_crystal_grow.method          COUNTER-DIFFUSION 
_exptl_crystal_grow.temp            293 
_exptl_crystal_grow.temp_details    ? 
_exptl_crystal_grow.pH              6.5 
_exptl_crystal_grow.pdbx_pH_range   ? 
_exptl_crystal_grow.pdbx_details    
;THAUMATIN WAS CRYSTALLIZED AT 293 K BY COUNTER-DIFFUSION IN A CHIPX MICROFLUIDIC DEVICE. MICROFLUIDIC CHANNELS WERE FILLED WITH A 30 MG/ML THAUMATIN SOLUTION CONTAINING 0.3% BETA-OCTYL-GLUCOSIDE (M/V) TO FACILITATE SAMPLE LOADING BY CAPILLARITY. CRYSTALLANT RESERVOIRS WERE FILLED WITH 1.5 M SODIUM TARTRATE AND 0.1 M ADA PH 6.5.
;
# 
_diffrn.id                     1 
_diffrn.ambient_temp           298 
_diffrn.ambient_temp_details   ? 
_diffrn.crystal_id             1 
# 
_diffrn_detector.diffrn_id              1 
_diffrn_detector.detector               PIXEL 
_diffrn_detector.type                   'DECTRIS PILATUS 2M' 
_diffrn_detector.pdbx_collection_date   2012-08-20 
_diffrn_detector.details                ? 
# 
_diffrn_radiation.diffrn_id                        1 
_diffrn_radiation.wavelength_id                    1 
_diffrn_radiation.pdbx_monochromatic_or_laue_m_l   M 
_diffrn_radiation.monochromator                    ? 
_diffrn_radiation.pdbx_diffrn_protocol             'SINGLE WAVELENGTH' 
_diffrn_radiation.pdbx_scattering_type             x-ray 
# 
_diffrn_radiation_wavelength.id           1 
_diffrn_radiation_wavelength.wavelength   1 
_diffrn_radiation_wavelength.wt           1.0 
# 
_diffrn_source.diffrn_id                   1 
_diffrn_source.source                      SYNCHROTRON 
_diffrn_source.type                        'SLS BEAMLINE X06DA' 
_diffrn_source.pdbx_synchrotron_site       SLS 
_diffrn_source.pdbx_synchrotron_beamline   X06DA 
_diffrn_source.pdbx_wavelength             1 
_diffrn_source.pdbx_wavelength_list        ? 
# 
_reflns.pdbx_diffrn_id               1 
_reflns.pdbx_ordinal                 1 
_reflns.entry_id                     3ZEJ 
_reflns.observed_criterion_sigma_I   -3.0 
_reflns.observed_criterion_sigma_F   ? 
_reflns.d_resolution_low             60.00 
_reflns.d_resolution_high            1.55 
_reflns.number_obs                   39090 
_reflns.number_all                   ? 
_reflns.percent_possible_obs         99.1 
_reflns.pdbx_Rmerge_I_obs            0.11 
_reflns.pdbx_Rsym_value              ? 
_reflns.pdbx_netI_over_sigmaI        11.04 
_reflns.B_iso_Wilson_estimate        16.89 
_reflns.pdbx_redundancy              7.0 
_reflns.pdbx_CC_half                 ? 
_reflns.pdbx_Rpim_I_all              ? 
_reflns.pdbx_Rrim_I_all              ? 
# 
_reflns_shell.pdbx_diffrn_id         1 
_reflns_shell.pdbx_ordinal           1 
_reflns_shell.d_res_high             1.55 
_reflns_shell.d_res_low              1.64 
_reflns_shell.percent_possible_all   99.8 
_reflns_shell.Rmerge_I_obs           0.59 
_reflns_shell.pdbx_Rsym_value        ? 
_reflns_shell.meanI_over_sigI_obs    2.30 
_reflns_shell.pdbx_redundancy        4.2 
_reflns_shell.number_measured_obs    ? 
_reflns_shell.number_unique_all      ? 
_reflns_shell.number_unique_obs      ? 
_reflns_shell.pdbx_CC_half           ? 
_reflns_shell.pdbx_Rpim_I_all        ? 
_reflns_shell.pdbx_Rrim_I_all        ? 
# 
_refine.pdbx_refine_id                           'X-RAY DIFFRACTION' 
_refine.entry_id                                 3ZEJ 
_refine.pdbx_diffrn_id                           1 
_refine.pdbx_TLS_residual_ADP_flag               ? 
_refine.ls_number_reflns_obs                     39050 
_refine.ls_number_reflns_all                     ? 
_refine.pdbx_ls_sigma_I                          ? 
_refine.pdbx_ls_sigma_F                          3.04 
_refine.pdbx_data_cutoff_high_absF               ? 
_refine.pdbx_data_cutoff_low_absF                ? 
_refine.pdbx_data_cutoff_high_rms_absF           ? 
_refine.ls_d_res_low                             46.368 
_refine.ls_d_res_high                            1.550 
_refine.ls_percent_reflns_obs                    99.26 
_refine.ls_R_factor_obs                          0.1627 
_refine.ls_R_factor_all                          ? 
_refine.ls_R_factor_R_work                       0.1613 
_refine.ls_R_factor_R_free                       0.1880 
_refine.ls_R_factor_R_free_error                 ? 
_refine.ls_R_factor_R_free_error_details         ? 
_refine.ls_percent_reflns_R_free                 5.0 
_refine.ls_number_reflns_R_free                  1953 
_refine.ls_number_parameters                     ? 
_refine.ls_number_restraints                     ? 
_refine.occupancy_min                            ? 
_refine.occupancy_max                            ? 
_refine.correlation_coeff_Fo_to_Fc               ? 
_refine.correlation_coeff_Fo_to_Fc_free          ? 
_refine.B_iso_mean                               25.42 
_refine.aniso_B[1][1]                            ? 
_refine.aniso_B[2][2]                            ? 
_refine.aniso_B[3][3]                            ? 
_refine.aniso_B[1][2]                            ? 
_refine.aniso_B[1][3]                            ? 
_refine.aniso_B[2][3]                            ? 
_refine.solvent_model_details                    'FLAT BULK SOLVENT MODEL' 
_refine.solvent_model_param_ksol                 ? 
_refine.solvent_model_param_bsol                 ? 
_refine.pdbx_solvent_vdw_probe_radii             1.11 
_refine.pdbx_solvent_ion_probe_radii             ? 
_refine.pdbx_solvent_shrinkage_radii             0.90 
_refine.pdbx_ls_cross_valid_method               ? 
_refine.details                                  ? 
_refine.pdbx_starting_model                      'PDB ENTRY 1KWN' 
_refine.pdbx_method_to_determine_struct          'MOLECULAR REPLACEMENT' 
_refine.pdbx_isotropic_thermal_model             ? 
_refine.pdbx_stereochemistry_target_values       ML 
_refine.pdbx_stereochem_target_val_spec_case     ? 
_refine.pdbx_R_Free_selection_details            ? 
_refine.pdbx_overall_ESU_R                       ? 
_refine.pdbx_overall_ESU_R_Free                  ? 
_refine.overall_SU_ML                            0.10 
_refine.pdbx_overall_phase_error                 17.06 
_refine.overall_SU_B                             ? 
_refine.overall_SU_R_Cruickshank_DPI             ? 
_refine.pdbx_overall_SU_R_free_Cruickshank_DPI   ? 
_refine.pdbx_overall_SU_R_Blow_DPI               ? 
_refine.pdbx_overall_SU_R_free_Blow_DPI          ? 
# 
_refine_hist.pdbx_refine_id                   'X-RAY DIFFRACTION' 
_refine_hist.cycle_id                         LAST 
_refine_hist.pdbx_number_atoms_protein        1550 
_refine_hist.pdbx_number_atoms_nucleic_acid   0 
_refine_hist.pdbx_number_atoms_ligand         10 
_refine_hist.number_atoms_solvent             143 
_refine_hist.number_atoms_total               1703 
_refine_hist.d_res_high                       1.550 
_refine_hist.d_res_low                        46.368 
# 
loop_
_refine_ls_restr.type 
_refine_ls_restr.dev_ideal 
_refine_ls_restr.dev_ideal_target 
_refine_ls_restr.weight 
_refine_ls_restr.number 
_refine_ls_restr.pdbx_refine_id 
_refine_ls_restr.pdbx_restraint_function 
f_bond_d           0.006  ? ? 1611 'X-RAY DIFFRACTION' ? 
f_angle_d          1.069  ? ? 2173 'X-RAY DIFFRACTION' ? 
f_dihedral_angle_d 13.768 ? ? 586  'X-RAY DIFFRACTION' ? 
f_chiral_restr     0.075  ? ? 234  'X-RAY DIFFRACTION' ? 
f_plane_restr      0.004  ? ? 287  'X-RAY DIFFRACTION' ? 
# 
loop_
_refine_ls_shell.pdbx_refine_id 
_refine_ls_shell.pdbx_total_number_of_bins_used 
_refine_ls_shell.d_res_high 
_refine_ls_shell.d_res_low 
_refine_ls_shell.number_reflns_R_work 
_refine_ls_shell.R_factor_R_work 
_refine_ls_shell.percent_reflns_obs 
_refine_ls_shell.R_factor_R_free 
_refine_ls_shell.R_factor_R_free_error 
_refine_ls_shell.percent_reflns_R_free 
_refine_ls_shell.number_reflns_R_free 
_refine_ls_shell.number_reflns_all 
_refine_ls_shell.R_factor_all 
_refine_ls_shell.R_factor_obs 
_refine_ls_shell.number_reflns_obs 
'X-RAY DIFFRACTION' . 1.5499 1.5887  2613 0.2368 100.00 0.2452 . . 138 . . . . 
'X-RAY DIFFRACTION' . 1.5887 1.6316  2606 0.2125 100.00 0.2257 . . 137 . . . . 
'X-RAY DIFFRACTION' . 1.6316 1.6796  2610 0.1939 100.00 0.2375 . . 138 . . . . 
'X-RAY DIFFRACTION' . 1.6796 1.7339  2610 0.1858 100.00 0.2143 . . 137 . . . . 
'X-RAY DIFFRACTION' . 1.7339 1.7958  2604 0.1696 100.00 0.1993 . . 138 . . . . 
'X-RAY DIFFRACTION' . 1.7958 1.8677  2629 0.1673 100.00 0.2117 . . 136 . . . . 
'X-RAY DIFFRACTION' . 1.8677 1.9527  2665 0.1642 100.00 0.1838 . . 140 . . . . 
'X-RAY DIFFRACTION' . 1.9527 2.0557  2611 0.1562 100.00 0.1719 . . 138 . . . . 
'X-RAY DIFFRACTION' . 2.0557 2.1845  2674 0.1590 100.00 0.1874 . . 139 . . . . 
'X-RAY DIFFRACTION' . 2.1845 2.3531  2651 0.1620 100.00 0.1897 . . 140 . . . . 
'X-RAY DIFFRACTION' . 2.3531 2.5899  2662 0.1720 99.00  0.2120 . . 140 . . . . 
'X-RAY DIFFRACTION' . 2.5899 2.9647  2693 0.1736 99.00  0.2096 . . 143 . . . . 
'X-RAY DIFFRACTION' . 2.9647 3.7349  2695 0.1518 98.00  0.1889 . . 143 . . . . 
'X-RAY DIFFRACTION' . 3.7349 46.3888 2774 0.1370 95.00  0.1492 . . 146 . . . . 
# 
_struct.entry_id                  3ZEJ 
_struct.title                     'Thaumatin structure determined at room temperature by in-situ diffraction in ChipX' 
_struct.pdbx_model_details        ? 
_struct.pdbx_CASP_flag            ? 
_struct.pdbx_model_type_details   ? 
# 
_struct_keywords.entry_id        3ZEJ 
_struct_keywords.pdbx_keywords   'PLANT PROTEIN' 
_struct_keywords.text            'PLANT PROTEIN, MICROFLUIDIC CHIP' 
# 
loop_
_struct_asym.id 
_struct_asym.pdbx_blank_PDB_chainid_flag 
_struct_asym.pdbx_modified 
_struct_asym.entity_id 
_struct_asym.details 
A N N 1 ? 
B N N 2 ? 
C N N 3 ? 
# 
_struct_ref.id                         1 
_struct_ref.db_name                    UNP 
_struct_ref.db_code                    THM1_THADA 
_struct_ref.entity_id                  1 
_struct_ref.pdbx_seq_one_letter_code   ? 
_struct_ref.pdbx_align_begin           ? 
_struct_ref.pdbx_db_accession          P02883 
_struct_ref.pdbx_db_isoform            ? 
# 
_struct_ref_seq.align_id                      1 
_struct_ref_seq.ref_id                        1 
_struct_ref_seq.pdbx_PDB_id_code              3ZEJ 
_struct_ref_seq.pdbx_strand_id                A 
_struct_ref_seq.seq_align_beg                 1 
_struct_ref_seq.pdbx_seq_align_beg_ins_code   ? 
_struct_ref_seq.seq_align_end                 207 
_struct_ref_seq.pdbx_seq_align_end_ins_code   ? 
_struct_ref_seq.pdbx_db_accession             P02883 
_struct_ref_seq.db_align_beg                  1 
_struct_ref_seq.pdbx_db_align_beg_ins_code    ? 
_struct_ref_seq.db_align_end                  207 
_struct_ref_seq.pdbx_db_align_end_ins_code    ? 
_struct_ref_seq.pdbx_auth_seq_align_beg       1 
_struct_ref_seq.pdbx_auth_seq_align_end       207 
# 
_pdbx_struct_assembly.id                   1 
_pdbx_struct_assembly.details              author_and_software_defined_assembly 
_pdbx_struct_assembly.method_details       PISA 
_pdbx_struct_assembly.oligomeric_details   monomeric 
_pdbx_struct_assembly.oligomeric_count     1 
# 
_pdbx_struct_assembly_gen.assembly_id       1 
_pdbx_struct_assembly_gen.oper_expression   1 
_pdbx_struct_assembly_gen.asym_id_list      A,B,C 
# 
_pdbx_struct_oper_list.id                   1 
_pdbx_struct_oper_list.type                 'identity operation' 
_pdbx_struct_oper_list.name                 1_555 
_pdbx_struct_oper_list.symmetry_operation   x,y,z 
_pdbx_struct_oper_list.matrix[1][1]         1.0000000000 
_pdbx_struct_oper_list.matrix[1][2]         0.0000000000 
_pdbx_struct_oper_list.matrix[1][3]         0.0000000000 
_pdbx_struct_oper_list.vector[1]            0.0000000000 
_pdbx_struct_oper_list.matrix[2][1]         0.0000000000 
_pdbx_struct_oper_list.matrix[2][2]         1.0000000000 
_pdbx_struct_oper_list.matrix[2][3]         0.0000000000 
_pdbx_struct_oper_list.vector[2]            0.0000000000 
_pdbx_struct_oper_list.matrix[3][1]         0.0000000000 
_pdbx_struct_oper_list.matrix[3][2]         0.0000000000 
_pdbx_struct_oper_list.matrix[3][3]         1.0000000000 
_pdbx_struct_oper_list.vector[3]            0.0000000000 
# 
loop_
_struct_conf.conf_type_id 
_struct_conf.id 
_struct_conf.pdbx_PDB_helix_id 
_struct_conf.beg_label_comp_id 
_struct_conf.beg_label_asym_id 
_struct_conf.beg_label_seq_id 
_struct_conf.pdbx_beg_PDB_ins_code 
_struct_conf.end_label_comp_id 
_struct_conf.end_label_asym_id 
_struct_conf.end_label_seq_id 
_struct_conf.pdbx_end_PDB_ins_code 
_struct_conf.beg_auth_comp_id 
_struct_conf.beg_auth_asym_id 
_struct_conf.beg_auth_seq_id 
_struct_conf.end_auth_comp_id 
_struct_conf.end_auth_asym_id 
_struct_conf.end_auth_seq_id 
_struct_conf.pdbx_PDB_helix_class 
_struct_conf.details 
_struct_conf.pdbx_PDB_helix_length 
HELX_P HELX_P1 1 ASP A 129 ? CYS A 134 ? ASP A 129 CYS A 134 1 ? 6  
HELX_P HELX_P2 2 PRO A 135 ? LEU A 138 ? PRO A 135 LEU A 138 5 ? 4  
HELX_P HELX_P3 3 ASP A 147 ? GLN A 153 ? ASP A 147 GLN A 153 1 ? 7  
HELX_P HELX_P4 4 THR A 154 ? CYS A 159 ? THR A 154 CYS A 159 1 ? 6  
HELX_P HELX_P5 5 THR A 167 ? CYS A 177 ? THR A 167 CYS A 177 1 ? 11 
# 
_struct_conf_type.id          HELX_P 
_struct_conf_type.criteria    ? 
_struct_conf_type.reference   ? 
# 
loop_
_struct_conn.id 
_struct_conn.conn_type_id 
_struct_conn.pdbx_leaving_atom_flag 
_struct_conn.pdbx_PDB_id 
_struct_conn.ptnr1_label_asym_id 
_struct_conn.ptnr1_label_comp_id 
_struct_conn.ptnr1_label_seq_id 
_struct_conn.ptnr1_label_atom_id 
_struct_conn.pdbx_ptnr1_label_alt_id 
_struct_conn.pdbx_ptnr1_PDB_ins_code 
_struct_conn.pdbx_ptnr1_standard_comp_id 
_struct_conn.ptnr1_symmetry 
_struct_conn.ptnr2_label_asym_id 
_struct_conn.ptnr2_label_comp_id 
_struct_conn.ptnr2_label_seq_id 
_struct_conn.ptnr2_label_atom_id 
_struct_conn.pdbx_ptnr2_label_alt_id 
_struct_conn.pdbx_ptnr2_PDB_ins_code 
_struct_conn.ptnr1_auth_asym_id 
_struct_conn.ptnr1_auth_comp_id 
_struct_conn.ptnr1_auth_seq_id 
_struct_conn.ptnr2_auth_asym_id 
_struct_conn.ptnr2_auth_comp_id 
_struct_conn.ptnr2_auth_seq_id 
_struct_conn.ptnr2_symmetry 
_struct_conn.pdbx_ptnr3_label_atom_id 
_struct_conn.pdbx_ptnr3_label_seq_id 
_struct_conn.pdbx_ptnr3_label_comp_id 
_struct_conn.pdbx_ptnr3_label_asym_id 
_struct_conn.pdbx_ptnr3_label_alt_id 
_struct_conn.pdbx_ptnr3_PDB_ins_code 
_struct_conn.details 
_struct_conn.pdbx_dist_value 
_struct_conn.pdbx_value_order 
_struct_conn.pdbx_role 
disulf1 disulf ? ? A CYS 9   SG ? ? ? 1_555 A CYS 204 SG ? ? A CYS 9   A CYS 204 1_555 ? ? ? ? ? ? ? 2.023 ? ? 
disulf2 disulf ? ? A CYS 56  SG ? ? ? 1_555 A CYS 66  SG ? ? A CYS 56  A CYS 66  1_555 ? ? ? ? ? ? ? 2.030 ? ? 
disulf3 disulf ? ? A CYS 71  SG ? ? ? 1_555 A CYS 77  SG ? ? A CYS 71  A CYS 77  1_555 ? ? ? ? ? ? ? 2.032 ? ? 
disulf4 disulf ? ? A CYS 121 SG ? ? ? 1_555 A CYS 193 SG ? ? A CYS 121 A CYS 193 1_555 ? ? ? ? ? ? ? 2.034 ? ? 
disulf5 disulf ? ? A CYS 126 SG ? ? ? 1_555 A CYS 177 SG ? ? A CYS 126 A CYS 177 1_555 ? ? ? ? ? ? ? 2.027 ? ? 
disulf6 disulf ? ? A CYS 134 SG ? ? ? 1_555 A CYS 145 SG ? ? A CYS 134 A CYS 145 1_555 ? ? ? ? ? ? ? 2.026 ? ? 
disulf7 disulf ? ? A CYS 149 SG ? ? ? 1_555 A CYS 158 SG ? ? A CYS 149 A CYS 158 1_555 ? ? ? ? ? ? ? 2.027 ? ? 
disulf8 disulf ? ? A CYS 159 SG A ? ? 1_555 A CYS 164 SG ? ? A CYS 159 A CYS 164 1_555 ? ? ? ? ? ? ? 2.020 ? ? 
disulf9 disulf ? ? A CYS 159 SG B ? ? 1_555 A CYS 164 SG ? ? A CYS 159 A CYS 164 1_555 ? ? ? ? ? ? ? 2.027 ? ? 
# 
_struct_conn_type.id          disulf 
_struct_conn_type.criteria    ? 
_struct_conn_type.reference   ? 
# 
loop_
_pdbx_modification_feature.ordinal 
_pdbx_modification_feature.label_comp_id 
_pdbx_modification_feature.label_asym_id 
_pdbx_modification_feature.label_seq_id 
_pdbx_modification_feature.label_alt_id 
_pdbx_modification_feature.modified_residue_label_comp_id 
_pdbx_modification_feature.modified_residue_label_asym_id 
_pdbx_modification_feature.modified_residue_label_seq_id 
_pdbx_modification_feature.modified_residue_label_alt_id 
_pdbx_modification_feature.auth_comp_id 
_pdbx_modification_feature.auth_asym_id 
_pdbx_modification_feature.auth_seq_id 
_pdbx_modification_feature.PDB_ins_code 
_pdbx_modification_feature.symmetry 
_pdbx_modification_feature.modified_residue_auth_comp_id 
_pdbx_modification_feature.modified_residue_auth_asym_id 
_pdbx_modification_feature.modified_residue_auth_seq_id 
_pdbx_modification_feature.modified_residue_PDB_ins_code 
_pdbx_modification_feature.modified_residue_symmetry 
_pdbx_modification_feature.comp_id_linking_atom 
_pdbx_modification_feature.modified_residue_id_linking_atom 
_pdbx_modification_feature.modified_residue_id 
_pdbx_modification_feature.ref_pcm_id 
_pdbx_modification_feature.ref_comp_id 
_pdbx_modification_feature.type 
_pdbx_modification_feature.category 
1 CYS A 9   ? CYS A 204 ? CYS A 9   ? 1_555 CYS A 204 ? 1_555 SG SG . . . None 'Disulfide bridge' 
2 CYS A 56  ? CYS A 66  ? CYS A 56  ? 1_555 CYS A 66  ? 1_555 SG SG . . . None 'Disulfide bridge' 
3 CYS A 71  ? CYS A 77  ? CYS A 71  ? 1_555 CYS A 77  ? 1_555 SG SG . . . None 'Disulfide bridge' 
4 CYS A 121 ? CYS A 193 ? CYS A 121 ? 1_555 CYS A 193 ? 1_555 SG SG . . . None 'Disulfide bridge' 
5 CYS A 126 ? CYS A 177 ? CYS A 126 ? 1_555 CYS A 177 ? 1_555 SG SG . . . None 'Disulfide bridge' 
6 CYS A 134 ? CYS A 145 ? CYS A 134 ? 1_555 CYS A 145 ? 1_555 SG SG . . . None 'Disulfide bridge' 
7 CYS A 149 ? CYS A 158 ? CYS A 149 ? 1_555 CYS A 158 ? 1_555 SG SG . . . None 'Disulfide bridge' 
8 CYS A 159 A CYS A 164 ? CYS A 159 ? 1_555 CYS A 164 ? 1_555 SG SG . . . None 'Disulfide bridge' 
9 CYS A 159 B CYS A 164 ? CYS A 159 ? 1_555 CYS A 164 ? 1_555 SG SG . . . None 'Disulfide bridge' 
# 
_struct_mon_prot_cis.pdbx_id                1 
_struct_mon_prot_cis.label_comp_id          PRO 
_struct_mon_prot_cis.label_seq_id           83 
_struct_mon_prot_cis.label_asym_id          A 
_struct_mon_prot_cis.label_alt_id           . 
_struct_mon_prot_cis.pdbx_PDB_ins_code      ? 
_struct_mon_prot_cis.auth_comp_id           PRO 
_struct_mon_prot_cis.auth_seq_id            83 
_struct_mon_prot_cis.auth_asym_id           A 
_struct_mon_prot_cis.pdbx_label_comp_id_2   PRO 
_struct_mon_prot_cis.pdbx_label_seq_id_2    84 
_struct_mon_prot_cis.pdbx_label_asym_id_2   A 
_struct_mon_prot_cis.pdbx_PDB_ins_code_2    ? 
_struct_mon_prot_cis.pdbx_auth_comp_id_2    PRO 
_struct_mon_prot_cis.pdbx_auth_seq_id_2     84 
_struct_mon_prot_cis.pdbx_auth_asym_id_2    A 
_struct_mon_prot_cis.pdbx_PDB_model_num     1 
_struct_mon_prot_cis.pdbx_omega_angle       4.68 
# 
loop_
_struct_sheet.id 
_struct_sheet.type 
_struct_sheet.number_strands 
_struct_sheet.details 
AA ? 5 ? 
AB ? 4 ? 
AC ? 6 ? 
AD ? 6 ? 
AE ? 2 ? 
AF ? 2 ? 
# 
loop_
_struct_sheet_order.sheet_id 
_struct_sheet_order.range_id_1 
_struct_sheet_order.range_id_2 
_struct_sheet_order.offset 
_struct_sheet_order.sense 
AA 1 2 ? anti-parallel 
AA 2 3 ? parallel      
AA 3 4 ? anti-parallel 
AA 4 5 ? anti-parallel 
AB 1 2 ? anti-parallel 
AB 2 3 ? anti-parallel 
AB 3 4 ? anti-parallel 
AC 1 2 ? anti-parallel 
AC 2 3 ? anti-parallel 
AC 3 4 ? anti-parallel 
AC 4 5 ? anti-parallel 
AC 5 6 ? anti-parallel 
AD 1 2 ? anti-parallel 
AD 2 3 ? anti-parallel 
AD 3 4 ? anti-parallel 
AD 4 5 ? anti-parallel 
AD 5 6 ? anti-parallel 
AE 1 2 ? anti-parallel 
AF 1 2 ? anti-parallel 
# 
loop_
_struct_sheet_range.sheet_id 
_struct_sheet_range.id 
_struct_sheet_range.beg_label_comp_id 
_struct_sheet_range.beg_label_asym_id 
_struct_sheet_range.beg_label_seq_id 
_struct_sheet_range.pdbx_beg_PDB_ins_code 
_struct_sheet_range.end_label_comp_id 
_struct_sheet_range.end_label_asym_id 
_struct_sheet_range.end_label_seq_id 
_struct_sheet_range.pdbx_end_PDB_ins_code 
_struct_sheet_range.beg_auth_comp_id 
_struct_sheet_range.beg_auth_asym_id 
_struct_sheet_range.beg_auth_seq_id 
_struct_sheet_range.end_auth_comp_id 
_struct_sheet_range.end_auth_asym_id 
_struct_sheet_range.end_auth_seq_id 
AA 1 SER A 36  ? ASN A 40  ? SER A 36  ASN A 40  
AA 2 THR A 2   ? ASN A 7   ? THR A 2   ASN A 7   
AA 3 TYR A 199 ? PHE A 203 ? TYR A 199 PHE A 203 
AA 4 MET A 112 ? PRO A 116 ? MET A 112 PRO A 116 
AA 5 VAL A 124 ? CYS A 126 ? VAL A 124 CYS A 126 
AB 1 ALA A 23  ? LEU A 31  ? ALA A 23  LEU A 31  
AB 2 VAL A 13  ? SER A 18  ? VAL A 13  SER A 18  
AB 3 GLY A 48  ? PHE A 58  ? GLY A 48  PHE A 58  
AB 4 GLY A 64  ? THR A 68  ? GLY A 64  THR A 68  
AC 1 ALA A 23  ? LEU A 31  ? ALA A 23  LEU A 31  
AC 2 VAL A 13  ? SER A 18  ? VAL A 13  SER A 18  
AC 3 GLY A 48  ? PHE A 58  ? GLY A 48  PHE A 58  
AC 4 LEU A 87  ? GLN A 94  ? LEU A 87  GLN A 94  
AC 5 LYS A 97  ? SER A 103 ? LYS A 97  SER A 103 
AC 6 ALA A 180 ? PHE A 181 ? ALA A 180 PHE A 181 
AD 1 ALA A 23  ? LEU A 31  ? ALA A 23  LEU A 31  
AD 2 VAL A 13  ? SER A 18  ? VAL A 13  SER A 18  
AD 3 GLY A 48  ? PHE A 58  ? GLY A 48  PHE A 58  
AD 4 LEU A 87  ? GLN A 94  ? LEU A 87  GLN A 94  
AD 5 LYS A 97  ? SER A 103 ? LYS A 97  SER A 103 
AD 6 VAL A 191 ? PRO A 194 ? VAL A 191 PRO A 194 
AE 1 GLY A 64  ? THR A 68  ? GLY A 64  THR A 68  
AE 2 GLY A 48  ? PHE A 58  ? GLY A 48  PHE A 58  
AF 1 ALA A 180 ? PHE A 181 ? ALA A 180 PHE A 181 
AF 2 LYS A 97  ? SER A 103 ? LYS A 97  SER A 103 
# 
loop_
_pdbx_struct_sheet_hbond.sheet_id 
_pdbx_struct_sheet_hbond.range_id_1 
_pdbx_struct_sheet_hbond.range_id_2 
_pdbx_struct_sheet_hbond.range_1_label_atom_id 
_pdbx_struct_sheet_hbond.range_1_label_comp_id 
_pdbx_struct_sheet_hbond.range_1_label_asym_id 
_pdbx_struct_sheet_hbond.range_1_label_seq_id 
_pdbx_struct_sheet_hbond.range_1_PDB_ins_code 
_pdbx_struct_sheet_hbond.range_1_auth_atom_id 
_pdbx_struct_sheet_hbond.range_1_auth_comp_id 
_pdbx_struct_sheet_hbond.range_1_auth_asym_id 
_pdbx_struct_sheet_hbond.range_1_auth_seq_id 
_pdbx_struct_sheet_hbond.range_2_label_atom_id 
_pdbx_struct_sheet_hbond.range_2_label_comp_id 
_pdbx_struct_sheet_hbond.range_2_label_asym_id 
_pdbx_struct_sheet_hbond.range_2_label_seq_id 
_pdbx_struct_sheet_hbond.range_2_PDB_ins_code 
_pdbx_struct_sheet_hbond.range_2_auth_atom_id 
_pdbx_struct_sheet_hbond.range_2_auth_comp_id 
_pdbx_struct_sheet_hbond.range_2_auth_asym_id 
_pdbx_struct_sheet_hbond.range_2_auth_seq_id 
AA 1 2 N ILE A 39  ? N ILE A 39  O PHE A 3   ? O PHE A 3   
AA 2 3 N GLU A 4   ? N GLU A 4   O TYR A 199 ? O TYR A 199 
AA 3 4 N THR A 202 ? N THR A 202 O ASN A 113 ? O ASN A 113 
AA 4 5 N PHE A 114 ? N PHE A 114 O VAL A 124 ? O VAL A 124 
AB 1 2 N LEU A 31  ? N LEU A 31  O VAL A 13  ? O VAL A 13  
AB 2 3 N SER A 18  ? N SER A 18  O LYS A 49  ? O LYS A 49  
AB 3 4 N TYR A 57  ? N TYR A 57  O ILE A 65  ? O ILE A 65  
AC 1 2 N LEU A 31  ? N LEU A 31  O VAL A 13  ? O VAL A 13  
AC 2 3 N SER A 18  ? N SER A 18  O LYS A 49  ? O LYS A 49  
AC 3 4 N ILE A 50  ? N ILE A 50  O ALA A 88  ? O ALA A 88  
AC 4 5 N GLN A 94  ? N GLN A 94  O LYS A 97  ? O LYS A 97  
AC 5 6 O ILE A 102 ? O ILE A 102 N PHE A 181 ? N PHE A 181 
AD 1 2 N LEU A 31  ? N LEU A 31  O VAL A 13  ? O VAL A 13  
AD 2 3 N SER A 18  ? N SER A 18  O LYS A 49  ? O LYS A 49  
AD 3 4 N ILE A 50  ? N ILE A 50  O ALA A 88  ? O ALA A 88  
AD 4 5 N GLN A 94  ? N GLN A 94  O LYS A 97  ? O LYS A 97  
AD 5 6 N ILE A 100 ? N ILE A 100 O VAL A 191 ? O VAL A 191 
AE 1 2 N LYS A 67  ? N LYS A 67  O THR A 54  ? O THR A 54  
AF 1 2 N PHE A 181 ? N PHE A 181 O ILE A 102 ? O ILE A 102 
# 
_struct_site.id                   AC1 
_struct_site.pdbx_evidence_code   Software 
_struct_site.pdbx_auth_asym_id    A 
_struct_site.pdbx_auth_comp_id    TLA 
_struct_site.pdbx_auth_seq_id     1208 
_struct_site.pdbx_auth_ins_code   ? 
_struct_site.pdbx_num_residues    7 
_struct_site.details              'BINDING SITE FOR RESIDUE TLA A 1208' 
# 
loop_
_struct_site_gen.id 
_struct_site_gen.site_id 
_struct_site_gen.pdbx_num_res 
_struct_site_gen.label_comp_id 
_struct_site_gen.label_asym_id 
_struct_site_gen.label_seq_id 
_struct_site_gen.pdbx_auth_ins_code 
_struct_site_gen.auth_comp_id 
_struct_site_gen.auth_asym_id 
_struct_site_gen.auth_seq_id 
_struct_site_gen.label_atom_id 
_struct_site_gen.label_alt_id 
_struct_site_gen.symmetry 
_struct_site_gen.details 
1 AC1 7 ARG A 29  ? ARG A 29   . ? 3_555 ? 
2 AC1 7 GLU A 35  ? GLU A 35   . ? 3_555 ? 
3 AC1 7 SER A 36  ? SER A 36   . ? 3_555 ? 
4 AC1 7 TYR A 157 ? TYR A 157  . ? 1_555 ? 
5 AC1 7 HOH C .   ? HOH A 2026 . ? 3_555 ? 
6 AC1 7 HOH C .   ? HOH A 2102 . ? 1_555 ? 
7 AC1 7 HOH C .   ? HOH A 2106 . ? 1_555 ? 
# 
_pdbx_entry_details.entry_id                   3ZEJ 
_pdbx_entry_details.compound_details           ? 
_pdbx_entry_details.source_details             ? 
_pdbx_entry_details.nonpolymer_details         ? 
_pdbx_entry_details.sequence_details           ? 
_pdbx_entry_details.has_ligand_of_interest     ? 
_pdbx_entry_details.has_protein_modification   Y 
# 
loop_
_pdbx_validate_close_contact.id 
_pdbx_validate_close_contact.PDB_model_num 
_pdbx_validate_close_contact.auth_atom_id_1 
_pdbx_validate_close_contact.auth_asym_id_1 
_pdbx_validate_close_contact.auth_comp_id_1 
_pdbx_validate_close_contact.auth_seq_id_1 
_pdbx_validate_close_contact.PDB_ins_code_1 
_pdbx_validate_close_contact.label_alt_id_1 
_pdbx_validate_close_contact.auth_atom_id_2 
_pdbx_validate_close_contact.auth_asym_id_2 
_pdbx_validate_close_contact.auth_comp_id_2 
_pdbx_validate_close_contact.auth_seq_id_2 
_pdbx_validate_close_contact.PDB_ins_code_2 
_pdbx_validate_close_contact.label_alt_id_2 
_pdbx_validate_close_contact.dist 
1 1 O A HOH 2128 ? ? O A HOH 2129 ? ? 1.98 
2 1 O A HOH 2100 ? ? O A HOH 2132 ? ? 2.05 
3 1 O A HOH 2104 ? ? O A HOH 2105 ? ? 2.10 
# 
loop_
_pdbx_validate_torsion.id 
_pdbx_validate_torsion.PDB_model_num 
_pdbx_validate_torsion.auth_comp_id 
_pdbx_validate_torsion.auth_asym_id 
_pdbx_validate_torsion.auth_seq_id 
_pdbx_validate_torsion.PDB_ins_code 
_pdbx_validate_torsion.label_alt_id 
_pdbx_validate_torsion.phi 
_pdbx_validate_torsion.psi 
1 1 ASP A 25 ? ? 53.89   -136.24 
2 1 CYS A 71 ? ? -114.15 74.36   
# 
loop_
_chem_comp_atom.comp_id 
_chem_comp_atom.atom_id 
_chem_comp_atom.type_symbol 
_chem_comp_atom.pdbx_aromatic_flag 
_chem_comp_atom.pdbx_stereo_config 
_chem_comp_atom.pdbx_ordinal 
ALA N    N N N 1   
ALA CA   C N S 2   
ALA C    C N N 3   
ALA O    O N N 4   
ALA CB   C N N 5   
ALA OXT  O N N 6   
ALA H    H N N 7   
ALA H2   H N N 8   
ALA HA   H N N 9   
ALA HB1  H N N 10  
ALA HB2  H N N 11  
ALA HB3  H N N 12  
ALA HXT  H N N 13  
ARG N    N N N 14  
ARG CA   C N S 15  
ARG C    C N N 16  
ARG O    O N N 17  
ARG CB   C N N 18  
ARG CG   C N N 19  
ARG CD   C N N 20  
ARG NE   N N N 21  
ARG CZ   C N N 22  
ARG NH1  N N N 23  
ARG NH2  N N N 24  
ARG OXT  O N N 25  
ARG H    H N N 26  
ARG H2   H N N 27  
ARG HA   H N N 28  
ARG HB2  H N N 29  
ARG HB3  H N N 30  
ARG HG2  H N N 31  
ARG HG3  H N N 32  
ARG HD2  H N N 33  
ARG HD3  H N N 34  
ARG HE   H N N 35  
ARG HH11 H N N 36  
ARG HH12 H N N 37  
ARG HH21 H N N 38  
ARG HH22 H N N 39  
ARG HXT  H N N 40  
ASN N    N N N 41  
ASN CA   C N S 42  
ASN C    C N N 43  
ASN O    O N N 44  
ASN CB   C N N 45  
ASN CG   C N N 46  
ASN OD1  O N N 47  
ASN ND2  N N N 48  
ASN OXT  O N N 49  
ASN H    H N N 50  
ASN H2   H N N 51  
ASN HA   H N N 52  
ASN HB2  H N N 53  
ASN HB3  H N N 54  
ASN HD21 H N N 55  
ASN HD22 H N N 56  
ASN HXT  H N N 57  
ASP N    N N N 58  
ASP CA   C N S 59  
ASP C    C N N 60  
ASP O    O N N 61  
ASP CB   C N N 62  
ASP CG   C N N 63  
ASP OD1  O N N 64  
ASP OD2  O N N 65  
ASP OXT  O N N 66  
ASP H    H N N 67  
ASP H2   H N N 68  
ASP HA   H N N 69  
ASP HB2  H N N 70  
ASP HB3  H N N 71  
ASP HD2  H N N 72  
ASP HXT  H N N 73  
CYS N    N N N 74  
CYS CA   C N R 75  
CYS C    C N N 76  
CYS O    O N N 77  
CYS CB   C N N 78  
CYS SG   S N N 79  
CYS OXT  O N N 80  
CYS H    H N N 81  
CYS H2   H N N 82  
CYS HA   H N N 83  
CYS HB2  H N N 84  
CYS HB3  H N N 85  
CYS HG   H N N 86  
CYS HXT  H N N 87  
GLN N    N N N 88  
GLN CA   C N S 89  
GLN C    C N N 90  
GLN O    O N N 91  
GLN CB   C N N 92  
GLN CG   C N N 93  
GLN CD   C N N 94  
GLN OE1  O N N 95  
GLN NE2  N N N 96  
GLN OXT  O N N 97  
GLN H    H N N 98  
GLN H2   H N N 99  
GLN HA   H N N 100 
GLN HB2  H N N 101 
GLN HB3  H N N 102 
GLN HG2  H N N 103 
GLN HG3  H N N 104 
GLN HE21 H N N 105 
GLN HE22 H N N 106 
GLN HXT  H N N 107 
GLU N    N N N 108 
GLU CA   C N S 109 
GLU C    C N N 110 
GLU O    O N N 111 
GLU CB   C N N 112 
GLU CG   C N N 113 
GLU CD   C N N 114 
GLU OE1  O N N 115 
GLU OE2  O N N 116 
GLU OXT  O N N 117 
GLU H    H N N 118 
GLU H2   H N N 119 
GLU HA   H N N 120 
GLU HB2  H N N 121 
GLU HB3  H N N 122 
GLU HG2  H N N 123 
GLU HG3  H N N 124 
GLU HE2  H N N 125 
GLU HXT  H N N 126 
GLY N    N N N 127 
GLY CA   C N N 128 
GLY C    C N N 129 
GLY O    O N N 130 
GLY OXT  O N N 131 
GLY H    H N N 132 
GLY H2   H N N 133 
GLY HA2  H N N 134 
GLY HA3  H N N 135 
GLY HXT  H N N 136 
HOH O    O N N 137 
HOH H1   H N N 138 
HOH H2   H N N 139 
ILE N    N N N 140 
ILE CA   C N S 141 
ILE C    C N N 142 
ILE O    O N N 143 
ILE CB   C N S 144 
ILE CG1  C N N 145 
ILE CG2  C N N 146 
ILE CD1  C N N 147 
ILE OXT  O N N 148 
ILE H    H N N 149 
ILE H2   H N N 150 
ILE HA   H N N 151 
ILE HB   H N N 152 
ILE HG12 H N N 153 
ILE HG13 H N N 154 
ILE HG21 H N N 155 
ILE HG22 H N N 156 
ILE HG23 H N N 157 
ILE HD11 H N N 158 
ILE HD12 H N N 159 
ILE HD13 H N N 160 
ILE HXT  H N N 161 
LEU N    N N N 162 
LEU CA   C N S 163 
LEU C    C N N 164 
LEU O    O N N 165 
LEU CB   C N N 166 
LEU CG   C N N 167 
LEU CD1  C N N 168 
LEU CD2  C N N 169 
LEU OXT  O N N 170 
LEU H    H N N 171 
LEU H2   H N N 172 
LEU HA   H N N 173 
LEU HB2  H N N 174 
LEU HB3  H N N 175 
LEU HG   H N N 176 
LEU HD11 H N N 177 
LEU HD12 H N N 178 
LEU HD13 H N N 179 
LEU HD21 H N N 180 
LEU HD22 H N N 181 
LEU HD23 H N N 182 
LEU HXT  H N N 183 
LYS N    N N N 184 
LYS CA   C N S 185 
LYS C    C N N 186 
LYS O    O N N 187 
LYS CB   C N N 188 
LYS CG   C N N 189 
LYS CD   C N N 190 
LYS CE   C N N 191 
LYS NZ   N N N 192 
LYS OXT  O N N 193 
LYS H    H N N 194 
LYS H2   H N N 195 
LYS HA   H N N 196 
LYS HB2  H N N 197 
LYS HB3  H N N 198 
LYS HG2  H N N 199 
LYS HG3  H N N 200 
LYS HD2  H N N 201 
LYS HD3  H N N 202 
LYS HE2  H N N 203 
LYS HE3  H N N 204 
LYS HZ1  H N N 205 
LYS HZ2  H N N 206 
LYS HZ3  H N N 207 
LYS HXT  H N N 208 
MET N    N N N 209 
MET CA   C N S 210 
MET C    C N N 211 
MET O    O N N 212 
MET CB   C N N 213 
MET CG   C N N 214 
MET SD   S N N 215 
MET CE   C N N 216 
MET OXT  O N N 217 
MET H    H N N 218 
MET H2   H N N 219 
MET HA   H N N 220 
MET HB2  H N N 221 
MET HB3  H N N 222 
MET HG2  H N N 223 
MET HG3  H N N 224 
MET HE1  H N N 225 
MET HE2  H N N 226 
MET HE3  H N N 227 
MET HXT  H N N 228 
PHE N    N N N 229 
PHE CA   C N S 230 
PHE C    C N N 231 
PHE O    O N N 232 
PHE CB   C N N 233 
PHE CG   C Y N 234 
PHE CD1  C Y N 235 
PHE CD2  C Y N 236 
PHE CE1  C Y N 237 
PHE CE2  C Y N 238 
PHE CZ   C Y N 239 
PHE OXT  O N N 240 
PHE H    H N N 241 
PHE H2   H N N 242 
PHE HA   H N N 243 
PHE HB2  H N N 244 
PHE HB3  H N N 245 
PHE HD1  H N N 246 
PHE HD2  H N N 247 
PHE HE1  H N N 248 
PHE HE2  H N N 249 
PHE HZ   H N N 250 
PHE HXT  H N N 251 
PRO N    N N N 252 
PRO CA   C N S 253 
PRO C    C N N 254 
PRO O    O N N 255 
PRO CB   C N N 256 
PRO CG   C N N 257 
PRO CD   C N N 258 
PRO OXT  O N N 259 
PRO H    H N N 260 
PRO HA   H N N 261 
PRO HB2  H N N 262 
PRO HB3  H N N 263 
PRO HG2  H N N 264 
PRO HG3  H N N 265 
PRO HD2  H N N 266 
PRO HD3  H N N 267 
PRO HXT  H N N 268 
SER N    N N N 269 
SER CA   C N S 270 
SER C    C N N 271 
SER O    O N N 272 
SER CB   C N N 273 
SER OG   O N N 274 
SER OXT  O N N 275 
SER H    H N N 276 
SER H2   H N N 277 
SER HA   H N N 278 
SER HB2  H N N 279 
SER HB3  H N N 280 
SER HG   H N N 281 
SER HXT  H N N 282 
THR N    N N N 283 
THR CA   C N S 284 
THR C    C N N 285 
THR O    O N N 286 
THR CB   C N R 287 
THR OG1  O N N 288 
THR CG2  C N N 289 
THR OXT  O N N 290 
THR H    H N N 291 
THR H2   H N N 292 
THR HA   H N N 293 
THR HB   H N N 294 
THR HG1  H N N 295 
THR HG21 H N N 296 
THR HG22 H N N 297 
THR HG23 H N N 298 
THR HXT  H N N 299 
TLA O1   O N N 300 
TLA O11  O N N 301 
TLA C1   C N N 302 
TLA C2   C N R 303 
TLA O2   O N N 304 
TLA C3   C N R 305 
TLA O3   O N N 306 
TLA C4   C N N 307 
TLA O4   O N N 308 
TLA O41  O N N 309 
TLA H11  H N N 310 
TLA H2   H N N 311 
TLA HA   H N N 312 
TLA H3   H N N 313 
TLA HB   H N N 314 
TLA H41  H N N 315 
TRP N    N N N 316 
TRP CA   C N S 317 
TRP C    C N N 318 
TRP O    O N N 319 
TRP CB   C N N 320 
TRP CG   C Y N 321 
TRP CD1  C Y N 322 
TRP CD2  C Y N 323 
TRP NE1  N Y N 324 
TRP CE2  C Y N 325 
TRP CE3  C Y N 326 
TRP CZ2  C Y N 327 
TRP CZ3  C Y N 328 
TRP CH2  C Y N 329 
TRP OXT  O N N 330 
TRP H    H N N 331 
TRP H2   H N N 332 
TRP HA   H N N 333 
TRP HB2  H N N 334 
TRP HB3  H N N 335 
TRP HD1  H N N 336 
TRP HE1  H N N 337 
TRP HE3  H N N 338 
TRP HZ2  H N N 339 
TRP HZ3  H N N 340 
TRP HH2  H N N 341 
TRP HXT  H N N 342 
TYR N    N N N 343 
TYR CA   C N S 344 
TYR C    C N N 345 
TYR O    O N N 346 
TYR CB   C N N 347 
TYR CG   C Y N 348 
TYR CD1  C Y N 349 
TYR CD2  C Y N 350 
TYR CE1  C Y N 351 
TYR CE2  C Y N 352 
TYR CZ   C Y N 353 
TYR OH   O N N 354 
TYR OXT  O N N 355 
TYR H    H N N 356 
TYR H2   H N N 357 
TYR HA   H N N 358 
TYR HB2  H N N 359 
TYR HB3  H N N 360 
TYR HD1  H N N 361 
TYR HD2  H N N 362 
TYR HE1  H N N 363 
TYR HE2  H N N 364 
TYR HH   H N N 365 
TYR HXT  H N N 366 
VAL N    N N N 367 
VAL CA   C N S 368 
VAL C    C N N 369 
VAL O    O N N 370 
VAL CB   C N N 371 
VAL CG1  C N N 372 
VAL CG2  C N N 373 
VAL OXT  O N N 374 
VAL H    H N N 375 
VAL H2   H N N 376 
VAL HA   H N N 377 
VAL HB   H N N 378 
VAL HG11 H N N 379 
VAL HG12 H N N 380 
VAL HG13 H N N 381 
VAL HG21 H N N 382 
VAL HG22 H N N 383 
VAL HG23 H N N 384 
VAL HXT  H N N 385 
# 
loop_
_chem_comp_bond.comp_id 
_chem_comp_bond.atom_id_1 
_chem_comp_bond.atom_id_2 
_chem_comp_bond.value_order 
_chem_comp_bond.pdbx_aromatic_flag 
_chem_comp_bond.pdbx_stereo_config 
_chem_comp_bond.pdbx_ordinal 
ALA N   CA   sing N N 1   
ALA N   H    sing N N 2   
ALA N   H2   sing N N 3   
ALA CA  C    sing N N 4   
ALA CA  CB   sing N N 5   
ALA CA  HA   sing N N 6   
ALA C   O    doub N N 7   
ALA C   OXT  sing N N 8   
ALA CB  HB1  sing N N 9   
ALA CB  HB2  sing N N 10  
ALA CB  HB3  sing N N 11  
ALA OXT HXT  sing N N 12  
ARG N   CA   sing N N 13  
ARG N   H    sing N N 14  
ARG N   H2   sing N N 15  
ARG CA  C    sing N N 16  
ARG CA  CB   sing N N 17  
ARG CA  HA   sing N N 18  
ARG C   O    doub N N 19  
ARG C   OXT  sing N N 20  
ARG CB  CG   sing N N 21  
ARG CB  HB2  sing N N 22  
ARG CB  HB3  sing N N 23  
ARG CG  CD   sing N N 24  
ARG CG  HG2  sing N N 25  
ARG CG  HG3  sing N N 26  
ARG CD  NE   sing N N 27  
ARG CD  HD2  sing N N 28  
ARG CD  HD3  sing N N 29  
ARG NE  CZ   sing N N 30  
ARG NE  HE   sing N N 31  
ARG CZ  NH1  sing N N 32  
ARG CZ  NH2  doub N N 33  
ARG NH1 HH11 sing N N 34  
ARG NH1 HH12 sing N N 35  
ARG NH2 HH21 sing N N 36  
ARG NH2 HH22 sing N N 37  
ARG OXT HXT  sing N N 38  
ASN N   CA   sing N N 39  
ASN N   H    sing N N 40  
ASN N   H2   sing N N 41  
ASN CA  C    sing N N 42  
ASN CA  CB   sing N N 43  
ASN CA  HA   sing N N 44  
ASN C   O    doub N N 45  
ASN C   OXT  sing N N 46  
ASN CB  CG   sing N N 47  
ASN CB  HB2  sing N N 48  
ASN CB  HB3  sing N N 49  
ASN CG  OD1  doub N N 50  
ASN CG  ND2  sing N N 51  
ASN ND2 HD21 sing N N 52  
ASN ND2 HD22 sing N N 53  
ASN OXT HXT  sing N N 54  
ASP N   CA   sing N N 55  
ASP N   H    sing N N 56  
ASP N   H2   sing N N 57  
ASP CA  C    sing N N 58  
ASP CA  CB   sing N N 59  
ASP CA  HA   sing N N 60  
ASP C   O    doub N N 61  
ASP C   OXT  sing N N 62  
ASP CB  CG   sing N N 63  
ASP CB  HB2  sing N N 64  
ASP CB  HB3  sing N N 65  
ASP CG  OD1  doub N N 66  
ASP CG  OD2  sing N N 67  
ASP OD2 HD2  sing N N 68  
ASP OXT HXT  sing N N 69  
CYS N   CA   sing N N 70  
CYS N   H    sing N N 71  
CYS N   H2   sing N N 72  
CYS CA  C    sing N N 73  
CYS CA  CB   sing N N 74  
CYS CA  HA   sing N N 75  
CYS C   O    doub N N 76  
CYS C   OXT  sing N N 77  
CYS CB  SG   sing N N 78  
CYS CB  HB2  sing N N 79  
CYS CB  HB3  sing N N 80  
CYS SG  HG   sing N N 81  
CYS OXT HXT  sing N N 82  
GLN N   CA   sing N N 83  
GLN N   H    sing N N 84  
GLN N   H2   sing N N 85  
GLN CA  C    sing N N 86  
GLN CA  CB   sing N N 87  
GLN CA  HA   sing N N 88  
GLN C   O    doub N N 89  
GLN C   OXT  sing N N 90  
GLN CB  CG   sing N N 91  
GLN CB  HB2  sing N N 92  
GLN CB  HB3  sing N N 93  
GLN CG  CD   sing N N 94  
GLN CG  HG2  sing N N 95  
GLN CG  HG3  sing N N 96  
GLN CD  OE1  doub N N 97  
GLN CD  NE2  sing N N 98  
GLN NE2 HE21 sing N N 99  
GLN NE2 HE22 sing N N 100 
GLN OXT HXT  sing N N 101 
GLU N   CA   sing N N 102 
GLU N   H    sing N N 103 
GLU N   H2   sing N N 104 
GLU CA  C    sing N N 105 
GLU CA  CB   sing N N 106 
GLU CA  HA   sing N N 107 
GLU C   O    doub N N 108 
GLU C   OXT  sing N N 109 
GLU CB  CG   sing N N 110 
GLU CB  HB2  sing N N 111 
GLU CB  HB3  sing N N 112 
GLU CG  CD   sing N N 113 
GLU CG  HG2  sing N N 114 
GLU CG  HG3  sing N N 115 
GLU CD  OE1  doub N N 116 
GLU CD  OE2  sing N N 117 
GLU OE2 HE2  sing N N 118 
GLU OXT HXT  sing N N 119 
GLY N   CA   sing N N 120 
GLY N   H    sing N N 121 
GLY N   H2   sing N N 122 
GLY CA  C    sing N N 123 
GLY CA  HA2  sing N N 124 
GLY CA  HA3  sing N N 125 
GLY C   O    doub N N 126 
GLY C   OXT  sing N N 127 
GLY OXT HXT  sing N N 128 
HOH O   H1   sing N N 129 
HOH O   H2   sing N N 130 
ILE N   CA   sing N N 131 
ILE N   H    sing N N 132 
ILE N   H2   sing N N 133 
ILE CA  C    sing N N 134 
ILE CA  CB   sing N N 135 
ILE CA  HA   sing N N 136 
ILE C   O    doub N N 137 
ILE C   OXT  sing N N 138 
ILE CB  CG1  sing N N 139 
ILE CB  CG2  sing N N 140 
ILE CB  HB   sing N N 141 
ILE CG1 CD1  sing N N 142 
ILE CG1 HG12 sing N N 143 
ILE CG1 HG13 sing N N 144 
ILE CG2 HG21 sing N N 145 
ILE CG2 HG22 sing N N 146 
ILE CG2 HG23 sing N N 147 
ILE CD1 HD11 sing N N 148 
ILE CD1 HD12 sing N N 149 
ILE CD1 HD13 sing N N 150 
ILE OXT HXT  sing N N 151 
LEU N   CA   sing N N 152 
LEU N   H    sing N N 153 
LEU N   H2   sing N N 154 
LEU CA  C    sing N N 155 
LEU CA  CB   sing N N 156 
LEU CA  HA   sing N N 157 
LEU C   O    doub N N 158 
LEU C   OXT  sing N N 159 
LEU CB  CG   sing N N 160 
LEU CB  HB2  sing N N 161 
LEU CB  HB3  sing N N 162 
LEU CG  CD1  sing N N 163 
LEU CG  CD2  sing N N 164 
LEU CG  HG   sing N N 165 
LEU CD1 HD11 sing N N 166 
LEU CD1 HD12 sing N N 167 
LEU CD1 HD13 sing N N 168 
LEU CD2 HD21 sing N N 169 
LEU CD2 HD22 sing N N 170 
LEU CD2 HD23 sing N N 171 
LEU OXT HXT  sing N N 172 
LYS N   CA   sing N N 173 
LYS N   H    sing N N 174 
LYS N   H2   sing N N 175 
LYS CA  C    sing N N 176 
LYS CA  CB   sing N N 177 
LYS CA  HA   sing N N 178 
LYS C   O    doub N N 179 
LYS C   OXT  sing N N 180 
LYS CB  CG   sing N N 181 
LYS CB  HB2  sing N N 182 
LYS CB  HB3  sing N N 183 
LYS CG  CD   sing N N 184 
LYS CG  HG2  sing N N 185 
LYS CG  HG3  sing N N 186 
LYS CD  CE   sing N N 187 
LYS CD  HD2  sing N N 188 
LYS CD  HD3  sing N N 189 
LYS CE  NZ   sing N N 190 
LYS CE  HE2  sing N N 191 
LYS CE  HE3  sing N N 192 
LYS NZ  HZ1  sing N N 193 
LYS NZ  HZ2  sing N N 194 
LYS NZ  HZ3  sing N N 195 
LYS OXT HXT  sing N N 196 
MET N   CA   sing N N 197 
MET N   H    sing N N 198 
MET N   H2   sing N N 199 
MET CA  C    sing N N 200 
MET CA  CB   sing N N 201 
MET CA  HA   sing N N 202 
MET C   O    doub N N 203 
MET C   OXT  sing N N 204 
MET CB  CG   sing N N 205 
MET CB  HB2  sing N N 206 
MET CB  HB3  sing N N 207 
MET CG  SD   sing N N 208 
MET CG  HG2  sing N N 209 
MET CG  HG3  sing N N 210 
MET SD  CE   sing N N 211 
MET CE  HE1  sing N N 212 
MET CE  HE2  sing N N 213 
MET CE  HE3  sing N N 214 
MET OXT HXT  sing N N 215 
PHE N   CA   sing N N 216 
PHE N   H    sing N N 217 
PHE N   H2   sing N N 218 
PHE CA  C    sing N N 219 
PHE CA  CB   sing N N 220 
PHE CA  HA   sing N N 221 
PHE C   O    doub N N 222 
PHE C   OXT  sing N N 223 
PHE CB  CG   sing N N 224 
PHE CB  HB2  sing N N 225 
PHE CB  HB3  sing N N 226 
PHE CG  CD1  doub Y N 227 
PHE CG  CD2  sing Y N 228 
PHE CD1 CE1  sing Y N 229 
PHE CD1 HD1  sing N N 230 
PHE CD2 CE2  doub Y N 231 
PHE CD2 HD2  sing N N 232 
PHE CE1 CZ   doub Y N 233 
PHE CE1 HE1  sing N N 234 
PHE CE2 CZ   sing Y N 235 
PHE CE2 HE2  sing N N 236 
PHE CZ  HZ   sing N N 237 
PHE OXT HXT  sing N N 238 
PRO N   CA   sing N N 239 
PRO N   CD   sing N N 240 
PRO N   H    sing N N 241 
PRO CA  C    sing N N 242 
PRO CA  CB   sing N N 243 
PRO CA  HA   sing N N 244 
PRO C   O    doub N N 245 
PRO C   OXT  sing N N 246 
PRO CB  CG   sing N N 247 
PRO CB  HB2  sing N N 248 
PRO CB  HB3  sing N N 249 
PRO CG  CD   sing N N 250 
PRO CG  HG2  sing N N 251 
PRO CG  HG3  sing N N 252 
PRO CD  HD2  sing N N 253 
PRO CD  HD3  sing N N 254 
PRO OXT HXT  sing N N 255 
SER N   CA   sing N N 256 
SER N   H    sing N N 257 
SER N   H2   sing N N 258 
SER CA  C    sing N N 259 
SER CA  CB   sing N N 260 
SER CA  HA   sing N N 261 
SER C   O    doub N N 262 
SER C   OXT  sing N N 263 
SER CB  OG   sing N N 264 
SER CB  HB2  sing N N 265 
SER CB  HB3  sing N N 266 
SER OG  HG   sing N N 267 
SER OXT HXT  sing N N 268 
THR N   CA   sing N N 269 
THR N   H    sing N N 270 
THR N   H2   sing N N 271 
THR CA  C    sing N N 272 
THR CA  CB   sing N N 273 
THR CA  HA   sing N N 274 
THR C   O    doub N N 275 
THR C   OXT  sing N N 276 
THR CB  OG1  sing N N 277 
THR CB  CG2  sing N N 278 
THR CB  HB   sing N N 279 
THR OG1 HG1  sing N N 280 
THR CG2 HG21 sing N N 281 
THR CG2 HG22 sing N N 282 
THR CG2 HG23 sing N N 283 
THR OXT HXT  sing N N 284 
TLA O1  C1   doub N N 285 
TLA O11 C1   sing N N 286 
TLA O11 H11  sing N N 287 
TLA C1  C2   sing N N 288 
TLA C2  O2   sing N N 289 
TLA C2  C3   sing N N 290 
TLA C2  H2   sing N N 291 
TLA O2  HA   sing N N 292 
TLA C3  O3   sing N N 293 
TLA C3  C4   sing N N 294 
TLA C3  H3   sing N N 295 
TLA O3  HB   sing N N 296 
TLA C4  O4   doub N N 297 
TLA C4  O41  sing N N 298 
TLA O41 H41  sing N N 299 
TRP N   CA   sing N N 300 
TRP N   H    sing N N 301 
TRP N   H2   sing N N 302 
TRP CA  C    sing N N 303 
TRP CA  CB   sing N N 304 
TRP CA  HA   sing N N 305 
TRP C   O    doub N N 306 
TRP C   OXT  sing N N 307 
TRP CB  CG   sing N N 308 
TRP CB  HB2  sing N N 309 
TRP CB  HB3  sing N N 310 
TRP CG  CD1  doub Y N 311 
TRP CG  CD2  sing Y N 312 
TRP CD1 NE1  sing Y N 313 
TRP CD1 HD1  sing N N 314 
TRP CD2 CE2  doub Y N 315 
TRP CD2 CE3  sing Y N 316 
TRP NE1 CE2  sing Y N 317 
TRP NE1 HE1  sing N N 318 
TRP CE2 CZ2  sing Y N 319 
TRP CE3 CZ3  doub Y N 320 
TRP CE3 HE3  sing N N 321 
TRP CZ2 CH2  doub Y N 322 
TRP CZ2 HZ2  sing N N 323 
TRP CZ3 CH2  sing Y N 324 
TRP CZ3 HZ3  sing N N 325 
TRP CH2 HH2  sing N N 326 
TRP OXT HXT  sing N N 327 
TYR N   CA   sing N N 328 
TYR N   H    sing N N 329 
TYR N   H2   sing N N 330 
TYR CA  C    sing N N 331 
TYR CA  CB   sing N N 332 
TYR CA  HA   sing N N 333 
TYR C   O    doub N N 334 
TYR C   OXT  sing N N 335 
TYR CB  CG   sing N N 336 
TYR CB  HB2  sing N N 337 
TYR CB  HB3  sing N N 338 
TYR CG  CD1  doub Y N 339 
TYR CG  CD2  sing Y N 340 
TYR CD1 CE1  sing Y N 341 
TYR CD1 HD1  sing N N 342 
TYR CD2 CE2  doub Y N 343 
TYR CD2 HD2  sing N N 344 
TYR CE1 CZ   doub Y N 345 
TYR CE1 HE1  sing N N 346 
TYR CE2 CZ   sing Y N 347 
TYR CE2 HE2  sing N N 348 
TYR CZ  OH   sing N N 349 
TYR OH  HH   sing N N 350 
TYR OXT HXT  sing N N 351 
VAL N   CA   sing N N 352 
VAL N   H    sing N N 353 
VAL N   H2   sing N N 354 
VAL CA  C    sing N N 355 
VAL CA  CB   sing N N 356 
VAL CA  HA   sing N N 357 
VAL C   O    doub N N 358 
VAL C   OXT  sing N N 359 
VAL CB  CG1  sing N N 360 
VAL CB  CG2  sing N N 361 
VAL CB  HB   sing N N 362 
VAL CG1 HG11 sing N N 363 
VAL CG1 HG12 sing N N 364 
VAL CG1 HG13 sing N N 365 
VAL CG2 HG21 sing N N 366 
VAL CG2 HG22 sing N N 367 
VAL CG2 HG23 sing N N 368 
VAL OXT HXT  sing N N 369 
# 
_pdbx_initial_refinement_model.id               1 
_pdbx_initial_refinement_model.entity_id_list   ? 
_pdbx_initial_refinement_model.type             'experimental model' 
_pdbx_initial_refinement_model.source_name      PDB 
_pdbx_initial_refinement_model.accession_code   1KWN 
_pdbx_initial_refinement_model.details          'PDB ENTRY 1KWN' 
# 
_atom_sites.entry_id                    3ZEJ 
_atom_sites.fract_transf_matrix[1][1]   -0.01569507 
_atom_sites.fract_transf_matrix[1][2]   0.00570853 
_atom_sites.fract_transf_matrix[1][3]   -0.00354949 
_atom_sites.fract_transf_matrix[2][1]   0.00554952 
_atom_sites.fract_transf_matrix[2][2]   0.00591606 
_atom_sites.fract_transf_matrix[2][3]   -0.01502413 
_atom_sites.fract_transf_matrix[3][1]   -0.00146364 
_atom_sites.fract_transf_matrix[3][2]   -0.00577403 
_atom_sites.fract_transf_matrix[3][3]   -0.00281427 
_atom_sites.fract_transf_vector[1]      0.212743 
_atom_sites.fract_transf_vector[2]      0.420528 
_atom_sites.fract_transf_vector[3]      0.217023 
# 
loop_
_atom_type.symbol 
C 
H 
N 
O 
S 
# 
loop_
_atom_site.group_PDB 
_atom_site.id 
_atom_site.type_symbol 
_atom_site.label_atom_id 
_atom_site.label_alt_id 
_atom_site.label_comp_id 
_atom_site.label_asym_id 
_atom_site.label_entity_id 
_atom_site.label_seq_id 
_atom_site.pdbx_PDB_ins_code 
_atom_site.Cartn_x 
_atom_site.Cartn_y 
_atom_site.Cartn_z 
_atom_site.occupancy 
_atom_site.B_iso_or_equiv 
_atom_site.pdbx_formal_charge 
_atom_site.auth_seq_id 
_atom_site.auth_comp_id 
_atom_site.auth_asym_id 
_atom_site.auth_atom_id 
_atom_site.pdbx_PDB_model_num 
ATOM   1    N N   . ALA A 1 1   ? -9.870  0.231   16.067  1.00 34.76 ? 1    ALA A N   1 
ATOM   2    C CA  . ALA A 1 1   ? -8.421  0.063   16.100  1.00 30.94 ? 1    ALA A CA  1 
ATOM   3    C C   . ALA A 1 1   ? -7.760  1.369   15.703  1.00 25.90 ? 1    ALA A C   1 
ATOM   4    O O   . ALA A 1 1   ? -8.324  2.151   14.941  1.00 28.94 ? 1    ALA A O   1 
ATOM   5    C CB  . ALA A 1 1   ? -7.993  -1.045  15.163  1.00 31.68 ? 1    ALA A CB  1 
ATOM   6    N N   . THR A 1 2   ? -6.568  1.606   16.237  1.00 24.44 ? 2    THR A N   1 
ATOM   7    C CA  . THR A 1 2   ? -5.839  2.835   15.964  1.00 22.58 ? 2    THR A CA  1 
ATOM   8    C C   . THR A 1 2   ? -4.679  2.552   15.018  1.00 21.00 ? 2    THR A C   1 
ATOM   9    O O   . THR A 1 2   ? -3.937  1.603   15.220  1.00 24.11 ? 2    THR A O   1 
ATOM   10   C CB  . THR A 1 2   ? -5.271  3.432   17.262  1.00 25.42 ? 2    THR A CB  1 
ATOM   11   O OG1 . THR A 1 2   ? -6.353  3.785   18.132  1.00 31.31 ? 2    THR A OG1 1 
ATOM   12   C CG2 . THR A 1 2   ? -4.455  4.672   16.967  1.00 31.56 ? 2    THR A CG2 1 
ATOM   13   N N   . PHE A 1 3   ? -4.545  3.374   13.981  1.00 21.15 ? 3    PHE A N   1 
ATOM   14   C CA  . PHE A 1 3   ? -3.383  3.317   13.096  1.00 21.95 ? 3    PHE A CA  1 
ATOM   15   C C   . PHE A 1 3   ? -2.679  4.665   13.165  1.00 19.80 ? 3    PHE A C   1 
ATOM   16   O O   . PHE A 1 3   ? -3.300  5.710   12.951  1.00 23.22 ? 3    PHE A O   1 
ATOM   17   C CB  . PHE A 1 3   ? -3.812  3.100   11.644  1.00 21.86 ? 3    PHE A CB  1 
ATOM   18   C CG  . PHE A 1 3   ? -4.257  1.699   11.323  1.00 20.13 ? 3    PHE A CG  1 
ATOM   19   C CD1 . PHE A 1 3   ? -5.467  1.211   11.800  1.00 24.29 ? 3    PHE A CD1 1 
ATOM   20   C CD2 . PHE A 1 3   ? -3.488  0.888   10.505  1.00 22.87 ? 3    PHE A CD2 1 
ATOM   21   C CE1 . PHE A 1 3   ? -5.882  -0.065  11.484  1.00 25.12 ? 3    PHE A CE1 1 
ATOM   22   C CE2 . PHE A 1 3   ? -3.907  -0.388  10.182  1.00 23.89 ? 3    PHE A CE2 1 
ATOM   23   C CZ  . PHE A 1 3   ? -5.100  -0.864  10.673  1.00 22.36 ? 3    PHE A CZ  1 
ATOM   24   N N   . GLU A 1 4   ? -1.389  4.652   13.457  1.00 17.39 ? 4    GLU A N   1 
ATOM   25   C CA  . GLU A 1 4   ? -0.612  5.874   13.331  1.00 18.76 ? 4    GLU A CA  1 
ATOM   26   C C   . GLU A 1 4   ? 0.160   5.784   12.029  1.00 18.04 ? 4    GLU A C   1 
ATOM   27   O O   . GLU A 1 4   ? 0.883   4.817   11.806  1.00 20.07 ? 4    GLU A O   1 
ATOM   28   C CB  . GLU A 1 4   ? 0.369   6.045   14.490  1.00 21.61 ? 4    GLU A CB  1 
ATOM   29   C CG  . GLU A 1 4   ? 1.032   7.426   14.473  1.00 22.54 ? 4    GLU A CG  1 
ATOM   30   C CD  . GLU A 1 4   ? 2.022   7.651   15.600  1.00 28.35 ? 4    GLU A CD  1 
ATOM   31   O OE1 . GLU A 1 4   ? 2.918   6.812   15.811  1.00 27.80 ? 4    GLU A OE1 1 
ATOM   32   O OE2 . GLU A 1 4   ? 1.899   8.694   16.270  1.00 29.78 ? 4    GLU A OE2 1 
ATOM   33   N N   . ILE A 1 5   ? 0.003   6.797   11.188  1.00 16.43 ? 5    ILE A N   1 
ATOM   34   C CA  . ILE A 1 5   ? 0.635   6.829   9.875   1.00 15.54 ? 5    ILE A CA  1 
ATOM   35   C C   . ILE A 1 5   ? 1.708   7.919   9.923   1.00 16.51 ? 5    ILE A C   1 
ATOM   36   O O   . ILE A 1 5   ? 1.403   9.085   10.153  1.00 19.34 ? 5    ILE A O   1 
ATOM   37   C CB  . ILE A 1 5   ? -0.402  7.117   8.783   1.00 16.75 ? 5    ILE A CB  1 
ATOM   38   C CG1 . ILE A 1 5   ? -1.495  6.037   8.811   1.00 18.96 ? 5    ILE A CG1 1 
ATOM   39   C CG2 . ILE A 1 5   ? 0.268   7.172   7.409   1.00 20.23 ? 5    ILE A CG2 1 
ATOM   40   C CD1 . ILE A 1 5   ? -2.723  6.370   7.960   1.00 23.21 ? 5    ILE A CD1 1 
ATOM   41   N N   . VAL A 1 6   ? 2.958   7.512   9.739   1.00 15.13 ? 6    VAL A N   1 
ATOM   42   C CA  . VAL A 1 6   ? 4.103   8.399   9.912   1.00 16.26 ? 6    VAL A CA  1 
ATOM   43   C C   . VAL A 1 6   ? 4.865   8.553   8.609   1.00 16.17 ? 6    VAL A C   1 
ATOM   44   O O   . VAL A 1 6   ? 5.214   7.562   7.981   1.00 16.79 ? 6    VAL A O   1 
ATOM   45   C CB  . VAL A 1 6   ? 5.065   7.826   10.953  1.00 18.62 ? 6    VAL A CB  1 
ATOM   46   C CG1 . VAL A 1 6   ? 6.259   8.757   11.137  1.00 19.99 ? 6    VAL A CG1 1 
ATOM   47   C CG2 . VAL A 1 6   ? 4.328   7.605   12.268  1.00 21.76 ? 6    VAL A CG2 1 
ATOM   48   N N   . ASN A 1 7   ? 5.122   9.792   8.202   1.00 15.91 ? 7    ASN A N   1 
ATOM   49   C CA  . ASN A 1 7   ? 5.936   10.023  7.024   1.00 14.10 ? 7    ASN A CA  1 
ATOM   50   C C   . ASN A 1 7   ? 7.366   10.326  7.441   1.00 15.53 ? 7    ASN A C   1 
ATOM   51   O O   . ASN A 1 7   ? 7.652   11.434  7.894   1.00 19.12 ? 7    ASN A O   1 
ATOM   52   C CB  . ASN A 1 7   ? 5.397   11.193  6.205   1.00 17.40 ? 7    ASN A CB  1 
ATOM   53   C CG  . ASN A 1 7   ? 6.209   11.426  4.959   1.00 15.53 ? 7    ASN A CG  1 
ATOM   54   O OD1 . ASN A 1 7   ? 6.896   10.523  4.502   1.00 16.39 ? 7    ASN A OD1 1 
ATOM   55   N ND2 . ASN A 1 7   ? 6.135   12.634  4.403   1.00 16.66 ? 7    ASN A ND2 1 
ATOM   56   N N   . ARG A 1 8   ? 8.255   9.351   7.282   1.00 14.53 ? 8    ARG A N   1 
ATOM   57   C CA  . ARG A 1 8   ? 9.677   9.562   7.551   1.00 16.21 ? 8    ARG A CA  1 
ATOM   58   C C   . ARG A 1 8   ? 10.439  9.931   6.265   1.00 18.63 ? 8    ARG A C   1 
ATOM   59   O O   . ARG A 1 8   ? 11.653  10.169  6.291   1.00 18.57 ? 8    ARG A O   1 
ATOM   60   C CB  . ARG A 1 8   ? 10.281  8.324   8.226   1.00 16.63 ? 8    ARG A CB  1 
ATOM   61   C CG  . ARG A 1 8   ? 11.683  8.522   8.793   1.00 18.27 ? 8    ARG A CG  1 
ATOM   62   C CD  . ARG A 1 8   ? 12.113  7.302   9.605   1.00 19.23 ? 8    ARG A CD  1 
ATOM   63   N NE  . ARG A 1 8   ? 11.341  7.171   10.840  1.00 19.23 ? 8    ARG A NE  1 
ATOM   64   C CZ  . ARG A 1 8   ? 11.093  6.022   11.461  1.00 24.14 ? 8    ARG A CZ  1 
ATOM   65   N NH1 . ARG A 1 8   ? 11.532  4.863   10.956  1.00 23.00 ? 8    ARG A NH1 1 
ATOM   66   N NH2 . ARG A 1 8   ? 10.377  6.024   12.579  1.00 23.70 ? 8    ARG A NH2 1 
ATOM   67   N N   . CYS A 1 9   ? 9.738   9.995   5.138   1.00 17.06 ? 9    CYS A N   1 
ATOM   68   C CA  . CYS A 1 9   ? 10.400  10.419  3.899   1.00 16.22 ? 9    CYS A CA  1 
ATOM   69   C C   . CYS A 1 9   ? 10.823  11.878  3.979   1.00 18.66 ? 9    CYS A C   1 
ATOM   70   O O   . CYS A 1 9   ? 10.252  12.669  4.737   1.00 19.01 ? 9    CYS A O   1 
ATOM   71   C CB  . CYS A 1 9   ? 9.481   10.259  2.689   1.00 16.10 ? 9    CYS A CB  1 
ATOM   72   S SG  . CYS A 1 9   ? 8.713   8.628   2.528   1.00 17.91 ? 9    CYS A SG  1 
ATOM   73   N N   . SER A 1 10  ? 11.790  12.244  3.147   1.00 19.51 ? 10   SER A N   1 
ATOM   74   C CA  . SER A 1 10  ? 12.268  13.618  3.130   1.00 19.79 ? 10   SER A CA  1 
ATOM   75   C C   . SER A 1 10  ? 11.366  14.499  2.281   1.00 22.74 ? 10   SER A C   1 
ATOM   76   O O   . SER A 1 10  ? 11.531  15.724  2.242   1.00 27.74 ? 10   SER A O   1 
ATOM   77   C CB  . SER A 1 10  ? 13.702  13.665  2.601   1.00 25.57 ? 10   SER A CB  1 
ATOM   78   O OG  . SER A 1 10  ? 13.739  13.216  1.262   1.00 28.45 ? 10   SER A OG  1 
ATOM   79   N N   . TYR A 1 11  ? 10.408  13.875  1.601   1.00 20.00 ? 11   TYR A N   1 
ATOM   80   C CA  . TYR A 1 11  ? 9.445   14.590  0.779   1.00 18.64 ? 11   TYR A CA  1 
ATOM   81   C C   . TYR A 1 11  ? 8.030   14.436  1.350   1.00 17.47 ? 11   TYR A C   1 
ATOM   82   O O   . TYR A 1 11  ? 7.754   13.512  2.116   1.00 19.10 ? 11   TYR A O   1 
ATOM   83   C CB  . TYR A 1 11  ? 9.497   14.080  -0.668  1.00 21.54 ? 11   TYR A CB  1 
ATOM   84   C CG  . TYR A 1 11  ? 9.477   12.574  -0.812  1.00 21.61 ? 11   TYR A CG  1 
ATOM   85   C CD1 . TYR A 1 11  ? 8.275   11.873  -0.891  1.00 20.58 ? 11   TYR A CD1 1 
ATOM   86   C CD2 . TYR A 1 11  ? 10.658  11.846  -0.876  1.00 22.12 ? 11   TYR A CD2 1 
ATOM   87   C CE1 . TYR A 1 11  ? 8.258   10.498  -1.015  1.00 21.97 ? 11   TYR A CE1 1 
ATOM   88   C CE2 . TYR A 1 11  ? 10.648  10.470  -1.009  1.00 23.69 ? 11   TYR A CE2 1 
ATOM   89   C CZ  . TYR A 1 11  ? 9.445   9.798   -1.086  1.00 22.36 ? 11   TYR A CZ  1 
ATOM   90   O OH  . TYR A 1 11  ? 9.448   8.424   -1.210  1.00 23.51 ? 11   TYR A OH  1 
ATOM   91   N N   . THR A 1 12  ? 7.145   15.347  0.967   1.00 18.76 ? 12   THR A N   1 
ATOM   92   C CA  . THR A 1 12  ? 5.750   15.298  1.372   1.00 16.71 ? 12   THR A CA  1 
ATOM   93   C C   . THR A 1 12  ? 5.038   14.148  0.679   1.00 18.67 ? 12   THR A C   1 
ATOM   94   O O   . THR A 1 12  ? 5.275   13.877  -0.501  1.00 20.25 ? 12   THR A O   1 
ATOM   95   C CB  . THR A 1 12  ? 5.050   16.608  0.995   1.00 20.11 ? 12   THR A CB  1 
ATOM   96   O OG1 . THR A 1 12  ? 5.708   17.693  1.661   1.00 22.27 ? 12   THR A OG1 1 
ATOM   97   C CG2 . THR A 1 12  ? 3.586   16.593  1.406   1.00 20.44 ? 12   THR A CG2 1 
ATOM   98   N N   . VAL A 1 13  ? 4.187   13.454  1.427   1.00 17.25 ? 13   VAL A N   1 
ATOM   99   C CA  . VAL A 1 13  ? 3.283   12.483  0.821   1.00 15.52 ? 13   VAL A CA  1 
ATOM   100  C C   . VAL A 1 13  ? 1.871   12.797  1.241   1.00 18.81 ? 13   VAL A C   1 
ATOM   101  O O   . VAL A 1 13  ? 1.634   13.514  2.220   1.00 20.36 ? 13   VAL A O   1 
ATOM   102  C CB  . VAL A 1 13  ? 3.603   11.027  1.180   1.00 19.15 ? 13   VAL A CB  1 
ATOM   103  C CG1 . VAL A 1 13  ? 5.040   10.674  0.789   1.00 20.23 ? 13   VAL A CG1 1 
ATOM   104  C CG2 . VAL A 1 13  ? 3.359   10.760  2.655   1.00 21.60 ? 13   VAL A CG2 1 
ATOM   105  N N   . TRP A 1 14  ? 0.920   12.292  0.474   1.00 15.76 ? 14   TRP A N   1 
ATOM   106  C CA  . TRP A 1 14  ? -0.465  12.447  0.836   1.00 16.53 ? 14   TRP A CA  1 
ATOM   107  C C   . TRP A 1 14  ? -0.985  11.058  1.158   1.00 16.95 ? 14   TRP A C   1 
ATOM   108  O O   . TRP A 1 14  ? -1.206  10.229  0.264   1.00 16.76 ? 14   TRP A O   1 
ATOM   109  C CB  . TRP A 1 14  ? -1.250  13.097  -0.299  1.00 18.57 ? 14   TRP A CB  1 
ATOM   110  C CG  . TRP A 1 14  ? -0.978  14.572  -0.440  1.00 17.37 ? 14   TRP A CG  1 
ATOM   111  C CD1 . TRP A 1 14  ? -1.783  15.593  -0.013  1.00 19.79 ? 14   TRP A CD1 1 
ATOM   112  C CD2 . TRP A 1 14  ? 0.175   15.190  -1.026  1.00 18.00 ? 14   TRP A CD2 1 
ATOM   113  N NE1 . TRP A 1 14  ? -1.213  16.805  -0.316  1.00 21.75 ? 14   TRP A NE1 1 
ATOM   114  C CE2 . TRP A 1 14  ? -0.007  16.589  -0.931  1.00 18.01 ? 14   TRP A CE2 1 
ATOM   115  C CE3 . TRP A 1 14  ? 1.340   14.701  -1.630  1.00 19.42 ? 14   TRP A CE3 1 
ATOM   116  C CZ2 . TRP A 1 14  ? 0.929   17.503  -1.419  1.00 22.44 ? 14   TRP A CZ2 1 
ATOM   117  C CZ3 . TRP A 1 14  ? 2.280   15.623  -2.111  1.00 21.54 ? 14   TRP A CZ3 1 
ATOM   118  C CH2 . TRP A 1 14  ? 2.061   17.000  -2.000  1.00 21.80 ? 14   TRP A CH2 1 
ATOM   119  N N   . ALA A 1 15  ? -1.138  10.776  2.448   1.00 16.10 ? 15   ALA A N   1 
ATOM   120  C CA  . ALA A 1 15  ? -1.597  9.460   2.863   1.00 15.70 ? 15   ALA A CA  1 
ATOM   121  C C   . ALA A 1 15  ? -3.047  9.265   2.469   1.00 15.69 ? 15   ALA A C   1 
ATOM   122  O O   . ALA A 1 15  ? -3.800  10.234  2.312   1.00 16.60 ? 15   ALA A O   1 
ATOM   123  C CB  . ALA A 1 15  ? -1.431  9.267   4.367   1.00 17.72 ? 15   ALA A CB  1 
ATOM   124  N N   . ALA A 1 16  ? -3.418  8.006   2.286   1.00 16.37 ? 16   ALA A N   1 
ATOM   125  C CA  . ALA A 1 16  ? -4.780  7.632   1.921   1.00 17.22 ? 16   ALA A CA  1 
ATOM   126  C C   . ALA A 1 16  ? -5.165  6.376   2.672   1.00 19.40 ? 16   ALA A C   1 
ATOM   127  O O   . ALA A 1 16  ? -4.322  5.516   2.943   1.00 18.57 ? 16   ALA A O   1 
ATOM   128  C CB  . ALA A 1 16  ? -4.875  7.393   0.432   1.00 18.80 ? 16   ALA A CB  1 
ATOM   129  N N   . ALA A 1 17  ? -6.449  6.270   3.007   1.00 19.21 ? 17   ALA A N   1 
ATOM   130  C CA  . ALA A 1 17  ? -6.969  5.108   3.704   1.00 18.16 ? 17   ALA A CA  1 
ATOM   131  C C   . ALA A 1 17  ? -8.399  4.862   3.247   1.00 20.21 ? 17   ALA A C   1 
ATOM   132  O O   . ALA A 1 17  ? -9.247  5.738   3.370   1.00 21.91 ? 17   ALA A O   1 
ATOM   133  C CB  . ALA A 1 17  ? -6.932  5.337   5.206   1.00 21.83 ? 17   ALA A CB  1 
ATOM   134  N N   . SER A 1 18  ? -8.649  3.666   2.723   1.00 16.95 ? 18   SER A N   1 
ATOM   135  C CA  . SER A 1 18  ? -9.946  3.331   2.134   1.00 19.47 ? 18   SER A CA  1 
ATOM   136  C C   . SER A 1 18  ? -10.224 1.853   2.291   1.00 22.41 ? 18   SER A C   1 
ATOM   137  O O   . SER A 1 18  ? -9.304  1.051   2.451   1.00 19.68 ? 18   SER A O   1 
ATOM   138  C CB  . SER A 1 18  ? -9.933  3.674   0.642   1.00 22.39 ? 18   SER A CB  1 
ATOM   139  O OG  . SER A 1 18  ? -11.141 3.284   -0.002  1.00 27.45 ? 18   SER A OG  1 
ATOM   140  N N   . LYS A 1 19  ? -11.499 1.479   2.232   1.00 23.22 ? 19   LYS A N   1 
ATOM   141  C CA  . LYS A 1 19  ? -11.847 0.065   2.117   1.00 24.19 ? 19   LYS A CA  1 
ATOM   142  C C   . LYS A 1 19  ? -12.519 -0.227  0.779   1.00 29.31 ? 19   LYS A C   1 
ATOM   143  O O   . LYS A 1 19  ? -13.190 -1.243  0.618   1.00 30.04 ? 19   LYS A O   1 
ATOM   144  C CB  . LYS A 1 19  ? -12.698 -0.417  3.302   1.00 27.94 ? 19   LYS A CB  1 
ATOM   145  C CG  . LYS A 1 19  ? -14.075 0.228   3.423   1.00 32.26 ? 19   LYS A CG  1 
ATOM   146  C CD  . LYS A 1 19  ? -14.860 -0.402  4.577   1.00 33.94 ? 19   LYS A CD  1 
ATOM   147  C CE  . LYS A 1 19  ? -16.334 -0.028  4.530   1.00 40.75 ? 19   LYS A CE  1 
ATOM   148  N NZ  . LYS A 1 19  ? -17.016 -0.606  3.331   1.00 43.62 ? 19   LYS A NZ  1 
ATOM   149  N N   . GLY A 1 20  ? -12.322 0.667   -0.187  1.00 26.22 ? 20   GLY A N   1 
ATOM   150  C CA  . GLY A 1 20  ? -12.737 0.405   -1.555  1.00 28.76 ? 20   GLY A CA  1 
ATOM   151  C C   . GLY A 1 20  ? -14.045 1.060   -1.947  1.00 29.56 ? 20   GLY A C   1 
ATOM   152  O O   . GLY A 1 20  ? -14.181 1.572   -3.059  1.00 31.90 ? 20   GLY A O   1 
ATOM   153  N N   . ASP A 1 21  ? -15.013 1.043   -1.038  1.00 31.37 ? 21   ASP A N   1 
ATOM   154  C CA  . ASP A 1 21  ? -16.299 1.684   -1.301  1.00 31.50 ? 21   ASP A CA  1 
ATOM   155  C C   . ASP A 1 21  ? -16.579 2.814   -0.321  1.00 35.27 ? 21   ASP A C   1 
ATOM   156  O O   . ASP A 1 21  ? -17.654 3.413   -0.336  1.00 36.95 ? 21   ASP A O   1 
ATOM   157  C CB  . ASP A 1 21  ? -17.438 0.658   -1.275  1.00 36.86 ? 21   ASP A CB  1 
ATOM   158  C CG  . ASP A 1 21  ? -17.484 -0.141  0.015   1.00 39.71 ? 21   ASP A CG  1 
ATOM   159  O OD1 . ASP A 1 21  ? -16.752 0.190   0.971   1.00 38.02 ? 21   ASP A OD1 1 
ATOM   160  O OD2 . ASP A 1 21  ? -18.272 -1.108  0.075   1.00 47.95 ? 21   ASP A OD2 1 
ATOM   161  N N   . ALA A 1 22  ? -15.600 3.108   0.527   1.00 28.37 ? 22   ALA A N   1 
ATOM   162  C CA  . ALA A 1 22  ? -15.742 4.166   1.509   1.00 25.14 ? 22   ALA A CA  1 
ATOM   163  C C   . ALA A 1 22  ? -14.375 4.563   2.034   1.00 23.99 ? 22   ALA A C   1 
ATOM   164  O O   . ALA A 1 22  ? -13.453 3.751   2.050   1.00 26.62 ? 22   ALA A O   1 
ATOM   165  C CB  . ALA A 1 22  ? -16.608 3.698   2.661   1.00 30.78 ? 22   ALA A CB  1 
ATOM   166  N N   . ALA A 1 23  ? -14.263 5.804   2.486   1.00 25.79 ? 23   ALA A N   1 
ATOM   167  C CA  . ALA A 1 23  ? -13.069 6.245   3.191   1.00 24.27 ? 23   ALA A CA  1 
ATOM   168  C C   . ALA A 1 23  ? -12.968 5.565   4.551   1.00 27.60 ? 23   ALA A C   1 
ATOM   169  O O   . ALA A 1 23  ? -13.983 5.183   5.146   1.00 29.47 ? 23   ALA A O   1 
ATOM   170  C CB  . ALA A 1 23  ? -13.093 7.747   3.364   1.00 27.19 ? 23   ALA A CB  1 
ATOM   171  N N   . LEU A 1 24  ? -11.738 5.396   5.031   1.00 21.21 ? 24   LEU A N   1 
ATOM   172  C CA  . LEU A 1 24  ? -11.488 5.085   6.434   1.00 24.96 ? 24   LEU A CA  1 
ATOM   173  C C   . LEU A 1 24  ? -11.090 6.375   7.144   1.00 24.27 ? 24   LEU A C   1 
ATOM   174  O O   . LEU A 1 24  ? -10.183 7.086   6.700   1.00 23.64 ? 24   LEU A O   1 
ATOM   175  C CB  . LEU A 1 24  ? -10.376 4.047   6.578   1.00 22.26 ? 24   LEU A CB  1 
ATOM   176  C CG  . LEU A 1 24  ? -10.652 2.672   5.977   1.00 24.73 ? 24   LEU A CG  1 
ATOM   177  C CD1 . LEU A 1 24  ? -9.438  1.770   6.184   1.00 24.99 ? 24   LEU A CD1 1 
ATOM   178  C CD2 . LEU A 1 24  ? -11.899 2.055   6.594   1.00 28.19 ? 24   LEU A CD2 1 
ATOM   179  N N   . ASP A 1 25  ? -11.771 6.694   8.239   1.00 25.80 ? 25   ASP A N   1 
ATOM   180  C CA  . ASP A 1 25  ? -11.557 7.968   8.910   1.00 24.72 ? 25   ASP A CA  1 
ATOM   181  C C   . ASP A 1 25  ? -11.741 9.063   7.857   1.00 26.45 ? 25   ASP A C   1 
ATOM   182  O O   . ASP A 1 25  ? -12.671 8.988   7.043   1.00 28.44 ? 25   ASP A O   1 
ATOM   183  C CB  . ASP A 1 25  ? -10.160 8.009   9.540   1.00 25.65 ? 25   ASP A CB  1 
ATOM   184  C CG  . ASP A 1 25  ? -10.042 9.024   10.664  1.00 28.51 ? 25   ASP A CG  1 
ATOM   185  O OD1 . ASP A 1 25  ? -9.944  10.236  10.368  1.00 30.33 ? 25   ASP A OD1 1 
ATOM   186  O OD2 . ASP A 1 25  ? -10.016 8.606   11.844  1.00 28.40 ? 25   ASP A OD2 1 
ATOM   187  N N   . ALA A 1 26  ? -10.858 10.056  7.844   1.00 22.97 ? 26   ALA A N   1 
ATOM   188  C CA  . ALA A 1 26  ? -10.969 11.170  6.902   1.00 22.90 ? 26   ALA A CA  1 
ATOM   189  C C   . ALA A 1 26  ? -10.639 10.794  5.450   1.00 27.40 ? 26   ALA A C   1 
ATOM   190  O O   . ALA A 1 26  ? -10.898 11.565  4.532   1.00 29.14 ? 26   ALA A O   1 
ATOM   191  C CB  . ALA A 1 26  ? -10.101 12.339  7.362   1.00 26.01 ? 26   ALA A CB  1 
ATOM   192  N N   . GLY A 1 27  ? -10.051 9.622   5.250   1.00 24.42 ? 27   GLY A N   1 
ATOM   193  C CA  . GLY A 1 27  ? -9.744  9.158   3.908   1.00 22.13 ? 27   GLY A CA  1 
ATOM   194  C C   . GLY A 1 27  ? -8.404  9.603   3.342   1.00 21.56 ? 27   GLY A C   1 
ATOM   195  O O   . GLY A 1 27  ? -7.824  8.902   2.521   1.00 20.79 ? 27   GLY A O   1 
ATOM   196  N N   . GLY A 1 28  ? -7.912  10.766  3.751   1.00 20.55 ? 28   GLY A N   1 
ATOM   197  C CA  . GLY A 1 28  ? -6.628  11.222  3.251   1.00 20.08 ? 28   GLY A CA  1 
ATOM   198  C C   . GLY A 1 28  ? -6.176  12.493  3.918   1.00 22.02 ? 28   GLY A C   1 
ATOM   199  O O   . GLY A 1 28  ? -6.984  13.244  4.453   1.00 24.81 ? 28   GLY A O   1 
ATOM   200  N N   . ARG A 1 29  ? -4.871  12.733  3.886   1.00 17.39 ? 29   ARG A N   1 
ATOM   201  C CA  . ARG A 1 29  ? -4.309  13.930  4.477   1.00 19.15 ? 29   ARG A CA  1 
ATOM   202  C C   . ARG A 1 29  ? -2.901  14.134  3.972   1.00 19.24 ? 29   ARG A C   1 
ATOM   203  O O   . ARG A 1 29  ? -2.194  13.175  3.691   1.00 19.09 ? 29   ARG A O   1 
ATOM   204  C CB  . ARG A 1 29  ? -4.263  13.785  5.992   1.00 25.25 ? 29   ARG A CB  1 
ATOM   205  C CG  . ARG A 1 29  ? -4.541  15.075  6.720   1.00 28.52 ? 29   ARG A CG  1 
ATOM   206  C CD  . ARG A 1 29  ? -3.980  14.999  8.113   1.00 27.19 ? 29   ARG A CD  1 
ATOM   207  N NE  . ARG A 1 29  ? -2.578  15.388  8.125   1.00 26.18 ? 29   ARG A NE  1 
ATOM   208  C CZ  . ARG A 1 29  ? -1.860  15.503  9.236   1.00 27.78 ? 29   ARG A CZ  1 
ATOM   209  N NH1 . ARG A 1 29  ? -2.421  15.224  10.403  1.00 26.21 ? 29   ARG A NH1 1 
ATOM   210  N NH2 . ARG A 1 29  ? -0.586  15.884  9.178   1.00 25.12 ? 29   ARG A NH2 1 
ATOM   211  N N   . GLN A 1 30  ? -2.494  15.388  3.879   1.00 19.51 ? 30   GLN A N   1 
ATOM   212  C CA  . GLN A 1 30  ? -1.105  15.723  3.600   1.00 17.66 ? 30   GLN A CA  1 
ATOM   213  C C   . GLN A 1 30  ? -0.231  15.422  4.808   1.00 20.47 ? 30   GLN A C   1 
ATOM   214  O O   . GLN A 1 30  ? -0.598  15.750  5.938   1.00 21.09 ? 30   GLN A O   1 
ATOM   215  C CB  . GLN A 1 30  ? -0.986  17.203  3.239   1.00 18.84 ? 30   GLN A CB  1 
ATOM   216  C CG  . GLN A 1 30  ? 0.430   17.644  2.933   1.00 19.60 ? 30   GLN A CG  1 
ATOM   217  C CD  . GLN A 1 30  ? 0.486   19.058  2.408   1.00 27.93 ? 30   GLN A CD  1 
ATOM   218  O OE1 . GLN A 1 30  ? -0.444  19.528  1.753   1.00 30.02 ? 30   GLN A OE1 1 
ATOM   219  N NE2 . GLN A 1 30  ? 1.581   19.746  2.692   1.00 28.97 ? 30   GLN A NE2 1 
ATOM   220  N N   . LEU A 1 31  ? 0.913   14.781  4.573   1.00 16.23 ? 31   LEU A N   1 
ATOM   221  C CA  . LEU A 1 31  ? 1.910   14.559  5.623   1.00 16.78 ? 31   LEU A CA  1 
ATOM   222  C C   . LEU A 1 31  ? 3.240   15.115  5.174   1.00 16.55 ? 31   LEU A C   1 
ATOM   223  O O   . LEU A 1 31  ? 3.898   14.550  4.300   1.00 16.94 ? 31   LEU A O   1 
ATOM   224  C CB  . LEU A 1 31  ? 2.096   13.066  5.931   1.00 18.74 ? 31   LEU A CB  1 
ATOM   225  C CG  . LEU A 1 31  ? 0.970   12.337  6.648   1.00 20.63 ? 31   LEU A CG  1 
ATOM   226  C CD1 . LEU A 1 31  ? 1.347   10.870  6.846   1.00 22.16 ? 31   LEU A CD1 1 
ATOM   227  C CD2 . LEU A 1 31  ? 0.680   12.987  7.986   1.00 25.55 ? 31   LEU A CD2 1 
ATOM   228  N N   . ASN A 1 32  ? 3.652   16.229  5.766   1.00 17.38 ? 32   ASN A N   1 
ATOM   229  C CA  . ASN A 1 32  ? 4.992   16.706  5.514   1.00 16.91 ? 32   ASN A CA  1 
ATOM   230  C C   . ASN A 1 32  ? 5.998   15.769  6.152   1.00 16.01 ? 32   ASN A C   1 
ATOM   231  O O   . ASN A 1 32  ? 5.636   14.912  6.965   1.00 17.31 ? 32   ASN A O   1 
ATOM   232  C CB  . ASN A 1 32  ? 5.150   18.135  6.039   1.00 17.62 ? 32   ASN A CB  1 
ATOM   233  C CG  . ASN A 1 32  ? 4.307   19.117  5.262   1.00 23.17 ? 32   ASN A CG  1 
ATOM   234  O OD1 . ASN A 1 32  ? 4.122   18.970  4.053   1.00 27.61 ? 32   ASN A OD1 1 
ATOM   235  N ND2 . ASN A 1 32  ? 3.777   20.119  5.950   1.00 31.99 ? 32   ASN A ND2 1 
ATOM   236  N N   . SER A 1 33  ? 7.268   15.923  5.791   1.00 17.03 ? 33   SER A N   1 
ATOM   237  C CA  . SER A 1 33  ? 8.317   15.092  6.364   1.00 16.62 ? 33   SER A CA  1 
ATOM   238  C C   . SER A 1 33  ? 8.332   15.155  7.888   1.00 18.95 ? 33   SER A C   1 
ATOM   239  O O   . SER A 1 33  ? 8.472   16.235  8.482   1.00 17.55 ? 33   SER A O   1 
ATOM   240  C CB  . SER A 1 33  ? 9.680   15.512  5.808   1.00 18.81 ? 33   SER A CB  1 
ATOM   241  O OG  . SER A 1 33  ? 10.724  14.754  6.397   1.00 20.92 ? 33   SER A OG  1 
ATOM   242  N N   . GLY A 1 34  ? 8.174   13.990  8.508   1.00 15.96 ? 34   GLY A N   1 
ATOM   243  C CA  . GLY A 1 34  ? 8.148   13.886  9.956   1.00 16.38 ? 34   GLY A CA  1 
ATOM   244  C C   . GLY A 1 34  ? 6.774   13.863  10.585  1.00 17.00 ? 34   GLY A C   1 
ATOM   245  O O   . GLY A 1 34  ? 6.650   13.490  11.753  1.00 19.15 ? 34   GLY A O   1 
ATOM   246  N N   . GLU A 1 35  ? 5.745   14.252  9.832   1.00 16.16 ? 35   GLU A N   1 
ATOM   247  C CA  . GLU A 1 35  ? 4.395   14.349  10.401  1.00 15.71 ? 35   GLU A CA  1 
ATOM   248  C C   . GLU A 1 35  ? 3.746   12.988  10.615  1.00 16.03 ? 35   GLU A C   1 
ATOM   249  O O   . GLU A 1 35  ? 4.036   12.018  9.896   1.00 17.31 ? 35   GLU A O   1 
ATOM   250  C CB  . GLU A 1 35  ? 3.482   15.236  9.554   1.00 15.95 ? 35   GLU A CB  1 
ATOM   251  C CG  . GLU A 1 35  ? 3.878   16.711  9.606   1.00 17.95 ? 35   GLU A CG  1 
ATOM   252  C CD  . GLU A 1 35  ? 2.850   17.628  8.969   1.00 21.16 ? 35   GLU A CD  1 
ATOM   253  O OE1 . GLU A 1 35  ? 2.164   17.218  8.013   1.00 20.67 ? 35   GLU A OE1 1 
ATOM   254  O OE2 . GLU A 1 35  ? 2.723   18.781  9.437   1.00 25.36 ? 35   GLU A OE2 1 
ATOM   255  N N   . SER A 1 36  ? 2.863   12.926  11.609  1.00 16.43 ? 36   SER A N   1 
ATOM   256  C CA  . SER A 1 36  ? 2.141   11.701  11.949  1.00 18.98 ? 36   SER A CA  1 
ATOM   257  C C   . SER A 1 36  ? 0.649   11.984  11.947  1.00 20.67 ? 36   SER A C   1 
ATOM   258  O O   . SER A 1 36  ? 0.204   13.050  12.368  1.00 22.27 ? 36   SER A O   1 
ATOM   259  C CB  . SER A 1 36  ? 2.532   11.224  13.351  1.00 20.60 ? 36   SER A CB  1 
ATOM   260  O OG  . SER A 1 36  ? 3.929   11.030  13.484  1.00 21.72 ? 36   SER A OG  1 
ATOM   261  N N   . TRP A 1 37  ? -0.130  11.019  11.491  1.00 18.77 ? 37   TRP A N   1 
ATOM   262  C CA  . TRP A 1 37  ? -1.567  11.181  11.405  1.00 19.96 ? 37   TRP A CA  1 
ATOM   263  C C   . TRP A 1 37  ? -2.164  9.943   12.052  1.00 19.60 ? 37   TRP A C   1 
ATOM   264  O O   . TRP A 1 37  ? -1.853  8.825   11.667  1.00 21.00 ? 37   TRP A O   1 
ATOM   265  C CB  . TRP A 1 37  ? -1.966  11.258  9.933   1.00 22.79 ? 37   TRP A CB  1 
ATOM   266  C CG  . TRP A 1 37  ? -3.436  11.313  9.644   1.00 23.91 ? 37   TRP A CG  1 
ATOM   267  C CD1 . TRP A 1 37  ? -4.405  11.944  10.369  1.00 26.70 ? 37   TRP A CD1 1 
ATOM   268  C CD2 . TRP A 1 37  ? -4.094  10.721  8.516   1.00 23.59 ? 37   TRP A CD2 1 
ATOM   269  N NE1 . TRP A 1 37  ? -5.632  11.769  9.762   1.00 28.25 ? 37   TRP A NE1 1 
ATOM   270  C CE2 . TRP A 1 37  ? -5.466  11.024  8.626   1.00 27.12 ? 37   TRP A CE2 1 
ATOM   271  C CE3 . TRP A 1 37  ? -3.656  9.951   7.434   1.00 21.96 ? 37   TRP A CE3 1 
ATOM   272  C CZ2 . TRP A 1 37  ? -6.403  10.587  7.687   1.00 27.16 ? 37   TRP A CZ2 1 
ATOM   273  C CZ3 . TRP A 1 37  ? -4.589  9.517   6.499   1.00 27.85 ? 37   TRP A CZ3 1 
ATOM   274  C CH2 . TRP A 1 37  ? -5.944  9.835   6.635   1.00 26.77 ? 37   TRP A CH2 1 
ATOM   275  N N   . THR A 1 38  ? -3.014  10.134  13.055  1.00 20.37 ? 38   THR A N   1 
ATOM   276  C CA  . THR A 1 38  ? -3.613  8.994   13.730  1.00 21.81 ? 38   THR A CA  1 
ATOM   277  C C   . THR A 1 38  ? -5.059  8.852   13.288  1.00 21.78 ? 38   THR A C   1 
ATOM   278  O O   . THR A 1 38  ? -5.826  9.814   13.332  1.00 25.62 ? 38   THR A O   1 
ATOM   279  C CB  . THR A 1 38  ? -3.551  9.138   15.262  1.00 26.67 ? 38   THR A CB  1 
ATOM   280  O OG1 . THR A 1 38  ? -2.183  9.238   15.681  1.00 31.15 ? 38   THR A OG1 1 
ATOM   281  C CG2 . THR A 1 38  ? -4.179  7.934   15.927  1.00 31.53 ? 38   THR A CG2 1 
ATOM   282  N N   . ILE A 1 39  ? -5.417  7.659   12.824  1.00 22.60 ? 39   ILE A N   1 
ATOM   283  C CA  . ILE A 1 39  ? -6.785  7.410   12.401  1.00 24.01 ? 39   ILE A CA  1 
ATOM   284  C C   . ILE A 1 39  ? -7.414  6.286   13.194  1.00 24.00 ? 39   ILE A C   1 
ATOM   285  O O   . ILE A 1 39  ? -6.721  5.435   13.757  1.00 23.97 ? 39   ILE A O   1 
ATOM   286  C CB  . ILE A 1 39  ? -6.895  7.094   10.895  1.00 21.05 ? 39   ILE A CB  1 
ATOM   287  C CG1 . ILE A 1 39  ? -6.195  5.779   10.543  1.00 19.91 ? 39   ILE A CG1 1 
ATOM   288  C CG2 . ILE A 1 39  ? -6.355  8.263   10.074  1.00 25.58 ? 39   ILE A CG2 1 
ATOM   289  C CD1 . ILE A 1 39  ? -6.467  5.317   9.116   1.00 25.88 ? 39   ILE A CD1 1 
ATOM   290  N N   . ASN A 1 40  ? -8.740  6.294   13.237  1.00 23.46 ? 40   ASN A N   1 
ATOM   291  C CA  . ASN A 1 40  ? -9.468  5.215   13.872  1.00 22.71 ? 40   ASN A CA  1 
ATOM   292  C C   . ASN A 1 40  ? -10.167 4.405   12.813  1.00 23.11 ? 40   ASN A C   1 
ATOM   293  O O   . ASN A 1 40  ? -10.817 4.960   11.928  1.00 27.34 ? 40   ASN A O   1 
ATOM   294  C CB  . ASN A 1 40  ? -10.487 5.762   14.870  1.00 31.19 ? 40   ASN A CB  1 
ATOM   295  C CG  . ASN A 1 40  ? -9.828  6.346   16.098  1.00 35.83 ? 40   ASN A CG  1 
ATOM   296  O OD1 . ASN A 1 40  ? -9.298  5.614   16.937  1.00 46.17 ? 40   ASN A OD1 1 
ATOM   297  N ND2 . ASN A 1 40  ? -9.843  7.670   16.206  1.00 45.16 ? 40   ASN A ND2 1 
ATOM   298  N N   . VAL A 1 41  ? -10.011 3.093   12.903  1.00 24.08 ? 41   VAL A N   1 
ATOM   299  C CA  . VAL A 1 41  ? -10.637 2.180   11.961  1.00 24.60 ? 41   VAL A CA  1 
ATOM   300  C C   . VAL A 1 41  ? -11.597 1.282   12.719  1.00 25.57 ? 41   VAL A C   1 
ATOM   301  O O   . VAL A 1 41  ? -11.221 0.656   13.704  1.00 27.77 ? 41   VAL A O   1 
ATOM   302  C CB  . VAL A 1 41  ? -9.589  1.330   11.237  1.00 22.22 ? 41   VAL A CB  1 
ATOM   303  C CG1 . VAL A 1 41  ? -10.266 0.343   10.286  1.00 26.13 ? 41   VAL A CG1 1 
ATOM   304  C CG2 . VAL A 1 41  ? -8.609  2.229   10.471  1.00 24.34 ? 41   VAL A CG2 1 
ATOM   305  N N   . GLU A 1 42  ? -12.839 1.222   12.249  1.00 27.46 ? 42   GLU A N   1 
ATOM   306  C CA  . GLU A 1 42  ? -13.875 0.428   12.905  1.00 29.03 ? 42   GLU A CA  1 
ATOM   307  C C   . GLU A 1 42  ? -13.496 -1.042  12.997  1.00 30.81 ? 42   GLU A C   1 
ATOM   308  O O   . GLU A 1 42  ? -13.016 -1.624  12.027  1.00 24.99 ? 42   GLU A O   1 
ATOM   309  C CB  . GLU A 1 42  ? -15.194 0.569   12.147  1.00 30.57 ? 42   GLU A CB  1 
ATOM   310  C CG  . GLU A 1 42  ? -15.852 1.922   12.305  1.00 43.27 ? 42   GLU A CG  1 
ATOM   311  C CD  . GLU A 1 42  ? -16.443 2.112   13.687  1.00 49.86 ? 42   GLU A CD  1 
ATOM   312  O OE1 . GLU A 1 42  ? -17.253 1.254   14.106  1.00 53.06 ? 42   GLU A OE1 1 
ATOM   313  O OE2 . GLU A 1 42  ? -16.094 3.111   14.356  1.00 57.58 ? 42   GLU A OE2 1 
ATOM   314  N N   . PRO A 1 43  ? -13.707 -1.653  14.169  1.00 26.48 ? 43   PRO A N   1 
ATOM   315  C CA  . PRO A 1 43  ? -13.476 -3.091  14.290  1.00 26.59 ? 43   PRO A CA  1 
ATOM   316  C C   . PRO A 1 43  ? -14.278 -3.827  13.226  1.00 27.11 ? 43   PRO A C   1 
ATOM   317  O O   . PRO A 1 43  ? -15.340 -3.343  12.813  1.00 27.84 ? 43   PRO A O   1 
ATOM   318  C CB  . PRO A 1 43  ? -14.028 -3.419  15.681  1.00 30.60 ? 43   PRO A CB  1 
ATOM   319  C CG  . PRO A 1 43  ? -13.920 -2.138  16.435  1.00 33.27 ? 43   PRO A CG  1 
ATOM   320  C CD  . PRO A 1 43  ? -14.156 -1.046  15.434  1.00 29.83 ? 43   PRO A CD  1 
ATOM   321  N N   . GLY A 1 44  ? -13.763 -4.961  12.765  1.00 26.39 ? 44   GLY A N   1 
ATOM   322  C CA  . GLY A 1 44  ? -14.462 -5.763  11.779  1.00 26.43 ? 44   GLY A CA  1 
ATOM   323  C C   . GLY A 1 44  ? -14.229 -5.315  10.351  1.00 27.61 ? 44   GLY A C   1 
ATOM   324  O O   . GLY A 1 44  ? -14.738 -5.926  9.409   1.00 30.77 ? 44   GLY A O   1 
ATOM   325  N N   . THR A 1 45  ? -13.452 -4.249  10.177  1.00 25.37 ? 45   THR A N   1 
ATOM   326  C CA  . THR A 1 45  ? -13.190 -3.743  8.838   1.00 24.90 ? 45   THR A CA  1 
ATOM   327  C C   . THR A 1 45  ? -12.438 -4.780  8.011   1.00 24.51 ? 45   THR A C   1 
ATOM   328  O O   . THR A 1 45  ? -11.377 -5.274  8.409   1.00 25.32 ? 45   THR A O   1 
ATOM   329  C CB  . THR A 1 45  ? -12.390 -2.430  8.865   1.00 23.28 ? 45   THR A CB  1 
ATOM   330  O OG1 . THR A 1 45  ? -13.201 -1.390  9.424   1.00 28.76 ? 45   THR A OG1 1 
ATOM   331  C CG2 . THR A 1 45  ? -11.988 -2.032  7.454   1.00 28.03 ? 45   THR A CG2 1 
ATOM   332  N N   . ASN A 1 46  ? -12.999 -5.111  6.856   1.00 24.79 ? 46   ASN A N   1 
ATOM   333  C CA  . ASN A 1 46  ? -12.406 -6.099  5.983   1.00 25.96 ? 46   ASN A CA  1 
ATOM   334  C C   . ASN A 1 46  ? -11.935 -5.453  4.686   1.00 26.14 ? 46   ASN A C   1 
ATOM   335  O O   . ASN A 1 46  ? -12.667 -4.682  4.065   1.00 28.86 ? 46   ASN A O   1 
ATOM   336  C CB  . ASN A 1 46  ? -13.426 -7.201  5.695   1.00 29.84 ? 46   ASN A CB  1 
ATOM   337  C CG  . ASN A 1 46  ? -12.942 -8.176  4.656   1.00 39.24 ? 46   ASN A CG  1 
ATOM   338  O OD1 . ASN A 1 46  ? -13.235 -8.032  3.467   1.00 49.25 ? 46   ASN A OD1 1 
ATOM   339  N ND2 . ASN A 1 46  ? -12.189 -9.181  5.095   1.00 42.63 ? 46   ASN A ND2 1 
ATOM   340  N N   . GLY A 1 47  ? -10.698 -5.739  4.292   1.00 23.58 ? 47   GLY A N   1 
ATOM   341  C CA  . GLY A 1 47  ? -10.194 -5.256  3.022   1.00 25.43 ? 47   GLY A CA  1 
ATOM   342  C C   . GLY A 1 47  ? -9.808  -3.789  3.029   1.00 24.63 ? 47   GLY A C   1 
ATOM   343  O O   . GLY A 1 47  ? -9.973  -3.085  2.027   1.00 25.64 ? 47   GLY A O   1 
ATOM   344  N N   . GLY A 1 48  ? -9.302  -3.310  4.159   1.00 21.15 ? 48   GLY A N   1 
ATOM   345  C CA  . GLY A 1 48  ? -8.806  -1.949  4.219   1.00 17.54 ? 48   GLY A CA  1 
ATOM   346  C C   . GLY A 1 48  ? -7.403  -1.849  3.646   1.00 17.67 ? 48   GLY A C   1 
ATOM   347  O O   . GLY A 1 48  ? -6.623  -2.801  3.705   1.00 19.25 ? 48   GLY A O   1 
ATOM   348  N N   . LYS A 1 49  ? -7.095  -0.689  3.076   1.00 17.39 ? 49   LYS A N   1 
ATOM   349  C CA  . LYS A 1 49  ? -5.759  -0.416  2.564   1.00 18.12 ? 49   LYS A CA  1 
ATOM   350  C C   . LYS A 1 49  ? -5.317  0.989   2.936   1.00 16.53 ? 49   LYS A C   1 
ATOM   351  O O   . LYS A 1 49  ? -6.121  1.926   2.971   1.00 17.45 ? 49   LYS A O   1 
ATOM   352  C CB  . LYS A 1 49  ? -5.731  -0.568  1.039   1.00 16.42 ? 49   LYS A CB  1 
ATOM   353  C CG  . LYS A 1 49  ? -6.184  -1.942  0.539   1.00 19.73 ? 49   LYS A CG  1 
ATOM   354  C CD  . LYS A 1 49  ? -5.967  -2.091  -0.961  1.00 22.75 ? 49   LYS A CD  1 
ATOM   355  C CE  . LYS A 1 49  ? -6.758  -3.278  -1.529  1.00 27.01 ? 49   LYS A CE  1 
ATOM   356  N NZ  . LYS A 1 49  ? -6.403  -4.570  -0.889  1.00 28.35 ? 49   LYS A NZ  1 
ATOM   357  N N   . ILE A 1 50  ? -4.019  1.123   3.187   1.00 15.69 ? 50   ILE A N   1 
ATOM   358  C CA  . ILE A 1 50  ? -3.389  2.430   3.376   1.00 16.14 ? 50   ILE A CA  1 
ATOM   359  C C   . ILE A 1 50  ? -2.243  2.536   2.372   1.00 15.56 ? 50   ILE A C   1 
ATOM   360  O O   . ILE A 1 50  ? -1.538  1.563   2.121   1.00 16.21 ? 50   ILE A O   1 
ATOM   361  C CB  . ILE A 1 50  ? -2.851  2.555   4.801   1.00 17.50 ? 50   ILE A CB  1 
ATOM   362  C CG1 . ILE A 1 50  ? -4.024  2.764   5.762   1.00 19.31 ? 50   ILE A CG1 1 
ATOM   363  C CG2 . ILE A 1 50  ? -1.845  3.704   4.915   1.00 17.71 ? 50   ILE A CG2 1 
ATOM   364  C CD1 . ILE A 1 50  ? -3.677  2.475   7.233   1.00 21.33 ? 50   ILE A CD1 1 
ATOM   365  N N   . TRP A 1 51  ? -2.082  3.716   1.781   1.00 15.49 ? 51   TRP A N   1 
ATOM   366  C CA  . TRP A 1 51  ? -1.003  3.935   0.826   1.00 14.35 ? 51   TRP A CA  1 
ATOM   367  C C   . TRP A 1 51  ? -0.602  5.393   0.831   1.00 16.87 ? 51   TRP A C   1 
ATOM   368  O O   . TRP A 1 51  ? -1.279  6.252   1.428   1.00 15.56 ? 51   TRP A O   1 
ATOM   369  C CB  . TRP A 1 51  ? -1.388  3.480   -0.596  1.00 15.92 ? 51   TRP A CB  1 
ATOM   370  C CG  . TRP A 1 51  ? -2.470  4.273   -1.293  1.00 16.26 ? 51   TRP A CG  1 
ATOM   371  C CD1 . TRP A 1 51  ? -2.294  5.217   -2.266  1.00 15.87 ? 51   TRP A CD1 1 
ATOM   372  C CD2 . TRP A 1 51  ? -3.890  4.162   -1.096  1.00 17.35 ? 51   TRP A CD2 1 
ATOM   373  N NE1 . TRP A 1 51  ? -3.516  5.711   -2.678  1.00 17.01 ? 51   TRP A NE1 1 
ATOM   374  C CE2 . TRP A 1 51  ? -4.508  5.072   -1.980  1.00 17.66 ? 51   TRP A CE2 1 
ATOM   375  C CE3 . TRP A 1 51  ? -4.699  3.381   -0.257  1.00 18.08 ? 51   TRP A CE3 1 
ATOM   376  C CZ2 . TRP A 1 51  ? -5.891  5.242   -2.034  1.00 19.91 ? 51   TRP A CZ2 1 
ATOM   377  C CZ3 . TRP A 1 51  ? -6.075  3.547   -0.323  1.00 19.23 ? 51   TRP A CZ3 1 
ATOM   378  C CH2 . TRP A 1 51  ? -6.652  4.463   -1.206  1.00 20.91 ? 51   TRP A CH2 1 
ATOM   379  N N   . ALA A 1 52  ? 0.517   5.670   0.175   1.00 15.09 ? 52   ALA A N   1 
ATOM   380  C CA  . ALA A 1 52  ? 0.988   7.036   0.020   1.00 15.18 ? 52   ALA A CA  1 
ATOM   381  C C   . ALA A 1 52  ? 0.778   7.459   -1.416  1.00 15.14 ? 52   ALA A C   1 
ATOM   382  O O   . ALA A 1 52  ? 0.835   6.639   -2.330  1.00 17.29 ? 52   ALA A O   1 
ATOM   383  C CB  . ALA A 1 52  ? 2.477   7.132   0.384   1.00 18.51 ? 52   ALA A CB  1 
ATOM   384  N N   . ARG A 1 53  ? 0.500   8.743   -1.594  1.00 15.08 ? 53   ARG A N   1 
ATOM   385  C CA  . ARG A 1 53  ? 0.423   9.354   -2.911  1.00 14.76 ? 53   ARG A CA  1 
ATOM   386  C C   . ARG A 1 53  ? 1.513   10.402  -3.023  1.00 16.85 ? 53   ARG A C   1 
ATOM   387  O O   . ARG A 1 53  ? 1.830   11.087  -2.050  1.00 17.43 ? 53   ARG A O   1 
ATOM   388  C CB  . ARG A 1 53  ? -0.942  10.006  -3.095  1.00 15.37 ? 53   ARG A CB  1 
ATOM   389  C CG  . ARG A 1 53  ? -2.089  9.027   -3.002  1.00 16.63 ? 53   ARG A CG  1 
ATOM   390  C CD  . ARG A 1 53  ? -3.394  9.782   -2.936  1.00 17.77 ? 53   ARG A CD  1 
ATOM   391  N NE  . ARG A 1 53  ? -3.607  10.357  -1.614  1.00 17.67 ? 53   ARG A NE  1 
ATOM   392  C CZ  . ARG A 1 53  ? -4.633  11.143  -1.315  1.00 19.16 ? 53   ARG A CZ  1 
ATOM   393  N NH1 . ARG A 1 53  ? -5.513  11.469  -2.261  1.00 20.03 ? 53   ARG A NH1 1 
ATOM   394  N NH2 . ARG A 1 53  ? -4.774  11.605  -0.077  1.00 20.72 ? 53   ARG A NH2 1 
ATOM   395  N N   . THR A 1 54  ? 2.103   10.531  -4.207  1.00 16.14 ? 54   THR A N   1 
ATOM   396  C CA  . THR A 1 54  ? 3.189   11.482  -4.394  1.00 16.83 ? 54   THR A CA  1 
ATOM   397  C C   . THR A 1 54  ? 2.853   12.542  -5.433  1.00 20.43 ? 54   THR A C   1 
ATOM   398  O O   . THR A 1 54  ? 2.042   12.307  -6.330  1.00 19.69 ? 54   THR A O   1 
ATOM   399  C CB  . THR A 1 54  ? 4.496   10.783  -4.779  1.00 18.95 ? 54   THR A CB  1 
ATOM   400  O OG1 . THR A 1 54  ? 4.327   10.093  -6.026  1.00 20.67 ? 54   THR A OG1 1 
ATOM   401  C CG2 . THR A 1 54  ? 4.890   9.771   -3.704  1.00 21.64 ? 54   THR A CG2 1 
ATOM   402  N N   . ASP A 1 55  ? 3.484   13.705  -5.278  1.00 18.25 ? 55   ASP A N   1 
ATOM   403  C CA  . ASP A 1 55  ? 3.361   14.816  -6.219  1.00 22.04 ? 55   ASP A CA  1 
ATOM   404  C C   . ASP A 1 55  ? 1.914   15.174  -6.503  1.00 22.09 ? 55   ASP A C   1 
ATOM   405  O O   . ASP A 1 55  ? 1.450   15.113  -7.649  1.00 23.53 ? 55   ASP A O   1 
ATOM   406  C CB  . ASP A 1 55  ? 4.106   14.482  -7.514  1.00 24.10 ? 55   ASP A CB  1 
ATOM   407  C CG  . ASP A 1 55  ? 5.605   14.408  -7.315  1.00 29.70 ? 55   ASP A CG  1 
ATOM   408  O OD1 . ASP A 1 55  ? 6.181   15.399  -6.828  1.00 38.74 ? 55   ASP A OD1 1 
ATOM   409  O OD2 . ASP A 1 55  ? 6.202   13.359  -7.634  1.00 36.95 ? 55   ASP A OD2 1 
ATOM   410  N N   . CYS A 1 56  ? 1.198   15.543  -5.448  1.00 20.69 ? 56   CYS A N   1 
ATOM   411  C CA  . CYS A 1 56  ? -0.196  15.931  -5.567  1.00 19.88 ? 56   CYS A CA  1 
ATOM   412  C C   . CYS A 1 56  ? -0.371  17.441  -5.619  1.00 22.19 ? 56   CYS A C   1 
ATOM   413  O O   . CYS A 1 56  ? 0.409   18.207  -5.036  1.00 24.65 ? 56   CYS A O   1 
ATOM   414  C CB  . CYS A 1 56  ? -1.012  15.421  -4.375  1.00 20.91 ? 56   CYS A CB  1 
ATOM   415  S SG  . CYS A 1 56  ? -0.932  13.659  -4.069  1.00 20.51 ? 56   CYS A SG  1 
ATOM   416  N N   . TYR A 1 57  ? -1.420  17.854  -6.318  1.00 23.68 ? 57   TYR A N   1 
ATOM   417  C CA  . TYR A 1 57  ? -1.909  19.225  -6.284  1.00 27.56 ? 57   TYR A CA  1 
ATOM   418  C C   . TYR A 1 57  ? -3.393  19.213  -5.986  1.00 27.21 ? 57   TYR A C   1 
ATOM   419  O O   . TYR A 1 57  ? -4.167  18.551  -6.674  1.00 30.34 ? 57   TYR A O   1 
ATOM   420  C CB  . TYR A 1 57  ? -1.637  19.924  -7.615  1.00 28.98 ? 57   TYR A CB  1 
ATOM   421  C CG  . TYR A 1 57  ? -0.164  20.100  -7.837  1.00 34.15 ? 57   TYR A CG  1 
ATOM   422  C CD1 . TYR A 1 57  ? 0.579   19.110  -8.456  1.00 31.10 ? 57   TYR A CD1 1 
ATOM   423  C CD2 . TYR A 1 57  ? 0.502   21.232  -7.375  1.00 36.35 ? 57   TYR A CD2 1 
ATOM   424  C CE1 . TYR A 1 57  ? 1.939   19.249  -8.644  1.00 35.69 ? 57   TYR A CE1 1 
ATOM   425  C CE2 . TYR A 1 57  ? 1.868   21.381  -7.557  1.00 37.46 ? 57   TYR A CE2 1 
ATOM   426  C CZ  . TYR A 1 57  ? 2.579   20.382  -8.190  1.00 36.60 ? 57   TYR A CZ  1 
ATOM   427  O OH  . TYR A 1 57  ? 3.936   20.498  -8.383  1.00 42.34 ? 57   TYR A OH  1 
ATOM   428  N N   . PHE A 1 58  ? -3.790  19.936  -4.947  1.00 27.85 ? 58   PHE A N   1 
ATOM   429  C CA  . PHE A 1 58  ? -5.191  20.027  -4.586  1.00 29.97 ? 58   PHE A CA  1 
ATOM   430  C C   . PHE A 1 58  ? -5.583  21.488  -4.436  1.00 33.83 ? 58   PHE A C   1 
ATOM   431  O O   . PHE A 1 58  ? -4.777  22.315  -4.008  1.00 38.46 ? 58   PHE A O   1 
ATOM   432  C CB  . PHE A 1 58  ? -5.465  19.268  -3.283  1.00 28.61 ? 58   PHE A CB  1 
ATOM   433  C CG  . PHE A 1 58  ? -5.287  17.781  -3.401  1.00 27.24 ? 58   PHE A CG  1 
ATOM   434  C CD1 . PHE A 1 58  ? -6.199  17.022  -4.114  1.00 27.01 ? 58   PHE A CD1 1 
ATOM   435  C CD2 . PHE A 1 58  ? -4.213  17.141  -2.798  1.00 23.63 ? 58   PHE A CD2 1 
ATOM   436  C CE1 . PHE A 1 58  ? -6.048  15.652  -4.235  1.00 25.61 ? 58   PHE A CE1 1 
ATOM   437  C CE2 . PHE A 1 58  ? -4.059  15.768  -2.912  1.00 24.32 ? 58   PHE A CE2 1 
ATOM   438  C CZ  . PHE A 1 58  ? -4.976  15.023  -3.630  1.00 25.27 ? 58   PHE A CZ  1 
ATOM   439  N N   . ASP A 1 59  ? -6.815  21.803  -4.813  1.00 37.83 ? 59   ASP A N   1 
ATOM   440  C CA  . ASP A 1 59  ? -7.342  23.144  -4.612  1.00 42.66 ? 59   ASP A CA  1 
ATOM   441  C C   . ASP A 1 59  ? -8.024  23.209  -3.251  1.00 45.09 ? 59   ASP A C   1 
ATOM   442  O O   . ASP A 1 59  ? -7.935  22.267  -2.460  1.00 44.02 ? 59   ASP A O   1 
ATOM   443  C CB  . ASP A 1 59  ? -8.313  23.528  -5.734  1.00 39.17 ? 59   ASP A CB  1 
ATOM   444  C CG  . ASP A 1 59  ? -9.565  22.671  -5.753  1.00 42.91 ? 59   ASP A CG  1 
ATOM   445  O OD1 . ASP A 1 59  ? -9.908  22.072  -4.711  1.00 42.33 ? 59   ASP A OD1 1 
ATOM   446  O OD2 . ASP A 1 59  ? -10.217 22.601  -6.816  1.00 49.39 ? 59   ASP A OD2 1 
ATOM   447  N N   . ASP A 1 60  ? -8.708  24.314  -2.976  1.00 49.28 ? 60   ASP A N   1 
ATOM   448  C CA  . ASP A 1 60  ? -9.364  24.488  -1.685  1.00 51.52 ? 60   ASP A CA  1 
ATOM   449  C C   . ASP A 1 60  ? -10.525 23.522  -1.449  1.00 49.87 ? 60   ASP A C   1 
ATOM   450  O O   . ASP A 1 60  ? -10.915 23.291  -0.304  1.00 53.03 ? 60   ASP A O   1 
ATOM   451  C CB  . ASP A 1 60  ? -9.828  25.934  -1.506  1.00 57.38 ? 60   ASP A CB  1 
ATOM   452  C CG  . ASP A 1 60  ? -8.775  26.801  -0.845  1.00 64.46 ? 60   ASP A CG  1 
ATOM   453  O OD1 . ASP A 1 60  ? -7.571  26.508  -1.005  1.00 61.68 ? 60   ASP A OD1 1 
ATOM   454  O OD2 . ASP A 1 60  ? -9.155  27.773  -0.155  1.00 74.52 ? 60   ASP A OD2 1 
ATOM   455  N N   . SER A 1 61  ? -11.071 22.959  -2.525  1.00 47.36 ? 61   SER A N   1 
ATOM   456  C CA  . SER A 1 61  ? -12.199 22.035  -2.412  1.00 44.87 ? 61   SER A CA  1 
ATOM   457  C C   . SER A 1 61  ? -11.753 20.583  -2.219  1.00 44.79 ? 61   SER A C   1 
ATOM   458  O O   . SER A 1 61  ? -12.582 19.681  -2.101  1.00 42.83 ? 61   SER A O   1 
ATOM   459  C CB  . SER A 1 61  ? -13.122 22.148  -3.631  1.00 50.14 ? 61   SER A CB  1 
ATOM   460  O OG  . SER A 1 61  ? -12.489 21.674  -4.810  1.00 53.86 ? 61   SER A OG  1 
ATOM   461  N N   . GLY A 1 62  ? -10.442 20.363  -2.183  1.00 40.05 ? 62   GLY A N   1 
ATOM   462  C CA  . GLY A 1 62  ? -9.905  19.028  -1.987  1.00 38.23 ? 62   GLY A CA  1 
ATOM   463  C C   . GLY A 1 62  ? -9.944  18.208  -3.261  1.00 35.22 ? 62   GLY A C   1 
ATOM   464  O O   . GLY A 1 62  ? -9.983  16.979  -3.221  1.00 32.46 ? 62   GLY A O   1 
ATOM   465  N N   . SER A 1 63  ? -9.953  18.897  -4.398  1.00 35.30 ? 63   SER A N   1 
ATOM   466  C CA  . SER A 1 63  ? -9.938  18.238  -5.698  1.00 33.59 ? 63   SER A CA  1 
ATOM   467  C C   . SER A 1 63  ? -8.628  18.543  -6.410  1.00 31.43 ? 63   SER A C   1 
ATOM   468  O O   . SER A 1 63  ? -8.108  19.649  -6.314  1.00 31.70 ? 63   SER A O   1 
ATOM   469  C CB  . SER A 1 63  ? -11.122 18.697  -6.552  1.00 38.15 ? 63   SER A CB  1 
ATOM   470  O OG  . SER A 1 63  ? -12.331 18.112  -6.103  1.00 46.09 ? 63   SER A OG  1 
ATOM   471  N N   . GLY A 1 64  ? -8.084  17.559  -7.119  1.00 28.29 ? 64   GLY A N   1 
ATOM   472  C CA  . GLY A 1 64  ? -6.825  17.763  -7.804  1.00 27.40 ? 64   GLY A CA  1 
ATOM   473  C C   . GLY A 1 64  ? -6.316  16.511  -8.486  1.00 23.63 ? 64   GLY A C   1 
ATOM   474  O O   . GLY A 1 64  ? -7.089  15.761  -9.073  1.00 24.54 ? 64   GLY A O   1 
ATOM   475  N N   . ILE A 1 65  ? -5.007  16.293  -8.405  1.00 23.20 ? 65   ILE A N   1 
ATOM   476  C CA  . ILE A 1 65  ? -4.379  15.151  -9.059  1.00 20.05 ? 65   ILE A CA  1 
ATOM   477  C C   . ILE A 1 65  ? -3.082  14.775  -8.342  1.00 21.60 ? 65   ILE A C   1 
ATOM   478  O O   . ILE A 1 65  ? -2.414  15.637  -7.768  1.00 22.96 ? 65   ILE A O   1 
ATOM   479  C CB  . ILE A 1 65  ? -4.078  15.457  -10.537 1.00 20.77 ? 65   ILE A CB  1 
ATOM   480  C CG1 . ILE A 1 65  ? -3.573  14.205  -11.243 1.00 23.99 ? 65   ILE A CG1 1 
ATOM   481  C CG2 . ILE A 1 65  ? -3.069  16.609  -10.665 1.00 24.39 ? 65   ILE A CG2 1 
ATOM   482  C CD1 . ILE A 1 65  ? -3.742  14.249  -12.735 1.00 30.30 ? 65   ILE A CD1 1 
ATOM   483  N N   . CYS A 1 66  ? -2.743  13.484  -8.352  1.00 19.00 ? 66   CYS A N   1 
ATOM   484  C CA  . CYS A 1 66  ? -1.458  13.007  -7.835  1.00 18.01 ? 66   CYS A CA  1 
ATOM   485  C C   . CYS A 1 66  ? -0.800  12.158  -8.910  1.00 19.44 ? 66   CYS A C   1 
ATOM   486  O O   . CYS A 1 66  ? -1.492  11.527  -9.705  1.00 20.21 ? 66   CYS A O   1 
ATOM   487  C CB  . CYS A 1 66  ? -1.659  12.122  -6.603  1.00 18.95 ? 66   CYS A CB  1 
ATOM   488  S SG  . CYS A 1 66  ? -2.447  12.924  -5.203  1.00 21.03 ? 66   CYS A SG  1 
ATOM   489  N N   . LYS A 1 67  ? 0.531   12.116  -8.919  1.00 20.29 ? 67   LYS A N   1 
ATOM   490  C CA  . LYS A 1 67  ? 1.253   11.320  -9.914  1.00 20.71 ? 67   LYS A CA  1 
ATOM   491  C C   . LYS A 1 67  ? 1.302   9.826   -9.610  1.00 22.28 ? 67   LYS A C   1 
ATOM   492  O O   . LYS A 1 67  ? 1.419   9.009   -10.519 1.00 22.93 ? 67   LYS A O   1 
ATOM   493  C CB  . LYS A 1 67  ? 2.657   11.870  -10.148 1.00 22.06 ? 67   LYS A CB  1 
ATOM   494  C CG  . LYS A 1 67  ? 2.647   13.229  -10.813 1.00 27.10 ? 67   LYS A CG  1 
ATOM   495  C CD  . LYS A 1 67  ? 4.009   13.551  -11.361 1.00 26.30 ? 67   LYS A CD  1 
ATOM   496  C CE  . LYS A 1 67  ? 4.019   14.921  -12.017 1.00 29.25 ? 67   LYS A CE  1 
ATOM   497  N NZ  . LYS A 1 67  ? 5.376   15.235  -12.534 1.00 37.92 ? 67   LYS A NZ  1 
ATOM   498  N N   . THR A 1 68  ? 1.221   9.454   -8.335  1.00 19.62 ? 68   THR A N   1 
ATOM   499  C CA  . THR A 1 68  ? 1.027   8.058   -7.986  1.00 18.40 ? 68   THR A CA  1 
ATOM   500  C C   . THR A 1 68  ? -0.108  7.953   -6.983  1.00 18.85 ? 68   THR A C   1 
ATOM   501  O O   . THR A 1 68  ? -0.266  8.825   -6.130  1.00 18.86 ? 68   THR A O   1 
ATOM   502  C CB  . THR A 1 68  ? 2.302   7.382   -7.405  1.00 19.18 ? 68   THR A CB  1 
ATOM   503  O OG1 . THR A 1 68  ? 2.635   7.952   -6.130  1.00 18.56 ? 68   THR A OG1 1 
ATOM   504  C CG2 . THR A 1 68  ? 3.489   7.535   -8.368  1.00 19.99 ? 68   THR A CG2 1 
ATOM   505  N N   . GLY A 1 69  ? -0.901  6.894   -7.104  1.00 17.76 ? 69   GLY A N   1 
ATOM   506  C CA  . GLY A 1 69  ? -1.929  6.597   -6.128  1.00 17.85 ? 69   GLY A CA  1 
ATOM   507  C C   . GLY A 1 69  ? -3.175  7.457   -6.130  1.00 19.11 ? 69   GLY A C   1 
ATOM   508  O O   . GLY A 1 69  ? -3.949  7.407   -5.181  1.00 19.48 ? 69   GLY A O   1 
ATOM   509  N N   . ASP A 1 70  ? -3.395  8.228   -7.188  1.00 19.49 ? 70   ASP A N   1 
ATOM   510  C CA  . ASP A 1 70  ? -4.550  9.119   -7.234  1.00 17.01 ? 70   ASP A CA  1 
ATOM   511  C C   . ASP A 1 70  ? -5.839  8.321   -7.081  1.00 20.62 ? 70   ASP A C   1 
ATOM   512  O O   . ASP A 1 70  ? -6.003  7.275   -7.715  1.00 19.72 ? 70   ASP A O   1 
ATOM   513  C CB  . ASP A 1 70  ? -4.552  9.875   -8.564  1.00 18.02 ? 70   ASP A CB  1 
ATOM   514  C CG  . ASP A 1 70  ? -5.611  10.947  -8.619  1.00 25.04 ? 70   ASP A CG  1 
ATOM   515  O OD1 . ASP A 1 70  ? -5.445  11.975  -7.942  1.00 26.35 ? 70   ASP A OD1 1 
ATOM   516  O OD2 . ASP A 1 70  ? -6.611  10.748  -9.342  1.00 28.49 ? 70   ASP A OD2 1 
ATOM   517  N N   . CYS A 1 71  ? -6.756  8.818   -6.250  1.00 20.79 ? 71   CYS A N   1 
ATOM   518  C CA  . CYS A 1 71  ? -8.033  8.149   -6.024  1.00 23.57 ? 71   CYS A CA  1 
ATOM   519  C C   . CYS A 1 71  ? -9.164  9.019   -6.560  1.00 27.06 ? 71   CYS A C   1 
ATOM   520  O O   . CYS A 1 71  ? -9.886  9.655   -5.792  1.00 28.41 ? 71   CYS A O   1 
ATOM   521  C CB  . CYS A 1 71  ? -8.246  7.886   -4.532  1.00 23.12 ? 71   CYS A CB  1 
ATOM   522  S SG  . CYS A 1 71  ? -8.268  9.386   -3.523  1.00 23.48 ? 71   CYS A SG  1 
ATOM   523  N N   . GLY A 1 72  ? -9.299  9.061   -7.881  1.00 26.06 ? 72   GLY A N   1 
ATOM   524  C CA  . GLY A 1 72  ? -10.341 9.859   -8.508  1.00 27.44 ? 72   GLY A CA  1 
ATOM   525  C C   . GLY A 1 72  ? -10.234 11.351  -8.252  1.00 28.35 ? 72   GLY A C   1 
ATOM   526  O O   . GLY A 1 72  ? -11.242 12.061  -8.240  1.00 31.07 ? 72   GLY A O   1 
ATOM   527  N N   . GLY A 1 73  ? -9.016  11.837  -8.027  1.00 24.81 ? 73   GLY A N   1 
ATOM   528  C CA  . GLY A 1 73  ? -8.769  13.263  -7.909  1.00 26.08 ? 73   GLY A CA  1 
ATOM   529  C C   . GLY A 1 73  ? -9.163  13.895  -6.588  1.00 26.57 ? 73   GLY A C   1 
ATOM   530  O O   . GLY A 1 73  ? -9.234  15.119  -6.480  1.00 30.59 ? 73   GLY A O   1 
ATOM   531  N N   . LEU A 1 74  ? -9.410  13.068  -5.581  1.00 25.02 ? 74   LEU A N   1 
ATOM   532  C CA  . LEU A 1 74  ? -9.844  13.564  -4.279  1.00 24.05 ? 74   LEU A CA  1 
ATOM   533  C C   . LEU A 1 74  ? -8.721  13.513  -3.243  1.00 26.11 ? 74   LEU A C   1 
ATOM   534  O O   . LEU A 1 74  ? -7.925  12.568  -3.220  1.00 25.70 ? 74   LEU A O   1 
ATOM   535  C CB  . LEU A 1 74  ? -11.032 12.748  -3.771  1.00 27.71 ? 74   LEU A CB  1 
ATOM   536  C CG  . LEU A 1 74  ? -12.296 12.787  -4.632  1.00 32.39 ? 74   LEU A CG  1 
ATOM   537  C CD1 . LEU A 1 74  ? -13.381 11.941  -3.996  1.00 35.90 ? 74   LEU A CD1 1 
ATOM   538  C CD2 . LEU A 1 74  ? -12.759 14.215  -4.825  1.00 33.35 ? 74   LEU A CD2 1 
ATOM   539  N N   . LEU A 1 75  ? -8.660  14.533  -2.395  1.00 25.14 ? 75   LEU A N   1 
ATOM   540  C CA  . LEU A 1 75  ? -7.742  14.533  -1.264  1.00 21.92 ? 75   LEU A CA  1 
ATOM   541  C C   . LEU A 1 75  ? -8.184  13.452  -0.292  1.00 25.43 ? 75   LEU A C   1 
ATOM   542  O O   . LEU A 1 75  ? -7.372  12.669  0.197   1.00 25.53 ? 75   LEU A O   1 
ATOM   543  C CB  . LEU A 1 75  ? -7.732  15.899  -0.571  1.00 24.27 ? 75   LEU A CB  1 
ATOM   544  C CG  . LEU A 1 75  ? -6.951  15.971  0.744   1.00 27.45 ? 75   LEU A CG  1 
ATOM   545  C CD1 . LEU A 1 75  ? -5.475  15.688  0.524   1.00 29.14 ? 75   LEU A CD1 1 
ATOM   546  C CD2 . LEU A 1 75  ? -7.141  17.331  1.393   1.00 31.30 ? 75   LEU A CD2 1 
ATOM   547  N N   . ARG A 1 76  ? -9.487  13.396  -0.034  1.00 25.84 ? 76   ARG A N   1 
ATOM   548  C CA  . ARG A 1 76  ? -10.044 12.422  0.891   1.00 24.90 ? 76   ARG A CA  1 
ATOM   549  C C   . ARG A 1 76  ? -10.585 11.222  0.122   1.00 27.62 ? 76   ARG A C   1 
ATOM   550  O O   . ARG A 1 76  ? -11.686 11.263  -0.434  1.00 29.95 ? 76   ARG A O   1 
ATOM   551  C CB  . ARG A 1 76  ? -11.121 13.085  1.766   1.00 27.28 ? 76   ARG A CB  1 
ATOM   552  C CG  . ARG A 1 76  ? -10.570 14.257  2.555   1.00 32.33 ? 76   ARG A CG  1 
ATOM   553  C CD  . ARG A 1 76  ? -11.564 14.877  3.524   1.00 39.60 ? 76   ARG A CD  1 
ATOM   554  N NE  . ARG A 1 76  ? -10.855 15.376  4.701   1.00 47.54 ? 76   ARG A NE  1 
ATOM   555  C CZ  . ARG A 1 76  ? -11.240 16.414  5.439   1.00 55.82 ? 76   ARG A CZ  1 
ATOM   556  N NH1 . ARG A 1 76  ? -12.339 17.086  5.126   1.00 60.82 ? 76   ARG A NH1 1 
ATOM   557  N NH2 . ARG A 1 76  ? -10.518 16.783  6.490   1.00 57.00 ? 76   ARG A NH2 1 
ATOM   558  N N   . CYS A 1 77  ? -9.798  10.150  0.079   1.00 24.20 ? 77   CYS A N   1 
ATOM   559  C CA  . CYS A 1 77  ? -10.122 9.006   -0.768  1.00 23.75 ? 77   CYS A CA  1 
ATOM   560  C C   . CYS A 1 77  ? -11.310 8.192   -0.294  1.00 30.00 ? 77   CYS A C   1 
ATOM   561  O O   . CYS A 1 77  ? -11.375 7.793   0.866   1.00 32.37 ? 77   CYS A O   1 
ATOM   562  C CB  . CYS A 1 77  ? -8.922  8.066   -0.899  1.00 22.93 ? 77   CYS A CB  1 
ATOM   563  S SG  . CYS A 1 77  ? -7.509  8.811   -1.729  1.00 22.64 ? 77   CYS A SG  1 
ATOM   564  N N   . LYS A 1 78  ? -12.232 7.934   -1.217  1.00 28.02 ? 78   LYS A N   1 
ATOM   565  C CA  . LYS A 1 78  ? -13.333 7.013   -0.979  1.00 30.66 ? 78   LYS A CA  1 
ATOM   566  C C   . LYS A 1 78  ? -13.043 5.662   -1.618  1.00 30.50 ? 78   LYS A C   1 
ATOM   567  O O   . LYS A 1 78  ? -13.557 4.634   -1.175  1.00 37.62 ? 78   LYS A O   1 
ATOM   568  C CB  . LYS A 1 78  ? -14.639 7.565   -1.554  1.00 34.35 ? 78   LYS A CB  1 
ATOM   569  C CG  . LYS A 1 78  ? -15.066 8.918   -1.009  1.00 42.38 ? 78   LYS A CG  1 
ATOM   570  C CD  . LYS A 1 78  ? -16.403 9.334   -1.622  1.00 48.78 ? 78   LYS A CD  1 
ATOM   571  C CE  . LYS A 1 78  ? -16.574 10.850  -1.665  1.00 54.60 ? 78   LYS A CE  1 
ATOM   572  N NZ  . LYS A 1 78  ? -16.637 11.466  -0.309  1.00 55.83 ? 78   LYS A NZ  1 
ATOM   573  N N   . ARG A 1 79  ? -12.225 5.654   -2.668  1.00 27.14 ? 79   ARG A N   1 
ATOM   574  C CA  . ARG A 1 79  ? -11.909 4.404   -3.347  1.00 28.68 ? 79   ARG A CA  1 
ATOM   575  C C   . ARG A 1 79  ? -10.406 4.199   -3.428  1.00 24.22 ? 79   ARG A C   1 
ATOM   576  O O   . ARG A 1 79  ? -9.640  5.057   -2.992  1.00 24.38 ? 79   ARG A O   1 
ATOM   577  C CB  . ARG A 1 79  ? -12.525 4.373   -4.740  1.00 31.37 ? 79   ARG A CB  1 
ATOM   578  C CG  . ARG A 1 79  ? -12.027 5.458   -5.667  1.00 35.66 ? 79   ARG A CG  1 
ATOM   579  C CD  . ARG A 1 79  ? -12.865 5.490   -6.937  1.00 48.17 ? 79   ARG A CD  1 
ATOM   580  N NE  . ARG A 1 79  ? -12.270 6.323   -7.977  1.00 50.20 ? 79   ARG A NE  1 
ATOM   581  C CZ  . ARG A 1 79  ? -12.334 6.044   -9.276  1.00 54.84 ? 79   ARG A CZ  1 
ATOM   582  N NH1 . ARG A 1 79  ? -12.962 4.949   -9.688  1.00 59.72 ? 79   ARG A NH1 1 
ATOM   583  N NH2 . ARG A 1 79  ? -11.768 6.853   -10.161 1.00 55.12 ? 79   ARG A NH2 1 
ATOM   584  N N   . PHE A 1 80  ? -9.992  3.066   -3.985  1.00 23.57 ? 80   PHE A N   1 
ATOM   585  C CA  . PHE A 1 80  ? -8.573  2.730   -4.061  1.00 21.39 ? 80   PHE A CA  1 
ATOM   586  C C   . PHE A 1 80  ? -7.854  3.591   -5.096  1.00 23.75 ? 80   PHE A C   1 
ATOM   587  O O   . PHE A 1 80  ? -8.484  4.187   -5.970  1.00 25.48 ? 80   PHE A O   1 
ATOM   588  C CB  . PHE A 1 80  ? -8.396  1.240   -4.355  1.00 21.54 ? 80   PHE A CB  1 
ATOM   589  C CG  . PHE A 1 80  ? -8.851  0.349   -3.233  1.00 21.54 ? 80   PHE A CG  1 
ATOM   590  C CD1 . PHE A 1 80  ? -8.630  0.708   -1.915  1.00 24.74 ? 80   PHE A CD1 1 
ATOM   591  C CD2 . PHE A 1 80  ? -9.501  -0.843  -3.500  1.00 22.73 ? 80   PHE A CD2 1 
ATOM   592  C CE1 . PHE A 1 80  ? -9.047  -0.112  -0.877  1.00 25.09 ? 80   PHE A CE1 1 
ATOM   593  C CE2 . PHE A 1 80  ? -9.923  -1.666  -2.468  1.00 26.18 ? 80   PHE A CE2 1 
ATOM   594  C CZ  . PHE A 1 80  ? -9.694  -1.295  -1.153  1.00 24.52 ? 80   PHE A CZ  1 
ATOM   595  N N   . GLY A 1 81  ? -6.532  3.663   -4.979  1.00 19.67 ? 81   GLY A N   1 
ATOM   596  C CA  . GLY A 1 81  ? -5.744  4.540   -5.822  1.00 19.11 ? 81   GLY A CA  1 
ATOM   597  C C   . GLY A 1 81  ? -5.153  3.875   -7.051  1.00 17.85 ? 81   GLY A C   1 
ATOM   598  O O   . GLY A 1 81  ? -5.030  2.657   -7.136  1.00 21.47 ? 81   GLY A O   1 
ATOM   599  N N   . ARG A 1 82  ? -4.772  4.715   -7.999  1.00 18.21 ? 82   ARG A N   1 
ATOM   600  C CA  . ARG A 1 82  ? -4.197  4.262   -9.259  1.00 17.88 ? 82   ARG A CA  1 
ATOM   601  C C   . ARG A 1 82  ? -2.762  3.786   -9.039  1.00 18.70 ? 82   ARG A C   1 
ATOM   602  O O   . ARG A 1 82  ? -1.979  4.471   -8.379  1.00 18.35 ? 82   ARG A O   1 
ATOM   603  C CB  . ARG A 1 82  ? -4.198  5.445   -10.226 1.00 21.00 ? 82   ARG A CB  1 
ATOM   604  C CG  . ARG A 1 82  ? -3.796  5.109   -11.638 1.00 26.62 ? 82   ARG A CG  1 
ATOM   605  C CD  . ARG A 1 82  ? -3.999  6.337   -12.522 1.00 30.72 ? 82   ARG A CD  1 
ATOM   606  N NE  . ARG A 1 82  ? -3.842  5.994   -13.927 1.00 39.48 ? 82   ARG A NE  1 
ATOM   607  C CZ  . ARG A 1 82  ? -2.727  6.198   -14.618 1.00 33.30 ? 82   ARG A CZ  1 
ATOM   608  N NH1 . ARG A 1 82  ? -1.676  6.756   -14.028 1.00 34.13 ? 82   ARG A NH1 1 
ATOM   609  N NH2 . ARG A 1 82  ? -2.660  5.842   -15.894 1.00 39.17 ? 82   ARG A NH2 1 
ATOM   610  N N   . PRO A 1 83  ? -2.400  2.616   -9.578  1.00 16.97 ? 83   PRO A N   1 
ATOM   611  C CA  . PRO A 1 83  ? -1.010  2.167   -9.457  1.00 14.58 ? 83   PRO A CA  1 
ATOM   612  C C   . PRO A 1 83  ? -0.071  3.153   -10.135 1.00 17.21 ? 83   PRO A C   1 
ATOM   613  O O   . PRO A 1 83  ? -0.493  3.876   -11.041 1.00 19.42 ? 83   PRO A O   1 
ATOM   614  C CB  . PRO A 1 83  ? -0.994  0.839   -10.226 1.00 17.73 ? 83   PRO A CB  1 
ATOM   615  C CG  . PRO A 1 83  ? -2.413  0.391   -10.235 1.00 21.49 ? 83   PRO A CG  1 
ATOM   616  C CD  . PRO A 1 83  ? -3.257  1.622   -10.245 1.00 19.06 ? 83   PRO A CD  1 
ATOM   617  N N   . PRO A 1 84  ? 1.208   3.162   -9.739  1.00 16.14 ? 84   PRO A N   1 
ATOM   618  C CA  . PRO A 1 84  ? 1.790   2.227   -8.772  1.00 15.21 ? 84   PRO A CA  1 
ATOM   619  C C   . PRO A 1 84  ? 1.632   2.677   -7.322  1.00 15.66 ? 84   PRO A C   1 
ATOM   620  O O   . PRO A 1 84  ? 1.859   3.846   -6.998  1.00 17.72 ? 84   PRO A O   1 
ATOM   621  C CB  . PRO A 1 84  ? 3.270   2.198   -9.171  1.00 17.62 ? 84   PRO A CB  1 
ATOM   622  C CG  . PRO A 1 84  ? 3.530   3.557   -9.769  1.00 20.08 ? 84   PRO A CG  1 
ATOM   623  C CD  . PRO A 1 84  ? 2.226   4.017   -10.382 1.00 19.00 ? 84   PRO A CD  1 
ATOM   624  N N   . THR A 1 85  ? 1.253   1.740   -6.457  1.00 15.84 ? 85   THR A N   1 
ATOM   625  C CA  . THR A 1 85  ? 1.081   2.025   -5.033  1.00 14.82 ? 85   THR A CA  1 
ATOM   626  C C   . THR A 1 85  ? 1.533   0.846   -4.183  1.00 14.95 ? 85   THR A C   1 
ATOM   627  O O   . THR A 1 85  ? 0.961   -0.243  -4.275  1.00 16.78 ? 85   THR A O   1 
ATOM   628  C CB  . THR A 1 85  ? -0.408  2.233   -4.690  1.00 16.86 ? 85   THR A CB  1 
ATOM   629  O OG1 . THR A 1 85  ? -1.167  1.126   -5.182  1.00 20.44 ? 85   THR A OG1 1 
ATOM   630  C CG2 . THR A 1 85  ? -0.955  3.522   -5.297  1.00 18.44 ? 85   THR A CG2 1 
ATOM   631  N N   . THR A 1 86  ? 2.539   1.051   -3.337  1.00 14.78 ? 86   THR A N   1 
ATOM   632  C CA  . THR A 1 86  ? 2.858   0.059   -2.314  1.00 13.49 ? 86   THR A CA  1 
ATOM   633  C C   . THR A 1 86  ? 1.659   0.030   -1.370  1.00 14.56 ? 86   THR A C   1 
ATOM   634  O O   . THR A 1 86  ? 1.181   1.081   -0.968  1.00 16.86 ? 86   THR A O   1 
ATOM   635  C CB  . THR A 1 86  ? 4.102   0.487   -1.523  1.00 15.58 ? 86   THR A CB  1 
ATOM   636  O OG1 . THR A 1 86  ? 5.087   1.017   -2.419  1.00 15.74 ? 86   THR A OG1 1 
ATOM   637  C CG2 . THR A 1 86  ? 4.689   -0.673  -0.744  1.00 17.80 ? 86   THR A CG2 1 
ATOM   638  N N   . LEU A 1 87  ? 1.168   -1.155  -1.017  1.00 14.08 ? 87   LEU A N   1 
ATOM   639  C CA  . LEU A 1 87  ? -0.060  -1.230  -0.221  1.00 15.87 ? 87   LEU A CA  1 
ATOM   640  C C   . LEU A 1 87  ? 0.133   -1.877  1.139   1.00 16.27 ? 87   LEU A C   1 
ATOM   641  O O   . LEU A 1 87  ? 0.727   -2.949  1.236   1.00 17.95 ? 87   LEU A O   1 
ATOM   642  C CB  . LEU A 1 87  ? -1.118  -2.025  -0.984  1.00 16.74 ? 87   LEU A CB  1 
ATOM   643  C CG  . LEU A 1 87  ? -1.598  -1.332  -2.253  1.00 16.48 ? 87   LEU A CG  1 
ATOM   644  C CD1 . LEU A 1 87  ? -2.427  -2.295  -3.089  1.00 17.47 ? 87   LEU A CD1 1 
ATOM   645  C CD2 . LEU A 1 87  ? -2.410  -0.121  -1.900  1.00 19.64 ? 87   LEU A CD2 1 
ATOM   646  N N   . ALA A 1 88  ? -0.367  -1.215  2.188   1.00 14.20 ? 88   ALA A N   1 
ATOM   647  C CA  . ALA A 1 88  ? -0.540  -1.850  3.492   1.00 14.04 ? 88   ALA A CA  1 
ATOM   648  C C   . ALA A 1 88  ? -1.987  -2.343  3.540   1.00 15.86 ? 88   ALA A C   1 
ATOM   649  O O   . ALA A 1 88  ? -2.914  -1.552  3.376   1.00 19.98 ? 88   ALA A O   1 
ATOM   650  C CB  . ALA A 1 88  ? -0.278  -0.848  4.607   1.00 16.57 ? 88   ALA A CB  1 
ATOM   651  N N   . GLU A 1 89  ? -2.177  -3.647  3.732   1.00 15.20 ? 89   GLU A N   1 
ATOM   652  C CA  . GLU A 1 89  ? -3.509  -4.239  3.630   1.00 15.77 ? 89   GLU A CA  1 
ATOM   653  C C   . GLU A 1 89  ? -3.885  -4.902  4.942   1.00 17.49 ? 89   GLU A C   1 
ATOM   654  O O   . GLU A 1 89  ? -3.045  -5.518  5.592   1.00 18.96 ? 89   GLU A O   1 
ATOM   655  C CB  . GLU A 1 89  ? -3.532  -5.307  2.531   1.00 17.34 ? 89   GLU A CB  1 
ATOM   656  C CG  . GLU A 1 89  ? -3.037  -4.793  1.183   1.00 18.39 ? 89   GLU A CG  1 
ATOM   657  C CD  . GLU A 1 89  ? -3.148  -5.835  0.084   1.00 18.60 ? 89   GLU A CD  1 
ATOM   658  O OE1 . GLU A 1 89  ? -2.684  -6.977  0.278   1.00 20.28 ? 89   GLU A OE1 1 
ATOM   659  O OE2 . GLU A 1 89  ? -3.718  -5.500  -0.974  1.00 22.49 ? 89   GLU A OE2 1 
ATOM   660  N N   . PHE A 1 90  ? -5.154  -4.798  5.319   1.00 18.69 ? 90   PHE A N   1 
ATOM   661  C CA  . PHE A 1 90  ? -5.565  -5.371  6.591   1.00 19.61 ? 90   PHE A CA  1 
ATOM   662  C C   . PHE A 1 90  ? -7.027  -5.750  6.626   1.00 18.58 ? 90   PHE A C   1 
ATOM   663  O O   . PHE A 1 90  ? -7.877  -5.113  6.004   1.00 20.97 ? 90   PHE A O   1 
ATOM   664  C CB  . PHE A 1 90  ? -5.258  -4.399  7.738   1.00 18.49 ? 90   PHE A CB  1 
ATOM   665  C CG  . PHE A 1 90  ? -5.736  -3.004  7.484   1.00 18.30 ? 90   PHE A CG  1 
ATOM   666  C CD1 . PHE A 1 90  ? -4.923  -2.093  6.818   1.00 20.20 ? 90   PHE A CD1 1 
ATOM   667  C CD2 . PHE A 1 90  ? -6.996  -2.595  7.884   1.00 23.35 ? 90   PHE A CD2 1 
ATOM   668  C CE1 . PHE A 1 90  ? -5.354  -0.801  6.565   1.00 20.31 ? 90   PHE A CE1 1 
ATOM   669  C CE2 . PHE A 1 90  ? -7.433  -1.302  7.633   1.00 22.26 ? 90   PHE A CE2 1 
ATOM   670  C CZ  . PHE A 1 90  ? -6.609  -0.405  6.971   1.00 23.70 ? 90   PHE A CZ  1 
ATOM   671  N N   . SER A 1 91  ? -7.305  -6.810  7.372   1.00 19.81 ? 91   SER A N   1 
ATOM   672  C CA  . SER A 1 91  ? -8.673  -7.176  7.683   1.00 22.61 ? 91   SER A CA  1 
ATOM   673  C C   . SER A 1 91  ? -8.695  -7.399  9.179   1.00 18.90 ? 91   SER A C   1 
ATOM   674  O O   . SER A 1 91  ? -7.874  -8.149  9.705   1.00 24.24 ? 91   SER A O   1 
ATOM   675  C CB  . SER A 1 91  ? -9.075  -8.442  6.932   1.00 23.69 ? 91   SER A CB  1 
ATOM   676  O OG  . SER A 1 91  ? -9.262  -8.155  5.556   1.00 25.38 ? 91   SER A OG  1 
ATOM   677  N N   . LEU A 1 92  ? -9.620  -6.728  9.855   1.00 21.71 ? 92   LEU A N   1 
ATOM   678  C CA  . LEU A 1 92  ? -9.628  -6.723  11.314  1.00 22.76 ? 92   LEU A CA  1 
ATOM   679  C C   . LEU A 1 92  ? -10.766 -7.546  11.908  1.00 21.18 ? 92   LEU A C   1 
ATOM   680  O O   . LEU A 1 92  ? -11.869 -7.580  11.367  1.00 25.15 ? 92   LEU A O   1 
ATOM   681  C CB  . LEU A 1 92  ? -9.719  -5.286  11.827  1.00 23.94 ? 92   LEU A CB  1 
ATOM   682  C CG  . LEU A 1 92  ? -8.716  -4.293  11.225  1.00 24.94 ? 92   LEU A CG  1 
ATOM   683  C CD1 . LEU A 1 92  ? -8.954  -2.891  11.787  1.00 24.56 ? 92   LEU A CD1 1 
ATOM   684  C CD2 . LEU A 1 92  ? -7.302  -4.759  11.485  1.00 25.17 ? 92   LEU A CD2 1 
ATOM   685  N N   . ASN A 1 93  ? -10.469 -8.192  13.031  1.00 23.46 ? 93   ASN A N   1 
ATOM   686  C CA  . ASN A 1 93  ? -11.458 -8.942  13.803  1.00 23.96 ? 93   ASN A CA  1 
ATOM   687  C C   . ASN A 1 93  ? -12.176 -9.973  12.955  1.00 26.16 ? 93   ASN A C   1 
ATOM   688  O O   . ASN A 1 93  ? -13.406 -9.995  12.885  1.00 28.95 ? 93   ASN A O   1 
ATOM   689  C CB  . ASN A 1 93  ? -12.477 -8.000  14.447  1.00 23.65 ? 93   ASN A CB  1 
ATOM   690  C CG  . ASN A 1 93  ? -11.821 -6.856  15.202  1.00 27.86 ? 93   ASN A CG  1 
ATOM   691  O OD1 . ASN A 1 93  ? -11.730 -5.746  14.689  1.00 26.70 ? 93   ASN A OD1 1 
ATOM   692  N ND2 . ASN A 1 93  ? -11.357 -7.125  16.424  1.00 29.00 ? 93   ASN A ND2 1 
ATOM   693  N N   . GLN A 1 94  ? -11.388 -10.816 12.303  1.00 24.83 ? 94   GLN A N   1 
ATOM   694  C CA  . GLN A 1 94  ? -11.926 -11.902 11.503  1.00 27.19 ? 94   GLN A CA  1 
ATOM   695  C C   . GLN A 1 94  ? -11.823 -13.178 12.313  1.00 26.50 ? 94   GLN A C   1 
ATOM   696  O O   . GLN A 1 94  ? -10.757 -13.778 12.422  1.00 25.97 ? 94   GLN A O   1 
ATOM   697  C CB  . GLN A 1 94  ? -11.148 -12.019 10.194  1.00 28.34 ? 94   GLN A CB  1 
ATOM   698  C CG  . GLN A 1 94  ? -11.162 -10.736 9.381   1.00 30.26 ? 94   GLN A CG  1 
ATOM   699  C CD  . GLN A 1 94  ? -12.554 -10.365 8.908   1.00 34.68 ? 94   GLN A CD  1 
ATOM   700  O OE1 . GLN A 1 94  ? -13.194 -11.119 8.175   1.00 38.56 ? 94   GLN A OE1 1 
ATOM   701  N NE2 . GLN A 1 94  ? -13.029 -9.197  9.323   1.00 30.14 ? 94   GLN A NE2 1 
ATOM   702  N N   . TYR A 1 95  ? -12.944 -13.579 12.905  1.00 26.64 ? 95   TYR A N   1 
ATOM   703  C CA  . TYR A 1 95  ? -12.957 -14.744 13.786  1.00 27.21 ? 95   TYR A CA  1 
ATOM   704  C C   . TYR A 1 95  ? -11.851 -14.679 14.837  1.00 28.00 ? 95   TYR A C   1 
ATOM   705  O O   . TYR A 1 95  ? -11.126 -15.653 15.067  1.00 31.03 ? 95   TYR A O   1 
ATOM   706  C CB  . TYR A 1 95  ? -12.882 -16.037 12.971  1.00 28.85 ? 95   TYR A CB  1 
ATOM   707  C CG  . TYR A 1 95  ? -14.018 -16.165 11.985  1.00 33.43 ? 95   TYR A CG  1 
ATOM   708  C CD1 . TYR A 1 95  ? -15.272 -16.610 12.392  1.00 35.94 ? 95   TYR A CD1 1 
ATOM   709  C CD2 . TYR A 1 95  ? -13.847 -15.823 10.651  1.00 38.94 ? 95   TYR A CD2 1 
ATOM   710  C CE1 . TYR A 1 95  ? -16.316 -16.721 11.494  1.00 41.39 ? 95   TYR A CE1 1 
ATOM   711  C CE2 . TYR A 1 95  ? -14.882 -15.930 9.747   1.00 39.92 ? 95   TYR A CE2 1 
ATOM   712  C CZ  . TYR A 1 95  ? -16.116 -16.381 10.172  1.00 47.17 ? 95   TYR A CZ  1 
ATOM   713  O OH  . TYR A 1 95  ? -17.148 -16.487 9.269   1.00 52.28 ? 95   TYR A OH  1 
ATOM   714  N N   . GLY A 1 96  ? -11.726 -13.513 15.471  1.00 27.56 ? 96   GLY A N   1 
ATOM   715  C CA  . GLY A 1 96  ? -10.804 -13.326 16.577  1.00 29.23 ? 96   GLY A CA  1 
ATOM   716  C C   . GLY A 1 96  ? -9.387  -12.892 16.238  1.00 29.62 ? 96   GLY A C   1 
ATOM   717  O O   . GLY A 1 96  ? -8.568  -12.702 17.134  1.00 29.34 ? 96   GLY A O   1 
ATOM   718  N N   . LYS A 1 97  ? -9.091  -12.725 14.952  1.00 26.03 ? 97   LYS A N   1 
ATOM   719  C CA  . LYS A 1 97  ? -7.726  -12.414 14.525  1.00 28.55 ? 97   LYS A CA  1 
ATOM   720  C C   . LYS A 1 97  ? -7.703  -11.205 13.601  1.00 23.87 ? 97   LYS A C   1 
ATOM   721  O O   . LYS A 1 97  ? -8.690  -10.919 12.931  1.00 24.66 ? 97   LYS A O   1 
ATOM   722  C CB  . LYS A 1 97  ? -7.117  -13.612 13.793  1.00 30.16 ? 97   LYS A CB  1 
ATOM   723  C CG  . LYS A 1 97  ? -6.917  -14.858 14.659  1.00 35.21 ? 97   LYS A CG  1 
ATOM   724  C CD  . LYS A 1 97  ? -5.886  -14.612 15.742  1.00 35.39 ? 97   LYS A CD  1 
ATOM   725  C CE  . LYS A 1 97  ? -5.549  -15.891 16.494  1.00 44.62 ? 97   LYS A CE  1 
ATOM   726  N NZ  . LYS A 1 97  ? -4.618  -15.623 17.629  1.00 49.26 ? 97   LYS A NZ  1 
ATOM   727  N N   . ASP A 1 98  ? -6.577  -10.491 13.583  1.00 24.40 ? 98   ASP A N   1 
ATOM   728  C CA  . ASP A 1 98  ? -6.321  -9.466  12.568  1.00 22.68 ? 98   ASP A CA  1 
ATOM   729  C C   . ASP A 1 98  ? -5.335  -10.045 11.558  1.00 23.10 ? 98   ASP A C   1 
ATOM   730  O O   . ASP A 1 98  ? -4.444  -10.809 11.927  1.00 23.39 ? 98   ASP A O   1 
ATOM   731  C CB  . ASP A 1 98  ? -5.646  -8.230  13.177  1.00 20.59 ? 98   ASP A CB  1 
ATOM   732  C CG  . ASP A 1 98  ? -6.570  -7.382  14.021  1.00 26.52 ? 98   ASP A CG  1 
ATOM   733  O OD1 . ASP A 1 98  ? -7.794  -7.637  14.095  1.00 24.19 ? 98   ASP A OD1 1 
ATOM   734  O OD2 . ASP A 1 98  ? -6.045  -6.411  14.610  1.00 23.05 ? 98   ASP A OD2 1 
ATOM   735  N N   . TYR A 1 99  ? -5.471  -9.663  10.288  1.00 20.94 ? 99   TYR A N   1 
ATOM   736  C CA  . TYR A 1 99  ? -4.536  -10.121 9.258   1.00 21.27 ? 99   TYR A CA  1 
ATOM   737  C C   . TYR A 1 99  ? -3.939  -8.926  8.539   1.00 20.83 ? 99   TYR A C   1 
ATOM   738  O O   . TYR A 1 99  ? -4.675  -8.084  8.038   1.00 23.16 ? 99   TYR A O   1 
ATOM   739  C CB  . TYR A 1 99  ? -5.246  -11.027 8.257   1.00 23.05 ? 99   TYR A CB  1 
ATOM   740  C CG  . TYR A 1 99  ? -5.769  -12.290 8.889   1.00 24.43 ? 99   TYR A CG  1 
ATOM   741  C CD1 . TYR A 1 99  ? -4.955  -13.402 9.022   1.00 26.80 ? 99   TYR A CD1 1 
ATOM   742  C CD2 . TYR A 1 99  ? -7.067  -12.361 9.373   1.00 28.40 ? 99   TYR A CD2 1 
ATOM   743  C CE1 . TYR A 1 99  ? -5.422  -14.563 9.613   1.00 30.60 ? 99   TYR A CE1 1 
ATOM   744  C CE2 . TYR A 1 99  ? -7.547  -13.526 9.963   1.00 30.00 ? 99   TYR A CE2 1 
ATOM   745  C CZ  . TYR A 1 99  ? -6.715  -14.616 10.079  1.00 31.30 ? 99   TYR A CZ  1 
ATOM   746  O OH  . TYR A 1 99  ? -7.179  -15.779 10.660  1.00 35.47 ? 99   TYR A OH  1 
ATOM   747  N N   . ILE A 1 100 ? -2.617  -8.854  8.502   1.00 19.65 ? 100  ILE A N   1 
ATOM   748  C CA  . ILE A 1 100 ? -1.945  -7.721  7.848   1.00 19.42 ? 100  ILE A CA  1 
ATOM   749  C C   . ILE A 1 100 ? -0.918  -8.194  6.833   1.00 21.24 ? 100  ILE A C   1 
ATOM   750  O O   . ILE A 1 100 ? -0.359  -9.282  6.946   1.00 21.66 ? 100  ILE A O   1 
ATOM   751  C CB  . ILE A 1 100 ? -1.284  -6.769  8.865   1.00 20.86 ? 100  ILE A CB  1 
ATOM   752  C CG1 . ILE A 1 100 ? -0.068  -7.422  9.536   1.00 22.44 ? 100  ILE A CG1 1 
ATOM   753  C CG2 . ILE A 1 100 ? -2.315  -6.308  9.882   1.00 21.76 ? 100  ILE A CG2 1 
ATOM   754  C CD1 . ILE A 1 100 ? 0.765   -6.444  10.369  1.00 25.42 ? 100  ILE A CD1 1 
ATOM   755  N N   . ASP A 1 101 ? -0.694  -7.376  5.813   1.00 18.22 ? 101  ASP A N   1 
ATOM   756  C CA  . ASP A 1 101 ? 0.358   -7.671  4.854   1.00 18.68 ? 101  ASP A CA  1 
ATOM   757  C C   . ASP A 1 101 ? 0.759   -6.408  4.124   1.00 16.37 ? 101  ASP A C   1 
ATOM   758  O O   . ASP A 1 101 ? 0.075   -5.393  4.190   1.00 16.62 ? 101  ASP A O   1 
ATOM   759  C CB  . ASP A 1 101 ? -0.091  -8.733  3.831   1.00 19.82 ? 101  ASP A CB  1 
ATOM   760  C CG  . ASP A 1 101 ? -1.225  -8.256  2.940   1.00 20.77 ? 101  ASP A CG  1 
ATOM   761  O OD1 . ASP A 1 101 ? -0.964  -7.516  1.966   1.00 19.05 ? 101  ASP A OD1 1 
ATOM   762  O OD2 . ASP A 1 101 ? -2.387  -8.609  3.206   1.00 23.71 ? 101  ASP A OD2 1 
ATOM   763  N N   . ILE A 1 102 ? 1.895   -6.489  3.444   1.00 17.02 ? 102  ILE A N   1 
ATOM   764  C CA  . ILE A 1 102 ? 2.247   -5.486  2.456   1.00 15.35 ? 102  ILE A CA  1 
ATOM   765  C C   . ILE A 1 102 ? 2.209   -6.164  1.098   1.00 16.54 ? 102  ILE A C   1 
ATOM   766  O O   . ILE A 1 102 ? 2.580   -7.332  0.962   1.00 17.47 ? 102  ILE A O   1 
ATOM   767  C CB  . ILE A 1 102 ? 3.632   -4.894  2.705   1.00 17.39 ? 102  ILE A CB  1 
ATOM   768  C CG1 . ILE A 1 102 ? 3.605   -4.044  3.977   1.00 17.95 ? 102  ILE A CG1 1 
ATOM   769  C CG2 . ILE A 1 102 ? 4.061   -4.010  1.521   1.00 19.76 ? 102  ILE A CG2 1 
ATOM   770  C CD1 . ILE A 1 102 ? 4.967   -3.500  4.350   1.00 22.23 ? 102  ILE A CD1 1 
ATOM   771  N N   . SER A 1 103 ? 1.728   -5.431  0.103   1.00 15.66 ? 103  SER A N   1 
ATOM   772  C CA  . SER A 1 103 ? 1.573   -5.968  -1.245  1.00 15.69 ? 103  SER A CA  1 
ATOM   773  C C   . SER A 1 103 ? 2.216   -5.070  -2.289  1.00 15.30 ? 103  SER A C   1 
ATOM   774  O O   . SER A 1 103 ? 2.071   -3.845  -2.230  1.00 16.64 ? 103  SER A O   1 
ATOM   775  C CB  . SER A 1 103 ? 0.096   -6.108  -1.571  1.00 17.00 ? 103  SER A CB  1 
ATOM   776  O OG  . SER A 1 103 ? -0.084  -6.556  -2.910  1.00 19.62 ? 103  SER A OG  1 
ATOM   777  N N   . ASN A 1 104 ? 2.903   -5.697  -3.250  1.00 16.06 ? 104  ASN A N   1 
ATOM   778  C CA  . ASN A 1 104 ? 3.403   -5.036  -4.462  1.00 15.63 ? 104  ASN A CA  1 
ATOM   779  C C   . ASN A 1 104 ? 2.615   -5.464  -5.693  1.00 15.21 ? 104  ASN A C   1 
ATOM   780  O O   . ASN A 1 104 ? 3.077   -5.286  -6.830  1.00 16.50 ? 104  ASN A O   1 
ATOM   781  C CB  . ASN A 1 104 ? 4.880   -5.384  -4.692  1.00 15.35 ? 104  ASN A CB  1 
ATOM   782  C CG  . ASN A 1 104 ? 5.801   -4.658  -3.736  1.00 19.05 ? 104  ASN A CG  1 
ATOM   783  O OD1 . ASN A 1 104 ? 5.570   -3.499  -3.406  1.00 20.74 ? 104  ASN A OD1 1 
ATOM   784  N ND2 . ASN A 1 104 ? 6.855   -5.332  -3.297  1.00 19.61 ? 104  ASN A ND2 1 
ATOM   785  N N   . ILE A 1 105 ? 1.434   -6.038  -5.487  1.00 14.94 ? 105  ILE A N   1 
ATOM   786  C CA  . ILE A 1 105 ? 0.627   -6.521  -6.616  1.00 15.89 ? 105  ILE A CA  1 
ATOM   787  C C   . ILE A 1 105 ? 0.161   -5.374  -7.514  1.00 17.07 ? 105  ILE A C   1 
ATOM   788  O O   . ILE A 1 105 ? -0.080  -5.577  -8.714  1.00 17.97 ? 105  ILE A O   1 
ATOM   789  C CB  . ILE A 1 105 ? -0.557  -7.373  -6.108  1.00 17.42 ? 105  ILE A CB  1 
ATOM   790  C CG1 . ILE A 1 105 ? -0.019  -8.693  -5.551  1.00 18.94 ? 105  ILE A CG1 1 
ATOM   791  C CG2 . ILE A 1 105 ? -1.552  -7.665  -7.220  1.00 22.73 ? 105  ILE A CG2 1 
ATOM   792  C CD1 . ILE A 1 105 ? -1.053  -9.493  -4.777  1.00 22.54 ? 105  ILE A CD1 1 
ATOM   793  N N   . LYS A 1 106 ? 0.067   -4.171  -6.943  1.00 15.65 ? 106  LYS A N   1 
ATOM   794  C CA  . LYS A 1 106 ? -0.299  -2.971  -7.696  1.00 15.94 ? 106  LYS A CA  1 
ATOM   795  C C   . LYS A 1 106 ? 0.909   -2.037  -7.804  1.00 15.24 ? 106  LYS A C   1 
ATOM   796  O O   . LYS A 1 106 ? 0.768   -0.818  -7.934  1.00 17.50 ? 106  LYS A O   1 
ATOM   797  C CB  . LYS A 1 106 ? -1.470  -2.250  -7.021  1.00 18.05 ? 106  LYS A CB  1 
ATOM   798  C CG  . LYS A 1 106 ? -2.754  -3.058  -6.953  1.00 21.41 ? 106  LYS A CG  1 
ATOM   799  C CD  . LYS A 1 106 ? -3.329  -3.218  -8.338  1.00 28.20 ? 106  LYS A CD  1 
ATOM   800  C CE  . LYS A 1 106 ? -4.727  -3.817  -8.304  1.00 34.00 ? 106  LYS A CE  1 
ATOM   801  N NZ  . LYS A 1 106 ? -5.241  -3.949  -9.697  1.00 39.93 ? 106  LYS A NZ  1 
ATOM   802  N N   . GLY A 1 107 ? 2.098   -2.628  -7.770  1.00 15.81 ? 107  GLY A N   1 
ATOM   803  C CA  . GLY A 1 107 ? 3.321   -1.876  -7.972  1.00 14.80 ? 107  GLY A CA  1 
ATOM   804  C C   . GLY A 1 107 ? 3.839   -1.268  -6.680  1.00 16.26 ? 107  GLY A C   1 
ATOM   805  O O   . GLY A 1 107 ? 3.385   -1.597  -5.578  1.00 18.77 ? 107  GLY A O   1 
ATOM   806  N N   . PHE A 1 108 ? 4.821   -0.399  -6.836  1.00 15.09 ? 108  PHE A N   1 
ATOM   807  C CA  . PHE A 1 108 ? 5.541   0.178   -5.703  1.00 14.83 ? 108  PHE A CA  1 
ATOM   808  C C   . PHE A 1 108 ? 5.803   1.638   -5.987  1.00 16.82 ? 108  PHE A C   1 
ATOM   809  O O   . PHE A 1 108 ? 6.212   2.013   -7.084  1.00 16.52 ? 108  PHE A O   1 
ATOM   810  C CB  . PHE A 1 108 ? 6.863   -0.597  -5.514  1.00 15.93 ? 108  PHE A CB  1 
ATOM   811  C CG  . PHE A 1 108 ? 7.772   -0.043  -4.448  1.00 15.33 ? 108  PHE A CG  1 
ATOM   812  C CD1 . PHE A 1 108 ? 8.566   1.063   -4.701  1.00 16.75 ? 108  PHE A CD1 1 
ATOM   813  C CD2 . PHE A 1 108 ? 7.861   -0.670  -3.217  1.00 17.50 ? 108  PHE A CD2 1 
ATOM   814  C CE1 . PHE A 1 108 ? 9.421   1.561   -3.724  1.00 18.49 ? 108  PHE A CE1 1 
ATOM   815  C CE2 . PHE A 1 108 ? 8.719   -0.189  -2.235  1.00 19.01 ? 108  PHE A CE2 1 
ATOM   816  C CZ  . PHE A 1 108 ? 9.497   0.924   -2.486  1.00 17.71 ? 108  PHE A CZ  1 
ATOM   817  N N   . ASN A 1 109 ? 5.540   2.482   -4.999  1.00 15.17 ? 109  ASN A N   1 
ATOM   818  C CA  . ASN A 1 109 ? 5.898   3.892   -5.134  1.00 14.38 ? 109  ASN A CA  1 
ATOM   819  C C   . ASN A 1 109 ? 6.778   4.394   -3.995  1.00 16.27 ? 109  ASN A C   1 
ATOM   820  O O   . ASN A 1 109 ? 7.774   5.075   -4.244  1.00 18.40 ? 109  ASN A O   1 
ATOM   821  C CB  . ASN A 1 109 ? 4.671   4.801   -5.358  1.00 15.89 ? 109  ASN A CB  1 
ATOM   822  C CG  . ASN A 1 109 ? 3.682   4.793   -4.194  1.00 16.04 ? 109  ASN A CG  1 
ATOM   823  O OD1 . ASN A 1 109 ? 3.646   3.873   -3.384  1.00 15.72 ? 109  ASN A OD1 1 
ATOM   824  N ND2 . ASN A 1 109 ? 2.861   5.831   -4.135  1.00 15.99 ? 109  ASN A ND2 1 
ATOM   825  N N   . VAL A 1 110 ? 6.436   4.020   -2.762  1.00 15.73 ? 110  VAL A N   1 
ATOM   826  C CA  . VAL A 1 110 ? 7.153   4.506   -1.582  1.00 17.44 ? 110  VAL A CA  1 
ATOM   827  C C   . VAL A 1 110 ? 7.458   3.319   -0.682  1.00 16.52 ? 110  VAL A C   1 
ATOM   828  O O   . VAL A 1 110 ? 6.611   2.434   -0.516  1.00 16.98 ? 110  VAL A O   1 
ATOM   829  C CB  . VAL A 1 110 ? 6.268   5.510   -0.814  1.00 17.77 ? 110  VAL A CB  1 
ATOM   830  C CG1 . VAL A 1 110 ? 6.952   5.987   0.457   1.00 22.13 ? 110  VAL A CG1 1 
ATOM   831  C CG2 . VAL A 1 110 ? 5.923   6.700   -1.702  1.00 20.46 ? 110  VAL A CG2 1 
ATOM   832  N N   . PRO A 1 111 ? 8.660   3.273   -0.095  1.00 15.07 ? 111  PRO A N   1 
ATOM   833  C CA  . PRO A 1 111 ? 8.970   2.179   0.831   1.00 15.90 ? 111  PRO A CA  1 
ATOM   834  C C   . PRO A 1 111 ? 8.151   2.300   2.108   1.00 15.72 ? 111  PRO A C   1 
ATOM   835  O O   . PRO A 1 111 ? 7.749   3.407   2.489   1.00 16.51 ? 111  PRO A O   1 
ATOM   836  C CB  . PRO A 1 111 ? 10.460  2.364   1.125   1.00 19.19 ? 111  PRO A CB  1 
ATOM   837  C CG  . PRO A 1 111 ? 10.742  3.787   0.806   1.00 19.56 ? 111  PRO A CG  1 
ATOM   838  C CD  . PRO A 1 111 ? 9.795   4.191   -0.283  1.00 17.18 ? 111  PRO A CD  1 
ATOM   839  N N   . MET A 1 112 ? 7.938   1.176   2.776   1.00 17.22 ? 112  MET A N   1 
ATOM   840  C CA  . MET A 1 112 ? 6.945   1.130   3.839   1.00 16.46 ? 112  MET A CA  1 
ATOM   841  C C   . MET A 1 112 ? 7.262   0.058   4.871   1.00 17.75 ? 112  MET A C   1 
ATOM   842  O O   . MET A 1 112 ? 7.746   -1.018  4.527   1.00 18.13 ? 112  MET A O   1 
ATOM   843  C CB  . MET A 1 112 ? 5.578   0.865   3.194   1.00 24.21 ? 112  MET A CB  1 
ATOM   844  C CG  . MET A 1 112 ? 4.450   0.519   4.125   1.00 26.68 ? 112  MET A CG  1 
ATOM   845  S SD  . MET A 1 112 ? 3.052   -0.066  3.133   1.00 24.27 ? 112  MET A SD  1 
ATOM   846  C CE  . MET A 1 112 ? 2.494   1.473   2.440   1.00 22.13 ? 112  MET A CE  1 
ATOM   847  N N   . ASN A 1 113 ? 7.018   0.388   6.142   1.00 16.86 ? 113  ASN A N   1 
ATOM   848  C CA  . ASN A 1 113 ? 6.981   -0.578  7.232   1.00 17.78 ? 113  ASN A CA  1 
ATOM   849  C C   . ASN A 1 113 ? 5.562   -0.599  7.804   1.00 16.63 ? 113  ASN A C   1 
ATOM   850  O O   . ASN A 1 113 ? 4.935   0.454   7.953   1.00 18.63 ? 113  ASN A O   1 
ATOM   851  C CB  . ASN A 1 113 ? 7.986   -0.177  8.318   1.00 17.79 ? 113  ASN A CB  1 
ATOM   852  C CG  . ASN A 1 113 ? 8.038   -1.170  9.457   1.00 21.52 ? 113  ASN A CG  1 
ATOM   853  O OD1 . ASN A 1 113 ? 8.871   -2.075  9.475   1.00 24.78 ? 113  ASN A OD1 1 
ATOM   854  N ND2 . ASN A 1 113 ? 7.134   -1.019  10.405  1.00 20.66 ? 113  ASN A ND2 1 
ATOM   855  N N   . PHE A 1 114 ? 5.050   -1.789  8.115   1.00 18.91 ? 114  PHE A N   1 
ATOM   856  C CA  . PHE A 1 114 ? 3.705   -1.937  8.663   1.00 18.66 ? 114  PHE A CA  1 
ATOM   857  C C   . PHE A 1 114 ? 3.842   -2.843  9.877   1.00 22.13 ? 114  PHE A C   1 
ATOM   858  O O   . PHE A 1 114 ? 4.060   -4.050  9.730   1.00 20.89 ? 114  PHE A O   1 
ATOM   859  C CB  . PHE A 1 114 ? 2.810   -2.583  7.597   1.00 17.35 ? 114  PHE A CB  1 
ATOM   860  C CG  . PHE A 1 114 ? 1.344   -2.660  7.945   1.00 16.55 ? 114  PHE A CG  1 
ATOM   861  C CD1 . PHE A 1 114 ? 0.813   -2.082  9.086   1.00 19.34 ? 114  PHE A CD1 1 
ATOM   862  C CD2 . PHE A 1 114 ? 0.489   -3.365  7.101   1.00 18.09 ? 114  PHE A CD2 1 
ATOM   863  C CE1 . PHE A 1 114 ? -0.559  -2.186  9.364   1.00 20.20 ? 114  PHE A CE1 1 
ATOM   864  C CE2 . PHE A 1 114 ? -0.866  -3.482  7.370   1.00 19.75 ? 114  PHE A CE2 1 
ATOM   865  C CZ  . PHE A 1 114 ? -1.400  -2.890  8.496   1.00 19.17 ? 114  PHE A CZ  1 
ATOM   866  N N   . SER A 1 115 ? 3.755   -2.260  11.072  1.00 20.36 ? 115  SER A N   1 
ATOM   867  C CA  . SER A 1 115 ? 4.021   -3.006  12.314  1.00 21.57 ? 115  SER A CA  1 
ATOM   868  C C   . SER A 1 115 ? 2.921   -2.794  13.346  1.00 23.23 ? 115  SER A C   1 
ATOM   869  O O   . SER A 1 115 ? 2.289   -1.744  13.391  1.00 22.87 ? 115  SER A O   1 
ATOM   870  C CB  . SER A 1 115 ? 5.354   -2.573  12.930  1.00 24.03 ? 115  SER A CB  1 
ATOM   871  O OG  . SER A 1 115 ? 6.443   -2.917  12.096  1.00 26.10 ? 115  SER A OG  1 
ATOM   872  N N   . PRO A 1 116 ? 2.683   -3.803  14.190  1.00 21.35 ? 116  PRO A N   1 
ATOM   873  C CA  . PRO A 1 116 ? 1.763   -3.577  15.308  1.00 21.00 ? 116  PRO A CA  1 
ATOM   874  C C   . PRO A 1 116 ? 2.432   -2.719  16.374  1.00 24.62 ? 116  PRO A C   1 
ATOM   875  O O   . PRO A 1 116 ? 3.657   -2.774  16.509  1.00 27.35 ? 116  PRO A O   1 
ATOM   876  C CB  . PRO A 1 116 ? 1.523   -4.991  15.841  1.00 25.92 ? 116  PRO A CB  1 
ATOM   877  C CG  . PRO A 1 116 ? 2.775   -5.720  15.509  1.00 26.29 ? 116  PRO A CG  1 
ATOM   878  C CD  . PRO A 1 116 ? 3.196   -5.182  14.155  1.00 23.91 ? 116  PRO A CD  1 
ATOM   879  N N   . THR A 1 117 ? 1.641   -1.928  17.096  1.00 24.15 ? 117  THR A N   1 
ATOM   880  C CA  . THR A 1 117 ? 2.132   -1.140  18.232  1.00 25.21 ? 117  THR A CA  1 
ATOM   881  C C   . THR A 1 117 ? 1.702   -1.792  19.534  1.00 30.20 ? 117  THR A C   1 
ATOM   882  O O   . THR A 1 117 ? 2.018   -1.303  20.624  1.00 34.91 ? 117  THR A O   1 
ATOM   883  C CB  . THR A 1 117 ? 1.605   0.298   18.211  1.00 26.22 ? 117  THR A CB  1 
ATOM   884  O OG1 . THR A 1 117 ? 0.175   0.285   18.203  1.00 29.23 ? 117  THR A OG1 1 
ATOM   885  C CG2 . THR A 1 117 ? 2.117   1.035   16.982  1.00 28.31 ? 117  THR A CG2 1 
ATOM   886  N N   . THR A 1 118 ? 0.966   -2.889  19.407  1.00 30.34 ? 118  THR A N   1 
ATOM   887  C CA  . THR A 1 118 ? 0.594   -3.722  20.546  1.00 32.32 ? 118  THR A CA  1 
ATOM   888  C C   . THR A 1 118 ? 1.293   -5.078  20.411  1.00 36.05 ? 118  THR A C   1 
ATOM   889  O O   . THR A 1 118 ? 1.878   -5.380  19.372  1.00 37.97 ? 118  THR A O   1 
ATOM   890  C CB  . THR A 1 118 ? -0.938  -3.878  20.658  1.00 31.87 ? 118  THR A CB  1 
ATOM   891  O OG1 . THR A 1 118 ? -1.481  -4.305  19.400  1.00 31.94 ? 118  THR A OG1 1 
ATOM   892  C CG2 . THR A 1 118 ? -1.582  -2.554  21.045  1.00 35.42 ? 118  THR A CG2 1 
ATOM   893  N N   . ARG A 1 119 ? 1.249   -5.895  21.456  1.00 41.60 ? 119  ARG A N   1 
ATOM   894  C CA  . ARG A 1 119 ? 2.029   -7.130  21.450  1.00 41.14 ? 119  ARG A CA  1 
ATOM   895  C C   . ARG A 1 119 ? 1.315   -8.270  20.736  1.00 41.97 ? 119  ARG A C   1 
ATOM   896  O O   . ARG A 1 119 ? 0.101   -8.222  20.526  1.00 44.14 ? 119  ARG A O   1 
ATOM   897  C CB  . ARG A 1 119 ? 2.385   -7.553  22.878  1.00 54.24 ? 119  ARG A CB  1 
ATOM   898  C CG  . ARG A 1 119 ? 3.369   -8.716  22.945  1.00 59.83 ? 119  ARG A CG  1 
ATOM   899  C CD  . ARG A 1 119 ? 3.647   -9.131  24.383  1.00 67.66 ? 119  ARG A CD  1 
ATOM   900  N NE  . ARG A 1 119 ? 2.459   -9.678  25.032  1.00 77.06 ? 119  ARG A NE  1 
ATOM   901  C CZ  . ARG A 1 119 ? 2.394   -10.002 26.319  1.00 82.52 ? 119  ARG A CZ  1 
ATOM   902  N NH1 . ARG A 1 119 ? 3.452   -9.832  27.102  1.00 82.16 ? 119  ARG A NH1 1 
ATOM   903  N NH2 . ARG A 1 119 ? 1.269   -10.496 26.825  1.00 83.85 ? 119  ARG A NH2 1 
ATOM   904  N N   . GLY A 1 120 ? 2.072   -9.292  20.349  1.00 41.49 ? 120  GLY A N   1 
ATOM   905  C CA  . GLY A 1 120 ? 1.468   -10.513 19.853  1.00 40.48 ? 120  GLY A CA  1 
ATOM   906  C C   . GLY A 1 120 ? 1.785   -10.911 18.424  1.00 40.86 ? 120  GLY A C   1 
ATOM   907  O O   . GLY A 1 120 ? 1.332   -11.959 17.966  1.00 38.78 ? 120  GLY A O   1 
ATOM   908  N N   . CYS A 1 121 ? 2.549   -10.089 17.713  1.00 37.62 ? 121  CYS A N   1 
ATOM   909  C CA  . CYS A 1 121 ? 2.927   -10.430 16.345  1.00 36.08 ? 121  CYS A CA  1 
ATOM   910  C C   . CYS A 1 121 ? 4.057   -9.550  15.820  1.00 38.34 ? 121  CYS A C   1 
ATOM   911  O O   . CYS A 1 121 ? 4.446   -8.573  16.459  1.00 39.08 ? 121  CYS A O   1 
ATOM   912  C CB  . CYS A 1 121 ? 1.713   -10.360 15.413  1.00 32.70 ? 121  CYS A CB  1 
ATOM   913  S SG  . CYS A 1 121 ? 0.814   -8.796  15.482  1.00 32.25 ? 121  CYS A SG  1 
ATOM   914  N N   . ARG A 1 122 ? 4.572   -9.907  14.648  1.00 35.38 ? 122  ARG A N   1 
ATOM   915  C CA  . ARG A 1 122 ? 5.685   -9.197  14.031  1.00 37.75 ? 122  ARG A CA  1 
ATOM   916  C C   . ARG A 1 122 ? 5.170   -8.254  12.960  1.00 31.48 ? 122  ARG A C   1 
ATOM   917  O O   . ARG A 1 122 ? 4.019   -8.353  12.534  1.00 33.91 ? 122  ARG A O   1 
ATOM   918  C CB  . ARG A 1 122 ? 6.659   -10.191 13.395  1.00 40.97 ? 122  ARG A CB  1 
ATOM   919  C CG  . ARG A 1 122 ? 7.310   -11.147 14.384  1.00 53.57 ? 122  ARG A CG  1 
ATOM   920  C CD  . ARG A 1 122 ? 8.223   -12.144 13.678  1.00 62.18 ? 122  ARG A CD  1 
ATOM   921  N NE  . ARG A 1 122 ? 8.823   -13.093 14.615  1.00 67.24 ? 122  ARG A NE  1 
ATOM   922  C CZ  . ARG A 1 122 ? 9.607   -14.107 14.259  1.00 67.20 ? 122  ARG A CZ  1 
ATOM   923  N NH1 . ARG A 1 122 ? 9.890   -14.313 12.979  1.00 68.56 ? 122  ARG A NH1 1 
ATOM   924  N NH2 . ARG A 1 122 ? 10.106  -14.918 15.185  1.00 65.97 ? 122  ARG A NH2 1 
ATOM   925  N N   . GLY A 1 123 ? 6.019   -7.338  12.523  1.00 28.93 ? 123  GLY A N   1 
ATOM   926  C CA  . GLY A 1 123 ? 5.653   -6.453  11.434  1.00 25.47 ? 123  GLY A CA  1 
ATOM   927  C C   . GLY A 1 123 ? 6.259   -6.920  10.128  1.00 27.47 ? 123  GLY A C   1 
ATOM   928  O O   . GLY A 1 123 ? 7.005   -7.899  10.090  1.00 28.84 ? 123  GLY A O   1 
ATOM   929  N N   . VAL A 1 124 ? 5.935   -6.221  9.047   1.00 23.78 ? 124  VAL A N   1 
ATOM   930  C CA  . VAL A 1 124 ? 6.525   -6.524  7.748   1.00 23.42 ? 124  VAL A CA  1 
ATOM   931  C C   . VAL A 1 124 ? 7.015   -5.235  7.106   1.00 21.64 ? 124  VAL A C   1 
ATOM   932  O O   . VAL A 1 124 ? 6.550   -4.146  7.441   1.00 22.42 ? 124  VAL A O   1 
ATOM   933  C CB  . VAL A 1 124 ? 5.520   -7.220  6.828   1.00 26.69 ? 124  VAL A CB  1 
ATOM   934  C CG1 . VAL A 1 124 ? 5.369   -8.688  7.226   1.00 29.51 ? 124  VAL A CG1 1 
ATOM   935  C CG2 . VAL A 1 124 ? 4.192   -6.503  6.876   1.00 27.24 ? 124  VAL A CG2 1 
ATOM   936  N N   . ARG A 1 125 ? 7.954   -5.360  6.179   1.00 21.20 ? 125  ARG A N   1 
ATOM   937  C CA  . ARG A 1 125 ? 8.580   -4.192  5.595   1.00 20.14 ? 125  ARG A CA  1 
ATOM   938  C C   . ARG A 1 125 ? 8.937   -4.439  4.136   1.00 22.75 ? 125  ARG A C   1 
ATOM   939  O O   . ARG A 1 125 ? 9.336   -5.543  3.762   1.00 25.01 ? 125  ARG A O   1 
ATOM   940  C CB  . ARG A 1 125 ? 9.832   -3.849  6.400   1.00 25.90 ? 125  ARG A CB  1 
ATOM   941  C CG  . ARG A 1 125 ? 10.662  -2.693  5.872   1.00 28.87 ? 125  ARG A CG  1 
ATOM   942  C CD  . ARG A 1 125 ? 11.821  -2.403  6.818   1.00 33.08 ? 125  ARG A CD  1 
ATOM   943  N NE  . ARG A 1 125 ? 11.348  -2.001  8.141   1.00 34.69 ? 125  ARG A NE  1 
ATOM   944  C CZ  . ARG A 1 125 ? 12.093  -1.356  9.034   1.00 40.03 ? 125  ARG A CZ  1 
ATOM   945  N NH1 . ARG A 1 125 ? 13.348  -1.039  8.744   1.00 42.59 ? 125  ARG A NH1 1 
ATOM   946  N NH2 . ARG A 1 125 ? 11.583  -1.024  10.213  1.00 40.74 ? 125  ARG A NH2 1 
ATOM   947  N N   . CYS A 1 126 ? 8.777   -3.410  3.313   1.00 20.88 ? 126  CYS A N   1 
ATOM   948  C CA  . CYS A 1 126 ? 9.363   -3.411  1.974   1.00 20.38 ? 126  CYS A CA  1 
ATOM   949  C C   . CYS A 1 126 ? 10.071  -2.076  1.799   1.00 21.69 ? 126  CYS A C   1 
ATOM   950  O O   . CYS A 1 126 ? 9.435   -1.051  1.538   1.00 21.03 ? 126  CYS A O   1 
ATOM   951  C CB  . CYS A 1 126 ? 8.310   -3.620  0.884   1.00 20.04 ? 126  CYS A CB  1 
ATOM   952  S SG  . CYS A 1 126 ? 9.040   -3.547  -0.796  1.00 21.26 ? 126  CYS A SG  1 
ATOM   953  N N   . ALA A 1 127 ? 11.392  -2.085  1.960   1.00 21.47 ? 127  ALA A N   1 
ATOM   954  C CA  . ALA A 1 127 ? 12.143  -0.829  2.006   1.00 22.97 ? 127  ALA A CA  1 
ATOM   955  C C   . ALA A 1 127 ? 13.281  -0.732  0.997   1.00 26.56 ? 127  ALA A C   1 
ATOM   956  O O   . ALA A 1 127 ? 14.091  0.197   1.053   1.00 29.29 ? 127  ALA A O   1 
ATOM   957  C CB  . ALA A 1 127 ? 12.668  -0.586  3.416   1.00 24.55 ? 127  ALA A CB  1 
ATOM   958  N N   . ALA A 1 128 ? 13.326  -1.672  0.063   1.00 24.77 ? 128  ALA A N   1 
ATOM   959  C CA  . ALA A 1 128 ? 14.369  -1.693  -0.955  1.00 22.63 ? 128  ALA A CA  1 
ATOM   960  C C   . ALA A 1 128 ? 14.150  -0.600  -1.989  1.00 24.72 ? 128  ALA A C   1 
ATOM   961  O O   . ALA A 1 128 ? 13.054  -0.054  -2.102  1.00 25.32 ? 128  ALA A O   1 
ATOM   962  C CB  . ALA A 1 128 ? 14.410  -3.055  -1.629  1.00 26.09 ? 128  ALA A CB  1 
ATOM   963  N N   . ASP A 1 129 ? 15.194  -0.280  -2.749  1.00 25.69 ? 129  ASP A N   1 
ATOM   964  C CA  . ASP A 1 129 ? 15.087  0.753   -3.777  1.00 27.00 ? 129  ASP A CA  1 
ATOM   965  C C   . ASP A 1 129 ? 14.481  0.178   -5.046  1.00 26.08 ? 129  ASP A C   1 
ATOM   966  O O   . ASP A 1 129 ? 15.148  0.012   -6.069  1.00 23.69 ? 129  ASP A O   1 
ATOM   967  C CB  . ASP A 1 129 ? 16.448  1.379   -4.089  1.00 30.16 ? 129  ASP A CB  1 
ATOM   968  C CG  . ASP A 1 129 ? 16.339  2.570   -5.023  1.00 31.32 ? 129  ASP A CG  1 
ATOM   969  O OD1 . ASP A 1 129 ? 15.214  3.074   -5.239  1.00 27.63 ? 129  ASP A OD1 1 
ATOM   970  O OD2 . ASP A 1 129 ? 17.386  3.019   -5.533  1.00 38.10 ? 129  ASP A OD2 1 
ATOM   971  N N   . ILE A 1 130 ? 13.196  -0.123  -4.966  1.00 19.78 ? 130  ILE A N   1 
ATOM   972  C CA  . ILE A 1 130 ? 12.509  -0.746  -6.081  1.00 19.02 ? 130  ILE A CA  1 
ATOM   973  C C   . ILE A 1 130 ? 12.364  0.225   -7.255  1.00 21.36 ? 130  ILE A C   1 
ATOM   974  O O   . ILE A 1 130 ? 12.417  -0.189  -8.422  1.00 21.30 ? 130  ILE A O   1 
ATOM   975  C CB  . ILE A 1 130 ? 11.160  -1.335  -5.623  1.00 17.92 ? 130  ILE A CB  1 
ATOM   976  C CG1 . ILE A 1 130 ? 11.404  -2.643  -4.860  1.00 21.69 ? 130  ILE A CG1 1 
ATOM   977  C CG2 . ILE A 1 130 ? 10.239  -1.568  -6.810  1.00 20.47 ? 130  ILE A CG2 1 
ATOM   978  C CD1 . ILE A 1 130 ? 10.138  -3.349  -4.402  1.00 21.76 ? 130  ILE A CD1 1 
ATOM   979  N N   . VAL A 1 131 ? 12.202  1.517   -6.984  1.00 19.49 ? 131  VAL A N   1 
ATOM   980  C CA  . VAL A 1 131 ? 12.055  2.455   -8.090  1.00 19.36 ? 131  VAL A CA  1 
ATOM   981  C C   . VAL A 1 131 ? 13.371  2.592   -8.859  1.00 21.11 ? 131  VAL A C   1 
ATOM   982  O O   . VAL A 1 131 ? 13.381  2.630   -10.096 1.00 24.16 ? 131  VAL A O   1 
ATOM   983  C CB  . VAL A 1 131 ? 11.555  3.831   -7.627  1.00 23.58 ? 131  VAL A CB  1 
ATOM   984  C CG1 . VAL A 1 131 ? 11.419  4.759   -8.821  1.00 27.68 ? 131  VAL A CG1 1 
ATOM   985  C CG2 . VAL A 1 131 ? 10.217  3.683   -6.918  1.00 24.63 ? 131  VAL A CG2 1 
ATOM   986  N N   . GLY A 1 132 ? 14.478  2.643   -8.126  1.00 22.26 ? 132  GLY A N   1 
ATOM   987  C CA  . GLY A 1 132 ? 15.782  2.777   -8.753  1.00 23.00 ? 132  GLY A CA  1 
ATOM   988  C C   . GLY A 1 132 ? 16.151  1.579   -9.613  1.00 24.87 ? 132  GLY A C   1 
ATOM   989  O O   . GLY A 1 132 ? 16.788  1.719   -10.666 1.00 25.36 ? 132  GLY A O   1 
ATOM   990  N N   . GLN A 1 133 ? 15.745  0.392   -9.175  1.00 21.52 ? 133  GLN A N   1 
ATOM   991  C CA  . GLN A 1 133 ? 16.134  -0.846  -9.861  1.00 20.36 ? 133  GLN A CA  1 
ATOM   992  C C   . GLN A 1 133 ? 15.080  -1.336  -10.865 1.00 21.09 ? 133  GLN A C   1 
ATOM   993  O O   . GLN A 1 133 ? 15.276  -2.346  -11.549 1.00 22.61 ? 133  GLN A O   1 
ATOM   994  C CB  . GLN A 1 133 ? 16.399  -1.954  -8.837  1.00 23.12 ? 133  GLN A CB  1 
ATOM   995  C CG  . GLN A 1 133 ? 17.436  -1.604  -7.771  1.00 26.14 ? 133  GLN A CG  1 
ATOM   996  C CD  . GLN A 1 133 ? 18.819  -1.388  -8.342  1.00 31.72 ? 133  GLN A CD  1 
ATOM   997  O OE1 . GLN A 1 133 ? 19.060  -1.610  -9.526  1.00 28.39 ? 133  GLN A OE1 1 
ATOM   998  N NE2 . GLN A 1 133 ? 19.740  -0.941  -7.497  1.00 39.06 ? 133  GLN A NE2 1 
ATOM   999  N N   . CYS A 1 134 ? 13.972  -0.606  -10.955 1.00 20.52 ? 134  CYS A N   1 
ATOM   1000 C CA  . CYS A 1 134 ? 12.799  -1.025  -11.733 1.00 20.02 ? 134  CYS A CA  1 
ATOM   1001 C C   . CYS A 1 134 ? 13.140  -1.364  -13.185 1.00 22.08 ? 134  CYS A C   1 
ATOM   1002 O O   . CYS A 1 134 ? 13.771  -0.562  -13.867 1.00 23.04 ? 134  CYS A O   1 
ATOM   1003 C CB  . CYS A 1 134 ? 11.759  0.098   -11.708 1.00 20.38 ? 134  CYS A CB  1 
ATOM   1004 S SG  . CYS A 1 134 ? 10.146  -0.336  -12.382 1.00 18.50 ? 134  CYS A SG  1 
ATOM   1005 N N   . PRO A 1 135 ? 12.700  -2.541  -13.663 1.00 21.53 ? 135  PRO A N   1 
ATOM   1006 C CA  . PRO A 1 135 ? 12.898  -2.887  -15.076 1.00 24.72 ? 135  PRO A CA  1 
ATOM   1007 C C   . PRO A 1 135 ? 12.354  -1.793  -15.981 1.00 24.09 ? 135  PRO A C   1 
ATOM   1008 O O   . PRO A 1 135 ? 11.303  -1.225  -15.695 1.00 22.18 ? 135  PRO A O   1 
ATOM   1009 C CB  . PRO A 1 135 ? 12.058  -4.154  -15.240 1.00 25.22 ? 135  PRO A CB  1 
ATOM   1010 C CG  . PRO A 1 135 ? 12.043  -4.775  -13.892 1.00 24.08 ? 135  PRO A CG  1 
ATOM   1011 C CD  . PRO A 1 135 ? 12.029  -3.622  -12.919 1.00 20.56 ? 135  PRO A CD  1 
ATOM   1012 N N   . ALA A 1 136 ? 13.044  -1.511  -17.083 1.00 24.37 ? 136  ALA A N   1 
ATOM   1013 C CA  . ALA A 1 136 ? 12.646  -0.409  -17.952 1.00 24.34 ? 136  ALA A CA  1 
ATOM   1014 C C   . ALA A 1 136 ? 11.169  -0.440  -18.359 1.00 23.13 ? 136  ALA A C   1 
ATOM   1015 O O   . ALA A 1 136 ? 10.514  0.603   -18.414 1.00 24.74 ? 136  ALA A O   1 
ATOM   1016 C CB  . ALA A 1 136 ? 13.531  -0.374  -19.193 1.00 30.26 ? 136  ALA A CB  1 
ATOM   1017 N N   . LYS A 1 137 ? 10.648  -1.628  -18.655 1.00 23.62 ? 137  LYS A N   1 
ATOM   1018 C CA  . LYS A 1 137 ? 9.278   -1.736  -19.148 1.00 21.95 ? 137  LYS A CA  1 
ATOM   1019 C C   . LYS A 1 137 ? 8.225   -1.472  -18.075 1.00 21.72 ? 137  LYS A C   1 
ATOM   1020 O O   . LYS A 1 137 ? 7.066   -1.194  -18.396 1.00 25.21 ? 137  LYS A O   1 
ATOM   1021 C CB  . LYS A 1 137 ? 9.042   -3.093  -19.813 1.00 25.27 ? 137  LYS A CB  1 
ATOM   1022 C CG  . LYS A 1 137 ? 9.808   -3.260  -21.122 1.00 30.18 ? 137  LYS A CG  1 
ATOM   1023 C CD  . LYS A 1 137 ? 9.490   -4.586  -21.789 1.00 32.92 ? 137  LYS A CD  1 
ATOM   1024 C CE  . LYS A 1 137 ? 10.096  -4.644  -23.182 1.00 39.73 ? 137  LYS A CE  1 
ATOM   1025 N NZ  . LYS A 1 137 ? 9.700   -3.440  -23.968 1.00 43.85 ? 137  LYS A NZ  1 
ATOM   1026 N N   . LEU A 1 138 ? 8.638   -1.518  -16.811 1.00 21.04 ? 138  LEU A N   1 
ATOM   1027 C CA  . LEU A 1 138 ? 7.708   -1.300  -15.697 1.00 19.39 ? 138  LEU A CA  1 
ATOM   1028 C C   . LEU A 1 138 ? 7.799   0.104   -15.112 1.00 19.21 ? 138  LEU A C   1 
ATOM   1029 O O   . LEU A 1 138 ? 7.004   0.468   -14.248 1.00 21.51 ? 138  LEU A O   1 
ATOM   1030 C CB  . LEU A 1 138 ? 7.976   -2.301  -14.571 1.00 17.37 ? 138  LEU A CB  1 
ATOM   1031 C CG  . LEU A 1 138 ? 7.795   -3.773  -14.915 1.00 17.52 ? 138  LEU A CG  1 
ATOM   1032 C CD1 . LEU A 1 138 ? 7.996   -4.613  -13.654 1.00 18.87 ? 138  LEU A CD1 1 
ATOM   1033 C CD2 . LEU A 1 138 ? 6.430   -4.032  -15.529 1.00 19.69 ? 138  LEU A CD2 1 
ATOM   1034 N N   . LYS A 1 139 ? 8.778   0.884   -15.546 1.00 18.07 ? 139  LYS A N   1 
ATOM   1035 C CA  . LYS A 1 139 ? 8.937   2.224   -15.003 1.00 19.12 ? 139  LYS A CA  1 
ATOM   1036 C C   . LYS A 1 139 ? 7.747   3.108   -15.335 1.00 23.01 ? 139  LYS A C   1 
ATOM   1037 O O   . LYS A 1 139 ? 7.306   3.169   -16.483 1.00 26.28 ? 139  LYS A O   1 
ATOM   1038 C CB  . LYS A 1 139 ? 10.205  2.874   -15.550 1.00 24.71 ? 139  LYS A CB  1 
ATOM   1039 C CG  . LYS A 1 139 ? 11.480  2.249   -15.057 1.00 29.59 ? 139  LYS A CG  1 
ATOM   1040 C CD  . LYS A 1 139 ? 12.677  3.005   -15.622 1.00 35.16 ? 139  LYS A CD  1 
ATOM   1041 C CE  . LYS A 1 139 ? 13.966  2.608   -14.933 1.00 40.60 ? 139  LYS A CE  1 
ATOM   1042 N NZ  . LYS A 1 139 ? 15.098  3.481   -15.362 1.00 50.15 ? 139  LYS A NZ  1 
ATOM   1043 N N   . ALA A 1 140 ? 7.225   3.790   -14.322 1.00 21.17 ? 140  ALA A N   1 
ATOM   1044 C CA  . ALA A 1 140 ? 6.150   4.756   -14.512 1.00 24.71 ? 140  ALA A CA  1 
ATOM   1045 C C   . ALA A 1 140 ? 6.749   6.157   -14.613 1.00 27.44 ? 140  ALA A C   1 
ATOM   1046 O O   . ALA A 1 140 ? 7.550   6.549   -13.771 1.00 27.35 ? 140  ALA A O   1 
ATOM   1047 C CB  . ALA A 1 140 ? 5.175   4.690   -13.345 1.00 24.97 ? 140  ALA A CB  1 
ATOM   1048 N N   . PRO A 1 141 ? 6.362   6.912   -15.649 1.00 32.14 ? 141  PRO A N   1 
ATOM   1049 C CA  . PRO A 1 141 ? 6.895   8.262   -15.862 1.00 33.28 ? 141  PRO A CA  1 
ATOM   1050 C C   . PRO A 1 141 ? 6.638   9.185   -14.677 1.00 35.93 ? 141  PRO A C   1 
ATOM   1051 O O   . PRO A 1 141 ? 7.538   9.928   -14.280 1.00 40.35 ? 141  PRO A O   1 
ATOM   1052 C CB  . PRO A 1 141 ? 6.114   8.749   -17.085 1.00 33.54 ? 141  PRO A CB  1 
ATOM   1053 C CG  . PRO A 1 141 ? 5.755   7.507   -17.812 1.00 36.26 ? 141  PRO A CG  1 
ATOM   1054 C CD  . PRO A 1 141 ? 5.459   6.502   -16.734 1.00 32.54 ? 141  PRO A CD  1 
ATOM   1055 N N   . GLY A 1 142 ? 5.429   9.138   -14.124 1.00 33.70 ? 142  GLY A N   1 
ATOM   1056 C CA  . GLY A 1 142 ? 5.085   9.963   -12.982 1.00 36.04 ? 142  GLY A CA  1 
ATOM   1057 C C   . GLY A 1 142 ? 5.882   9.591   -11.748 1.00 34.31 ? 142  GLY A C   1 
ATOM   1058 O O   . GLY A 1 142 ? 5.864   10.297  -10.738 1.00 37.81 ? 142  GLY A O   1 
ATOM   1059 N N   . GLY A 1 143 ? 6.598   8.474   -11.832 1.00 33.99 ? 143  GLY A N   1 
ATOM   1060 C CA  . GLY A 1 143 ? 7.345   7.958   -10.702 1.00 31.69 ? 143  GLY A CA  1 
ATOM   1061 C C   . GLY A 1 143 ? 6.797   6.591   -10.339 1.00 25.72 ? 143  GLY A C   1 
ATOM   1062 O O   . GLY A 1 143 ? 5.647   6.275   -10.641 1.00 31.03 ? 143  GLY A O   1 
ATOM   1063 N N   . GLY A 1 144 ? 7.617   5.769   -9.708  1.00 25.07 ? 144  GLY A N   1 
ATOM   1064 C CA  . GLY A 1 144 ? 7.147   4.479   -9.252  1.00 18.27 ? 144  GLY A CA  1 
ATOM   1065 C C   . GLY A 1 144 ? 7.466   3.367   -10.221 1.00 20.06 ? 144  GLY A C   1 
ATOM   1066 O O   . GLY A 1 144 ? 7.997   3.607   -11.309 1.00 20.58 ? 144  GLY A O   1 
ATOM   1067 N N   . CYS A 1 145 ? 7.157   2.149   -9.801  1.00 16.23 ? 145  CYS A N   1 
ATOM   1068 C CA  . CYS A 1 145 ? 7.438   0.956   -10.592 1.00 14.75 ? 145  CYS A CA  1 
ATOM   1069 C C   . CYS A 1 145 ? 6.147   0.163   -10.675 1.00 15.94 ? 145  CYS A C   1 
ATOM   1070 O O   . CYS A 1 145 ? 5.655   -0.346  -9.672  1.00 16.40 ? 145  CYS A O   1 
ATOM   1071 C CB  . CYS A 1 145 ? 8.545   0.150   -9.912  1.00 16.99 ? 145  CYS A CB  1 
ATOM   1072 S SG  . CYS A 1 145 ? 9.151   -1.255  -10.874 1.00 18.24 ? 145  CYS A SG  1 
ATOM   1073 N N   . ASN A 1 146 ? 5.577   0.087   -11.872 1.00 14.92 ? 146  ASN A N   1 
ATOM   1074 C CA  . ASN A 1 146 ? 4.301   -0.597  -12.064 1.00 16.94 ? 146  ASN A CA  1 
ATOM   1075 C C   . ASN A 1 146 ? 4.448   -2.099  -11.946 1.00 15.85 ? 146  ASN A C   1 
ATOM   1076 O O   . ASN A 1 146 ? 5.495   -2.662  -12.252 1.00 16.23 ? 146  ASN A O   1 
ATOM   1077 C CB  . ASN A 1 146 ? 3.752   -0.331  -13.472 1.00 16.55 ? 146  ASN A CB  1 
ATOM   1078 C CG  . ASN A 1 146 ? 3.191   1.056   -13.640 1.00 21.21 ? 146  ASN A CG  1 
ATOM   1079 O OD1 . ASN A 1 146 ? 2.404   1.513   -12.824 1.00 25.09 ? 146  ASN A OD1 1 
ATOM   1080 N ND2 . ASN A 1 146 ? 3.582   1.729   -14.722 1.00 24.07 ? 146  ASN A ND2 1 
ATOM   1081 N N   . ASP A 1 147 ? 3.369   -2.762  -11.557 1.00 15.19 ? 147  ASP A N   1 
ATOM   1082 C CA  . ASP A 1 147 ? 3.289   -4.207  -11.705 1.00 14.99 ? 147  ASP A CA  1 
ATOM   1083 C C   . ASP A 1 147 ? 3.006   -4.572  -13.165 1.00 15.69 ? 147  ASP A C   1 
ATOM   1084 O O   . ASP A 1 147 ? 2.507   -3.755  -13.957 1.00 15.48 ? 147  ASP A O   1 
ATOM   1085 C CB  . ASP A 1 147 ? 2.167   -4.729  -10.831 1.00 16.67 ? 147  ASP A CB  1 
ATOM   1086 C CG  . ASP A 1 147 ? 0.826   -4.234  -11.292 1.00 17.44 ? 147  ASP A CG  1 
ATOM   1087 O OD1 . ASP A 1 147 ? 0.504   -3.049  -11.043 1.00 16.79 ? 147  ASP A OD1 1 
ATOM   1088 O OD2 . ASP A 1 147 ? 0.101   -5.028  -11.942 1.00 17.77 ? 147  ASP A OD2 1 
ATOM   1089 N N   . ALA A 1 148 ? 3.291   -5.819  -13.507 1.00 15.74 ? 148  ALA A N   1 
ATOM   1090 C CA  . ALA A 1 148 ? 3.160   -6.276  -14.882 1.00 14.96 ? 148  ALA A CA  1 
ATOM   1091 C C   . ALA A 1 148 ? 1.710   -6.384  -15.339 1.00 15.24 ? 148  ALA A C   1 
ATOM   1092 O O   . ALA A 1 148 ? 1.427   -6.293  -16.542 1.00 17.46 ? 148  ALA A O   1 
ATOM   1093 C CB  . ALA A 1 148 ? 3.861   -7.631  -15.035 1.00 16.03 ? 148  ALA A CB  1 
ATOM   1094 N N   . CYS A 1 149 ? 0.781   -6.629  -14.418 1.00 14.86 ? 149  CYS A N   1 
ATOM   1095 C CA  . CYS A 1 149 ? -0.624  -6.695  -14.816 1.00 14.95 ? 149  CYS A CA  1 
ATOM   1096 C C   . CYS A 1 149 ? -1.100  -5.327  -15.295 1.00 16.11 ? 149  CYS A C   1 
ATOM   1097 O O   . CYS A 1 149 ? -1.697  -5.192  -16.358 1.00 17.18 ? 149  CYS A O   1 
ATOM   1098 C CB  . CYS A 1 149 ? -1.486  -7.235  -13.673 1.00 15.48 ? 149  CYS A CB  1 
ATOM   1099 S SG  . CYS A 1 149 ? -3.266  -7.088  -13.924 1.00 18.00 ? 149  CYS A SG  1 
ATOM   1100 N N   . THR A 1 150 ? -0.807  -4.294  -14.516 1.00 14.28 ? 150  THR A N   1 
ATOM   1101 C CA  . THR A 1 150 ? -1.154  -2.941  -14.920 1.00 15.93 ? 150  THR A CA  1 
ATOM   1102 C C   . THR A 1 150 ? -0.593  -2.576  -16.285 1.00 16.28 ? 150  THR A C   1 
ATOM   1103 O O   . THR A 1 150 ? -1.285  -1.983  -17.104 1.00 20.97 ? 150  THR A O   1 
ATOM   1104 C CB  . THR A 1 150 ? -0.628  -1.961  -13.880 1.00 17.00 ? 150  THR A CB  1 
ATOM   1105 O OG1 . THR A 1 150 ? -1.339  -2.179  -12.659 1.00 18.13 ? 150  THR A OG1 1 
ATOM   1106 C CG2 . THR A 1 150 ? -0.836  -0.531  -14.352 1.00 20.15 ? 150  THR A CG2 1 
ATOM   1107 N N   . VAL A 1 151 ? 0.659   -2.949  -16.543 1.00 16.26 ? 151  VAL A N   1 
ATOM   1108 C CA  . VAL A 1 151 ? 1.307   -2.587  -17.796 1.00 15.79 ? 151  VAL A CA  1 
ATOM   1109 C C   . VAL A 1 151 ? 0.810   -3.394  -19.006 1.00 17.84 ? 151  VAL A C   1 
ATOM   1110 O O   . VAL A 1 151 ? 0.481   -2.823  -20.048 1.00 20.09 ? 151  VAL A O   1 
ATOM   1111 C CB  . VAL A 1 151 ? 2.836   -2.718  -17.676 1.00 17.00 ? 151  VAL A CB  1 
ATOM   1112 C CG1 . VAL A 1 151 ? 3.512   -2.446  -19.018 1.00 19.25 ? 151  VAL A CG1 1 
ATOM   1113 C CG2 . VAL A 1 151 ? 3.353   -1.757  -16.598 1.00 19.18 ? 151  VAL A CG2 1 
ATOM   1114 N N   . PHE A 1 152 ? 0.736   -4.711  -18.859 1.00 16.67 ? 152  PHE A N   1 
ATOM   1115 C CA  . PHE A 1 152 ? 0.540   -5.582  -20.024 1.00 16.32 ? 152  PHE A CA  1 
ATOM   1116 C C   . PHE A 1 152 ? -0.861  -6.166  -20.171 1.00 17.58 ? 152  PHE A C   1 
ATOM   1117 O O   . PHE A 1 152 ? -1.239  -6.597  -21.264 1.00 18.34 ? 152  PHE A O   1 
ATOM   1118 C CB  . PHE A 1 152 ? 1.577   -6.713  -20.030 1.00 17.12 ? 152  PHE A CB  1 
ATOM   1119 C CG  . PHE A 1 152 ? 2.980   -6.235  -20.218 1.00 15.12 ? 152  PHE A CG  1 
ATOM   1120 C CD1 . PHE A 1 152 ? 3.418   -5.796  -21.461 1.00 18.03 ? 152  PHE A CD1 1 
ATOM   1121 C CD2 . PHE A 1 152 ? 3.864   -6.208  -19.153 1.00 18.27 ? 152  PHE A CD2 1 
ATOM   1122 C CE1 . PHE A 1 152 ? 4.723   -5.352  -21.635 1.00 21.91 ? 152  PHE A CE1 1 
ATOM   1123 C CE2 . PHE A 1 152 ? 5.163   -5.754  -19.318 1.00 19.00 ? 152  PHE A CE2 1 
ATOM   1124 C CZ  . PHE A 1 152 ? 5.590   -5.319  -20.558 1.00 21.45 ? 152  PHE A CZ  1 
ATOM   1125 N N   . GLN A 1 153 ? -1.626  -6.213  -19.086 1.00 16.93 ? 153  GLN A N   1 
ATOM   1126 C CA  . GLN A 1 153 ? -3.019  -6.660  -19.138 1.00 15.69 ? 153  GLN A CA  1 
ATOM   1127 C C   . GLN A 1 153 ? -3.193  -8.047  -19.768 1.00 16.25 ? 153  GLN A C   1 
ATOM   1128 O O   . GLN A 1 153 ? -4.042  -8.237  -20.641 1.00 19.14 ? 153  GLN A O   1 
ATOM   1129 C CB  . GLN A 1 153 ? -3.879  -5.631  -19.884 1.00 17.47 ? 153  GLN A CB  1 
ATOM   1130 C CG  . GLN A 1 153 ? -3.937  -4.255  -19.203 1.00 20.31 ? 153  GLN A CG  1 
ATOM   1131 C CD  . GLN A 1 153 ? -4.950  -4.207  -18.075 1.00 25.00 ? 153  GLN A CD  1 
ATOM   1132 O OE1 . GLN A 1 153 ? -6.138  -3.968  -18.299 1.00 28.97 ? 153  GLN A OE1 1 
ATOM   1133 N NE2 . GLN A 1 153 ? -4.486  -4.423  -16.853 1.00 28.97 ? 153  GLN A NE2 1 
ATOM   1134 N N   . THR A 1 154 ? -2.397  -9.015  -19.323 1.00 15.93 ? 154  THR A N   1 
ATOM   1135 C CA  . THR A 1 154 ? -2.558  -10.400 -19.782 1.00 15.28 ? 154  THR A CA  1 
ATOM   1136 C C   . THR A 1 154 ? -3.150  -11.261 -18.680 1.00 16.46 ? 154  THR A C   1 
ATOM   1137 O O   . THR A 1 154 ? -3.049  -10.923 -17.490 1.00 16.84 ? 154  THR A O   1 
ATOM   1138 C CB  . THR A 1 154 ? -1.220  -11.044 -20.205 1.00 16.40 ? 154  THR A CB  1 
ATOM   1139 O OG1 . THR A 1 154 ? -0.383  -11.230 -19.059 1.00 18.73 ? 154  THR A OG1 1 
ATOM   1140 C CG2 . THR A 1 154 ? -0.488  -10.185 -21.211 1.00 20.01 ? 154  THR A CG2 1 
ATOM   1141 N N   . SER A 1 155 ? -3.763  -12.378 -19.073 1.00 18.02 ? 155  SER A N   1 
ATOM   1142 C CA  . SER A 1 155 ? -4.293  -13.335 -18.107 1.00 16.93 ? 155  SER A CA  1 
ATOM   1143 C C   . SER A 1 155 ? -3.217  -13.845 -17.153 1.00 18.02 ? 155  SER A C   1 
ATOM   1144 O O   . SER A 1 155 ? -3.479  -14.059 -15.971 1.00 20.12 ? 155  SER A O   1 
ATOM   1145 C CB  . SER A 1 155 ? -4.955  -14.516 -18.822 1.00 22.05 ? 155  SER A CB  1 
ATOM   1146 O OG  . SER A 1 155 ? -6.018  -14.061 -19.632 1.00 28.76 ? 155  SER A OG  1 
ATOM   1147 N N   . GLU A 1 156 ? -2.002  -14.032 -17.655 1.00 15.80 ? 156  GLU A N   1 
ATOM   1148 C CA  . GLU A 1 156 ? -0.942  -14.574 -16.815 1.00 14.99 ? 156  GLU A CA  1 
ATOM   1149 C C   . GLU A 1 156 ? -0.506  -13.574 -15.735 1.00 17.56 ? 156  GLU A C   1 
ATOM   1150 O O   . GLU A 1 156 ? -0.383  -13.943 -14.574 1.00 18.14 ? 156  GLU A O   1 
ATOM   1151 C CB  . GLU A 1 156 ? 0.263   -14.996 -17.656 1.00 17.30 ? 156  GLU A CB  1 
ATOM   1152 C CG  . GLU A 1 156 ? 1.295   -15.829 -16.880 1.00 17.17 ? 156  GLU A CG  1 
ATOM   1153 C CD  . GLU A 1 156 ? 0.750   -17.172 -16.404 1.00 17.01 ? 156  GLU A CD  1 
ATOM   1154 O OE1 . GLU A 1 156 ? -0.320  -17.604 -16.874 1.00 18.35 ? 156  GLU A OE1 1 
ATOM   1155 O OE2 . GLU A 1 156 ? 1.408   -17.812 -15.555 1.00 19.26 ? 156  GLU A OE2 1 
ATOM   1156 N N   . TYR A 1 157 ? -0.289  -12.314 -16.104 1.00 16.04 ? 157  TYR A N   1 
ATOM   1157 C CA  . TYR A 1 157 ? 0.149   -11.340 -15.099 1.00 16.15 ? 157  TYR A CA  1 
ATOM   1158 C C   . TYR A 1 157 ? -0.971  -10.974 -14.131 1.00 18.52 ? 157  TYR A C   1 
ATOM   1159 O O   . TYR A 1 157 ? -0.717  -10.697 -12.955 1.00 19.16 ? 157  TYR A O   1 
ATOM   1160 C CB  . TYR A 1 157 ? 0.670   -10.056 -15.754 1.00 15.85 ? 157  TYR A CB  1 
ATOM   1161 C CG  . TYR A 1 157 ? 1.911   -10.237 -16.590 1.00 16.43 ? 157  TYR A CG  1 
ATOM   1162 C CD1 . TYR A 1 157 ? 2.964   -11.031 -16.151 1.00 18.15 ? 157  TYR A CD1 1 
ATOM   1163 C CD2 . TYR A 1 157 ? 2.021   -9.625  -17.826 1.00 15.85 ? 157  TYR A CD2 1 
ATOM   1164 C CE1 . TYR A 1 157 ? 4.100   -11.194 -16.928 1.00 17.44 ? 157  TYR A CE1 1 
ATOM   1165 C CE2 . TYR A 1 157 ? 3.150   -9.784  -18.606 1.00 16.27 ? 157  TYR A CE2 1 
ATOM   1166 C CZ  . TYR A 1 157 ? 4.177   -10.574 -18.156 1.00 16.32 ? 157  TYR A CZ  1 
ATOM   1167 O OH  . TYR A 1 157 ? 5.289   -10.733 -18.946 1.00 19.17 ? 157  TYR A OH  1 
ATOM   1168 N N   . CYS A 1 158 ? -2.206  -10.943 -14.628 1.00 16.62 ? 158  CYS A N   1 
ATOM   1169 C CA  . CYS A 1 158 ? -3.332  -10.527 -13.789 1.00 17.89 ? 158  CYS A CA  1 
ATOM   1170 C C   . CYS A 1 158 ? -3.993  -11.709 -13.094 1.00 20.30 ? 158  CYS A C   1 
ATOM   1171 O O   . CYS A 1 158 ? -4.867  -11.516 -12.251 1.00 22.81 ? 158  CYS A O   1 
ATOM   1172 C CB  . CYS A 1 158 ? -4.359  -9.744  -14.615 1.00 17.51 ? 158  CYS A CB  1 
ATOM   1173 S SG  . CYS A 1 158 ? -3.663  -8.319  -15.485 1.00 17.98 ? 158  CYS A SG  1 
ATOM   1174 N N   . CYS A 1 159 ? -3.562  -12.922 -13.450 1.00 19.63 ? 159  CYS A N   1 
ATOM   1175 C CA  A CYS A 1 159 ? -4.075  -14.149 -12.842 0.42 20.43 ? 159  CYS A CA  1 
ATOM   1176 C CA  B CYS A 1 159 ? -4.075  -14.154 -12.861 0.58 20.41 ? 159  CYS A CA  1 
ATOM   1177 C C   . CYS A 1 159 ? -5.586  -14.269 -12.999 1.00 23.28 ? 159  CYS A C   1 
ATOM   1178 O O   . CYS A 1 159 ? -6.276  -14.719 -12.091 1.00 24.48 ? 159  CYS A O   1 
ATOM   1179 C CB  A CYS A 1 159 ? -3.692  -14.222 -11.362 0.42 20.61 ? 159  CYS A CB  1 
ATOM   1180 C CB  B CYS A 1 159 ? -3.669  -14.261 -11.397 0.58 20.57 ? 159  CYS A CB  1 
ATOM   1181 S SG  A CYS A 1 159 ? -1.910  -14.272 -11.056 0.42 23.68 ? 159  CYS A SG  1 
ATOM   1182 S SG  B CYS A 1 159 ? -3.384  -15.953 -10.888 0.58 21.33 ? 159  CYS A SG  1 
ATOM   1183 N N   . THR A 1 160 ? -6.073  -13.884 -14.167 1.00 23.06 ? 160  THR A N   1 
ATOM   1184 C CA  . THR A 1 160 ? -7.494  -13.802 -14.454 1.00 23.00 ? 160  THR A CA  1 
ATOM   1185 C C   . THR A 1 160 ? -8.236  -15.134 -14.334 1.00 29.07 ? 160  THR A C   1 
ATOM   1186 O O   . THR A 1 160 ? -9.391  -15.162 -13.905 1.00 35.83 ? 160  THR A O   1 
ATOM   1187 C CB  . THR A 1 160 ? -7.692  -13.231 -15.869 1.00 26.02 ? 160  THR A CB  1 
ATOM   1188 O OG1 . THR A 1 160 ? -6.936  -12.019 -15.988 1.00 28.30 ? 160  THR A OG1 1 
ATOM   1189 C CG2 . THR A 1 160 ? -9.154  -12.934 -16.133 1.00 30.45 ? 160  THR A CG2 1 
ATOM   1190 N N   . THR A 1 161 ? -7.577  -16.227 -14.703 1.00 26.74 ? 161  THR A N   1 
ATOM   1191 C CA  . THR A 1 161 ? -8.231  -17.540 -14.700 1.00 32.14 ? 161  THR A CA  1 
ATOM   1192 C C   . THR A 1 161 ? -8.094  -18.231 -13.349 1.00 35.19 ? 161  THR A C   1 
ATOM   1193 O O   . THR A 1 161 ? -8.639  -19.316 -13.145 1.00 39.90 ? 161  THR A O   1 
ATOM   1194 C CB  . THR A 1 161 ? -7.661  -18.476 -15.775 1.00 32.88 ? 161  THR A CB  1 
ATOM   1195 O OG1 . THR A 1 161 ? -6.361  -18.928 -15.381 1.00 33.44 ? 161  THR A OG1 1 
ATOM   1196 C CG2 . THR A 1 161 ? -7.572  -17.769 -17.126 1.00 35.06 ? 161  THR A CG2 1 
ATOM   1197 N N   . GLY A 1 162 ? -7.361  -17.606 -12.432 1.00 32.40 ? 162  GLY A N   1 
ATOM   1198 C CA  . GLY A 1 162 ? -7.154  -18.184 -11.117 1.00 34.74 ? 162  GLY A CA  1 
ATOM   1199 C C   . GLY A 1 162 ? -5.991  -19.153 -11.117 1.00 34.42 ? 162  GLY A C   1 
ATOM   1200 O O   . GLY A 1 162 ? -5.642  -19.728 -10.085 1.00 38.80 ? 162  GLY A O   1 
ATOM   1201 N N   . LYS A 1 163 ? -5.398  -19.343 -12.289 1.00 30.90 ? 163  LYS A N   1 
ATOM   1202 C CA  . LYS A 1 163 ? -4.184  -20.126 -12.420 1.00 31.69 ? 163  LYS A CA  1 
ATOM   1203 C C   . LYS A 1 163 ? -3.141  -19.239 -13.072 1.00 32.24 ? 163  LYS A C   1 
ATOM   1204 O O   . LYS A 1 163 ? -3.359  -18.688 -14.149 1.00 34.54 ? 163  LYS A O   1 
ATOM   1205 C CB  . LYS A 1 163 ? -4.418  -21.367 -13.281 1.00 37.47 ? 163  LYS A CB  1 
ATOM   1206 C CG  . LYS A 1 163 ? -5.631  -22.190 -12.885 1.00 44.34 ? 163  LYS A CG  1 
ATOM   1207 C CD  . LYS A 1 163 ? -5.360  -23.037 -11.652 1.00 51.43 ? 163  LYS A CD  1 
ATOM   1208 C CE  . LYS A 1 163 ? -6.587  -23.858 -11.277 1.00 53.84 ? 163  LYS A CE  1 
ATOM   1209 N NZ  . LYS A 1 163 ? -7.123  -24.627 -12.437 1.00 57.56 ? 163  LYS A NZ  1 
ATOM   1210 N N   . CYS A 1 164 ? -2.010  -19.087 -12.403 1.00 25.26 ? 164  CYS A N   1 
ATOM   1211 C CA  . CYS A 1 164 ? -0.908  -18.323 -12.957 1.00 20.27 ? 164  CYS A CA  1 
ATOM   1212 C C   . CYS A 1 164 ? 0.307   -18.695 -12.151 1.00 22.70 ? 164  CYS A C   1 
ATOM   1213 O O   . CYS A 1 164 ? 0.185   -19.186 -11.025 1.00 25.31 ? 164  CYS A O   1 
ATOM   1214 C CB  . CYS A 1 164 ? -1.171  -16.815 -12.851 1.00 21.14 ? 164  CYS A CB  1 
ATOM   1215 S SG  . CYS A 1 164 ? -1.395  -16.223 -11.163 1.00 24.58 ? 164  CYS A SG  1 
ATOM   1216 N N   . GLY A 1 165 ? 1.485   -18.473 -12.718 1.00 20.13 ? 165  GLY A N   1 
ATOM   1217 C CA  . GLY A 1 165 ? 2.705   -18.735 -11.985 1.00 19.52 ? 165  GLY A CA  1 
ATOM   1218 C C   . GLY A 1 165 ? 3.474   -17.448 -11.802 1.00 20.42 ? 165  GLY A C   1 
ATOM   1219 O O   . GLY A 1 165 ? 3.064   -16.394 -12.293 1.00 19.32 ? 165  GLY A O   1 
ATOM   1220 N N   . PRO A 1 166 ? 4.592   -17.517 -11.071 1.00 18.06 ? 166  PRO A N   1 
ATOM   1221 C CA  . PRO A 1 166 ? 5.469   -16.349 -10.999 1.00 18.76 ? 166  PRO A CA  1 
ATOM   1222 C C   . PRO A 1 166 ? 6.034   -16.031 -12.388 1.00 19.79 ? 166  PRO A C   1 
ATOM   1223 O O   . PRO A 1 166 ? 6.066   -16.891 -13.272 1.00 20.00 ? 166  PRO A O   1 
ATOM   1224 C CB  . PRO A 1 166 ? 6.580   -16.800 -10.044 1.00 21.92 ? 166  PRO A CB  1 
ATOM   1225 C CG  . PRO A 1 166 ? 6.572   -18.292 -10.115 1.00 26.47 ? 166  PRO A CG  1 
ATOM   1226 C CD  . PRO A 1 166 ? 5.180   -18.722 -10.458 1.00 22.06 ? 166  PRO A CD  1 
ATOM   1227 N N   . THR A 1 167 ? 6.472   -14.793 -12.572 1.00 17.10 ? 167  THR A N   1 
ATOM   1228 C CA  . THR A 1 167 ? 6.985   -14.323 -13.846 1.00 15.87 ? 167  THR A CA  1 
ATOM   1229 C C   . THR A 1 167 ? 8.306   -13.587 -13.626 1.00 16.95 ? 167  THR A C   1 
ATOM   1230 O O   . THR A 1 167 ? 8.700   -13.331 -12.489 1.00 17.85 ? 167  THR A O   1 
ATOM   1231 C CB  . THR A 1 167 ? 5.988   -13.353 -14.495 1.00 16.80 ? 167  THR A CB  1 
ATOM   1232 O OG1 . THR A 1 167 ? 5.875   -12.176 -13.678 1.00 16.99 ? 167  THR A OG1 1 
ATOM   1233 C CG2 . THR A 1 167 ? 4.600   -14.001 -14.622 1.00 18.23 ? 167  THR A CG2 1 
ATOM   1234 N N   . GLU A 1 168 ? 8.982   -13.217 -14.706 1.00 14.44 ? 168  GLU A N   1 
ATOM   1235 C CA  . GLU A 1 168 ? 10.230  -12.489 -14.581 1.00 16.97 ? 168  GLU A CA  1 
ATOM   1236 C C   . GLU A 1 168 ? 9.969   -11.212 -13.795 1.00 17.51 ? 168  GLU A C   1 
ATOM   1237 O O   . GLU A 1 168 ? 10.761  -10.813 -12.945 1.00 18.77 ? 168  GLU A O   1 
ATOM   1238 C CB  . GLU A 1 168 ? 10.818  -12.162 -15.954 1.00 21.40 ? 168  GLU A CB  1 
ATOM   1239 C CG  . GLU A 1 168 ? 11.672  -13.278 -16.554 1.00 31.65 ? 168  GLU A CG  1 
ATOM   1240 C CD  . GLU A 1 168 ? 12.703  -13.830 -15.569 1.00 34.58 ? 168  GLU A CD  1 
ATOM   1241 O OE1 . GLU A 1 168 ? 13.786  -13.218 -15.436 1.00 44.10 ? 168  GLU A OE1 1 
ATOM   1242 O OE2 . GLU A 1 168 ? 12.424  -14.869 -14.919 1.00 36.56 ? 168  GLU A OE2 1 
ATOM   1243 N N   . TYR A 1 169 ? 8.828   -10.593 -14.059 1.00 16.21 ? 169  TYR A N   1 
ATOM   1244 C CA  . TYR A 1 169 ? 8.501   -9.339  -13.395 1.00 15.93 ? 169  TYR A CA  1 
ATOM   1245 C C   . TYR A 1 169 ? 8.145   -9.519  -11.925 1.00 16.68 ? 169  TYR A C   1 
ATOM   1246 O O   . TYR A 1 169 ? 8.583   -8.721  -11.073 1.00 17.70 ? 169  TYR A O   1 
ATOM   1247 C CB  . TYR A 1 169 ? 7.358   -8.641  -14.132 1.00 16.17 ? 169  TYR A CB  1 
ATOM   1248 C CG  . TYR A 1 169 ? 7.731   -8.225  -15.531 1.00 15.19 ? 169  TYR A CG  1 
ATOM   1249 C CD1 . TYR A 1 169 ? 8.809   -7.368  -15.760 1.00 16.48 ? 169  TYR A CD1 1 
ATOM   1250 C CD2 . TYR A 1 169 ? 7.011   -8.682  -16.627 1.00 17.89 ? 169  TYR A CD2 1 
ATOM   1251 C CE1 . TYR A 1 169 ? 9.153   -6.983  -17.049 1.00 18.42 ? 169  TYR A CE1 1 
ATOM   1252 C CE2 . TYR A 1 169 ? 7.339   -8.292  -17.912 1.00 18.21 ? 169  TYR A CE2 1 
ATOM   1253 C CZ  . TYR A 1 169 ? 8.412   -7.453  -18.119 1.00 17.98 ? 169  TYR A CZ  1 
ATOM   1254 O OH  . TYR A 1 169 ? 8.726   -7.086  -19.415 1.00 21.51 ? 169  TYR A OH  1 
ATOM   1255 N N   . SER A 1 170 ? 7.362   -10.547 -11.603 1.00 15.31 ? 170  SER A N   1 
ATOM   1256 C CA  . SER A 1 170 ? 7.005   -10.750 -10.201 1.00 16.51 ? 170  SER A CA  1 
ATOM   1257 C C   . SER A 1 170 ? 8.252   -11.100 -9.404  1.00 16.54 ? 170  SER A C   1 
ATOM   1258 O O   . SER A 1 170 ? 8.407   -10.662 -8.259  1.00 17.93 ? 170  SER A O   1 
ATOM   1259 C CB  . SER A 1 170 ? 5.903   -11.805 -10.023 1.00 18.55 ? 170  SER A CB  1 
ATOM   1260 O OG  . SER A 1 170 ? 6.385   -13.132 -10.212 1.00 16.80 ? 170  SER A OG  1 
ATOM   1261 N N   . ARG A 1 171 ? 9.162   -11.865 -10.010 1.00 16.75 ? 171  ARG A N   1 
ATOM   1262 C CA  . ARG A 1 171 ? 10.376  -12.280 -9.302  1.00 17.92 ? 171  ARG A CA  1 
ATOM   1263 C C   . ARG A 1 171 ? 11.265  -11.102 -8.958  1.00 18.10 ? 171  ARG A C   1 
ATOM   1264 O O   . ARG A 1 171 ? 12.016  -11.165 -7.985  1.00 20.21 ? 171  ARG A O   1 
ATOM   1265 C CB  . ARG A 1 171 ? 11.168  -13.298 -10.119 1.00 19.07 ? 171  ARG A CB  1 
ATOM   1266 C CG  . ARG A 1 171 ? 10.522  -14.660 -10.136 1.00 20.83 ? 171  ARG A CG  1 
ATOM   1267 C CD  . ARG A 1 171 ? 11.396  -15.627 -10.919 1.00 22.15 ? 171  ARG A CD  1 
ATOM   1268 N NE  . ARG A 1 171 ? 10.763  -16.931 -11.030 1.00 27.91 ? 171  ARG A NE  1 
ATOM   1269 C CZ  . ARG A 1 171 ? 10.088  -17.342 -12.095 1.00 22.42 ? 171  ARG A CZ  1 
ATOM   1270 N NH1 . ARG A 1 171 ? 9.986   -16.558 -13.162 1.00 24.15 ? 171  ARG A NH1 1 
ATOM   1271 N NH2 . ARG A 1 171 ? 9.543   -18.549 -12.103 1.00 26.97 ? 171  ARG A NH2 1 
ATOM   1272 N N   . PHE A 1 172 ? 11.187  -10.039 -9.750  1.00 17.08 ? 172  PHE A N   1 
ATOM   1273 C CA  . PHE A 1 172 ? 11.908  -8.804  -9.455  1.00 15.99 ? 172  PHE A CA  1 
ATOM   1274 C C   . PHE A 1 172 ? 11.433  -8.216  -8.133  1.00 18.18 ? 172  PHE A C   1 
ATOM   1275 O O   . PHE A 1 172 ? 12.241  -7.918  -7.246  1.00 18.73 ? 172  PHE A O   1 
ATOM   1276 C CB  . PHE A 1 172 ? 11.729  -7.777  -10.575 1.00 19.98 ? 172  PHE A CB  1 
ATOM   1277 C CG  . PHE A 1 172 ? 12.056  -6.370  -10.157 1.00 20.02 ? 172  PHE A CG  1 
ATOM   1278 C CD1 . PHE A 1 172 ? 13.373  -5.986  -9.963  1.00 20.39 ? 172  PHE A CD1 1 
ATOM   1279 C CD2 . PHE A 1 172 ? 11.053  -5.439  -9.957  1.00 18.92 ? 172  PHE A CD2 1 
ATOM   1280 C CE1 . PHE A 1 172 ? 13.692  -4.689  -9.562  1.00 21.98 ? 172  PHE A CE1 1 
ATOM   1281 C CE2 . PHE A 1 172 ? 11.368  -4.136  -9.556  1.00 21.32 ? 172  PHE A CE2 1 
ATOM   1282 C CZ  . PHE A 1 172 ? 12.686  -3.767  -9.374  1.00 21.32 ? 172  PHE A CZ  1 
ATOM   1283 N N   . PHE A 1 173 ? 10.121  -8.035  -7.998  1.00 16.06 ? 173  PHE A N   1 
ATOM   1284 C CA  . PHE A 1 173 ? 9.590   -7.489  -6.754  1.00 17.14 ? 173  PHE A CA  1 
ATOM   1285 C C   . PHE A 1 173 ? 9.913   -8.419  -5.585  1.00 18.42 ? 173  PHE A C   1 
ATOM   1286 O O   . PHE A 1 173 ? 10.236  -7.955  -4.497  1.00 19.22 ? 173  PHE A O   1 
ATOM   1287 C CB  . PHE A 1 173 ? 8.081   -7.243  -6.852  1.00 16.21 ? 173  PHE A CB  1 
ATOM   1288 C CG  . PHE A 1 173 ? 7.699   -6.105  -7.754  1.00 15.37 ? 173  PHE A CG  1 
ATOM   1289 C CD1 . PHE A 1 173 ? 7.631   -4.814  -7.262  1.00 15.62 ? 173  PHE A CD1 1 
ATOM   1290 C CD2 . PHE A 1 173 ? 7.363   -6.337  -9.088  1.00 16.90 ? 173  PHE A CD2 1 
ATOM   1291 C CE1 . PHE A 1 173 ? 7.271   -3.760  -8.091  1.00 18.47 ? 173  PHE A CE1 1 
ATOM   1292 C CE2 . PHE A 1 173 ? 7.007   -5.295  -9.923  1.00 17.95 ? 173  PHE A CE2 1 
ATOM   1293 C CZ  . PHE A 1 173 ? 6.952   -4.000  -9.418  1.00 17.88 ? 173  PHE A CZ  1 
ATOM   1294 N N   . LYS A 1 174 ? 9.848   -9.726  -5.813  1.00 16.27 ? 174  LYS A N   1 
ATOM   1295 C CA  . LYS A 1 174 ? 10.052  -10.699 -4.743  1.00 17.21 ? 174  LYS A CA  1 
ATOM   1296 C C   . LYS A 1 174 ? 11.510  -10.737 -4.296  1.00 19.16 ? 174  LYS A C   1 
ATOM   1297 O O   . LYS A 1 174 ? 11.798  -10.921 -3.115  1.00 22.24 ? 174  LYS A O   1 
ATOM   1298 C CB  . LYS A 1 174 ? 9.584   -12.087 -5.185  1.00 18.54 ? 174  LYS A CB  1 
ATOM   1299 C CG  . LYS A 1 174 ? 9.385   -13.058 -4.030  1.00 20.51 ? 174  LYS A CG  1 
ATOM   1300 C CD  . LYS A 1 174 ? 8.278   -12.575 -3.109  1.00 22.17 ? 174  LYS A CD  1 
ATOM   1301 C CE  . LYS A 1 174 ? 7.862   -13.648 -2.122  1.00 24.54 ? 174  LYS A CE  1 
ATOM   1302 N NZ  . LYS A 1 174 ? 6.641   -13.211 -1.369  1.00 22.57 ? 174  LYS A NZ  1 
ATOM   1303 N N   . ARG A 1 175 ? 12.426  -10.542 -5.236  1.00 19.00 ? 175  ARG A N   1 
ATOM   1304 C CA  . ARG A 1 175 ? 13.855  -10.559 -4.917  1.00 20.91 ? 175  ARG A CA  1 
ATOM   1305 C C   . ARG A 1 175 ? 14.209  -9.400  -3.988  1.00 23.52 ? 175  ARG A C   1 
ATOM   1306 O O   . ARG A 1 175 ? 14.988  -9.562  -3.043  1.00 24.78 ? 175  ARG A O   1 
ATOM   1307 C CB  . ARG A 1 175 ? 14.673  -10.481 -6.208  1.00 24.18 ? 175  ARG A CB  1 
ATOM   1308 C CG  . ARG A 1 175 ? 16.131  -10.155 -6.016  1.00 31.41 ? 175  ARG A CG  1 
ATOM   1309 C CD  . ARG A 1 175 ? 16.927  -10.422 -7.291  1.00 31.28 ? 175  ARG A CD  1 
ATOM   1310 N NE  . ARG A 1 175 ? 16.637  -9.486  -8.379  1.00 33.73 ? 175  ARG A NE  1 
ATOM   1311 C CZ  . ARG A 1 175 ? 17.217  -8.295  -8.516  1.00 33.48 ? 175  ARG A CZ  1 
ATOM   1312 N NH1 . ARG A 1 175 ? 18.097  -7.877  -7.615  1.00 37.61 ? 175  ARG A NH1 1 
ATOM   1313 N NH2 . ARG A 1 175 ? 16.913  -7.514  -9.543  1.00 33.13 ? 175  ARG A NH2 1 
ATOM   1314 N N   . LEU A 1 176 ? 13.624  -8.233  -4.246  1.00 18.74 ? 176  LEU A N   1 
ATOM   1315 C CA  . LEU A 1 176 ? 13.926  -7.045  -3.450  1.00 18.36 ? 176  LEU A CA  1 
ATOM   1316 C C   . LEU A 1 176 ? 13.109  -6.957  -2.164  1.00 22.46 ? 176  LEU A C   1 
ATOM   1317 O O   . LEU A 1 176 ? 13.579  -6.385  -1.169  1.00 23.08 ? 176  LEU A O   1 
ATOM   1318 C CB  . LEU A 1 176 ? 13.752  -5.771  -4.286  1.00 20.84 ? 176  LEU A CB  1 
ATOM   1319 C CG  A LEU A 1 176 ? 14.988  -5.346  -5.082  0.50 24.29 ? 176  LEU A CG  1 
ATOM   1320 C CG  B LEU A 1 176 ? 14.726  -5.655  -5.460  0.50 23.30 ? 176  LEU A CG  1 
ATOM   1321 C CD1 A LEU A 1 176 ? 15.282  -6.341  -6.191  0.50 22.98 ? 176  LEU A CD1 1 
ATOM   1322 C CD1 B LEU A 1 176 ? 14.392  -4.461  -6.335  0.50 23.21 ? 176  LEU A CD1 1 
ATOM   1323 C CD2 A LEU A 1 176 ? 14.841  -3.937  -5.632  0.50 23.23 ? 176  LEU A CD2 1 
ATOM   1324 C CD2 B LEU A 1 176 ? 16.159  -5.567  -4.945  0.50 27.05 ? 176  LEU A CD2 1 
ATOM   1325 N N   . CYS A 1 177 ? 11.898  -7.512  -2.181  1.00 18.94 ? 177  CYS A N   1 
ATOM   1326 C CA  . CYS A 1 177 ? 11.022  -7.474  -1.011  1.00 20.23 ? 177  CYS A CA  1 
ATOM   1327 C C   . CYS A 1 177 ? 10.338  -8.808  -0.803  1.00 20.60 ? 177  CYS A C   1 
ATOM   1328 O O   . CYS A 1 177 ? 9.193   -8.984  -1.192  1.00 18.93 ? 177  CYS A O   1 
ATOM   1329 C CB  . CYS A 1 177 ? 9.975   -6.381  -1.163  1.00 19.49 ? 177  CYS A CB  1 
ATOM   1330 S SG  . CYS A 1 177 ? 10.661  -4.764  -0.827  1.00 20.60 ? 177  CYS A SG  1 
ATOM   1331 N N   . PRO A 1 178 ? 11.050  -9.763  -0.197  1.00 21.15 ? 178  PRO A N   1 
ATOM   1332 C CA  . PRO A 1 178 ? 10.537  -11.117 0.018   1.00 21.07 ? 178  PRO A CA  1 
ATOM   1333 C C   . PRO A 1 178 ? 9.268   -11.162 0.870   1.00 19.49 ? 178  PRO A C   1 
ATOM   1334 O O   . PRO A 1 178 ? 8.475   -12.093 0.734   1.00 22.96 ? 178  PRO A O   1 
ATOM   1335 C CB  . PRO A 1 178 ? 11.675  -11.809 0.773   1.00 26.70 ? 178  PRO A CB  1 
ATOM   1336 C CG  . PRO A 1 178 ? 12.891  -11.017 0.470   1.00 28.08 ? 178  PRO A CG  1 
ATOM   1337 C CD  . PRO A 1 178 ? 12.458  -9.614  0.214   1.00 24.20 ? 178  PRO A CD  1 
ATOM   1338 N N   . ASP A 1 179 ? 9.076   -10.171 1.733   1.00 22.20 ? 179  ASP A N   1 
ATOM   1339 C CA  . ASP A 1 179 ? 7.963   -10.218 2.680   1.00 24.44 ? 179  ASP A CA  1 
ATOM   1340 C C   . ASP A 1 179 ? 6.699   -9.534  2.181   1.00 25.04 ? 179  ASP A C   1 
ATOM   1341 O O   . ASP A 1 179 ? 5.753   -9.361  2.941   1.00 27.53 ? 179  ASP A O   1 
ATOM   1342 C CB  . ASP A 1 179 ? 8.375   -9.623  4.030   1.00 27.76 ? 179  ASP A CB  1 
ATOM   1343 C CG  . ASP A 1 179 ? 9.333   -10.521 4.793   1.00 34.55 ? 179  ASP A CG  1 
ATOM   1344 O OD1 . ASP A 1 179 ? 9.267   -11.763 4.626   1.00 40.27 ? 179  ASP A OD1 1 
ATOM   1345 O OD2 . ASP A 1 179 ? 10.155  -9.984  5.558   1.00 38.02 ? 179  ASP A OD2 1 
ATOM   1346 N N   . ALA A 1 180 ? 6.684   -9.146  0.907   1.00 19.98 ? 180  ALA A N   1 
ATOM   1347 C CA  . ALA A 1 180 ? 5.502   -8.541  0.293   1.00 17.59 ? 180  ALA A CA  1 
ATOM   1348 C C   . ALA A 1 180 ? 4.965   -9.447  -0.809  1.00 18.70 ? 180  ALA A C   1 
ATOM   1349 O O   . ALA A 1 180 ? 5.743   -10.118 -1.482  1.00 20.55 ? 180  ALA A O   1 
ATOM   1350 C CB  . ALA A 1 180 ? 5.855   -7.200  -0.306  1.00 19.62 ? 180  ALA A CB  1 
ATOM   1351 N N   . PHE A 1 181 ? 3.647   -9.447  -1.016  1.00 16.45 ? 181  PHE A N   1 
ATOM   1352 C CA  . PHE A 1 181 ? 3.059   -10.186 -2.144  1.00 17.29 ? 181  PHE A CA  1 
ATOM   1353 C C   . PHE A 1 181 ? 3.590   -9.645  -3.460  1.00 17.83 ? 181  PHE A C   1 
ATOM   1354 O O   . PHE A 1 181 ? 3.588   -8.439  -3.684  1.00 17.79 ? 181  PHE A O   1 
ATOM   1355 C CB  . PHE A 1 181 ? 1.540   -10.043 -2.162  1.00 19.01 ? 181  PHE A CB  1 
ATOM   1356 C CG  . PHE A 1 181 ? 0.831   -10.930 -1.191  1.00 19.67 ? 181  PHE A CG  1 
ATOM   1357 C CD1 . PHE A 1 181 ? 0.628   -10.517 0.112   1.00 23.88 ? 181  PHE A CD1 1 
ATOM   1358 C CD2 . PHE A 1 181 ? 0.349   -12.163 -1.585  1.00 22.74 ? 181  PHE A CD2 1 
ATOM   1359 C CE1 . PHE A 1 181 ? -0.034  -11.330 1.015   1.00 25.82 ? 181  PHE A CE1 1 
ATOM   1360 C CE2 . PHE A 1 181 ? -0.319  -12.983 -0.689  1.00 26.14 ? 181  PHE A CE2 1 
ATOM   1361 C CZ  . PHE A 1 181 ? -0.509  -12.566 0.610   1.00 25.60 ? 181  PHE A CZ  1 
ATOM   1362 N N   . SER A 1 182 ? 4.011   -10.541 -4.350  1.00 17.60 ? 182  SER A N   1 
ATOM   1363 C CA  . SER A 1 182 ? 4.584   -10.098 -5.620  1.00 16.68 ? 182  SER A CA  1 
ATOM   1364 C C   . SER A 1 182 ? 3.679   -10.399 -6.807  1.00 19.21 ? 182  SER A C   1 
ATOM   1365 O O   . SER A 1 182 ? 3.845   -9.823  -7.883  1.00 20.23 ? 182  SER A O   1 
ATOM   1366 C CB  . SER A 1 182 ? 5.965   -10.713 -5.836  1.00 18.89 ? 182  SER A CB  1 
ATOM   1367 O OG  . SER A 1 182 ? 5.867   -12.119 -6.022  1.00 18.99 ? 182  SER A OG  1 
ATOM   1368 N N   . TYR A 1 183 ? 2.751   -11.330 -6.618  1.00 17.91 ? 183  TYR A N   1 
ATOM   1369 C CA  . TYR A 1 183 ? 1.706   -11.594 -7.606  1.00 18.07 ? 183  TYR A CA  1 
ATOM   1370 C C   . TYR A 1 183 ? 0.512   -12.227 -6.895  1.00 22.13 ? 183  TYR A C   1 
ATOM   1371 O O   . TYR A 1 183 ? 0.595   -12.540 -5.711  1.00 21.40 ? 183  TYR A O   1 
ATOM   1372 C CB  . TYR A 1 183 ? 2.222   -12.455 -8.780  1.00 20.14 ? 183  TYR A CB  1 
ATOM   1373 C CG  . TYR A 1 183 ? 2.491   -13.915 -8.466  1.00 18.99 ? 183  TYR A CG  1 
ATOM   1374 C CD1 . TYR A 1 183 ? 3.588   -14.300 -7.702  1.00 19.71 ? 183  TYR A CD1 1 
ATOM   1375 C CD2 . TYR A 1 183 ? 1.657   -14.917 -8.969  1.00 18.03 ? 183  TYR A CD2 1 
ATOM   1376 C CE1 . TYR A 1 183 ? 3.836   -15.636 -7.420  1.00 20.86 ? 183  TYR A CE1 1 
ATOM   1377 C CE2 . TYR A 1 183 ? 1.904   -16.256 -8.699  1.00 18.92 ? 183  TYR A CE2 1 
ATOM   1378 C CZ  . TYR A 1 183 ? 2.985   -16.611 -7.921  1.00 22.95 ? 183  TYR A CZ  1 
ATOM   1379 O OH  . TYR A 1 183 ? 3.229   -17.941 -7.647  1.00 27.89 ? 183  TYR A OH  1 
ATOM   1380 N N   . VAL A 1 184 ? -0.598  -12.390 -7.605  1.00 22.88 ? 184  VAL A N   1 
ATOM   1381 C CA  . VAL A 1 184 ? -1.852  -12.790 -6.965  1.00 22.32 ? 184  VAL A CA  1 
ATOM   1382 C C   . VAL A 1 184 ? -1.745  -14.103 -6.191  1.00 24.28 ? 184  VAL A C   1 
ATOM   1383 O O   . VAL A 1 184 ? -2.265  -14.210 -5.081  1.00 27.11 ? 184  VAL A O   1 
ATOM   1384 C CB  . VAL A 1 184 ? -3.007  -12.845 -7.994  1.00 25.53 ? 184  VAL A CB  1 
ATOM   1385 C CG1 . VAL A 1 184 ? -4.254  -13.469 -7.380  1.00 29.28 ? 184  VAL A CG1 1 
ATOM   1386 C CG2 . VAL A 1 184 ? -3.300  -11.456 -8.510  1.00 29.20 ? 184  VAL A CG2 1 
ATOM   1387 N N   . LEU A 1 185 ? -1.069  -15.099 -6.759  1.00 23.46 ? 185  LEU A N   1 
ATOM   1388 C CA  . LEU A 1 185 ? -0.982  -16.408 -6.112  1.00 24.94 ? 185  LEU A CA  1 
ATOM   1389 C C   . LEU A 1 185 ? 0.336   -16.673 -5.393  1.00 23.55 ? 185  LEU A C   1 
ATOM   1390 O O   . LEU A 1 185 ? 0.734   -17.825 -5.199  1.00 26.24 ? 185  LEU A O   1 
ATOM   1391 C CB  . LEU A 1 185 ? -1.253  -17.531 -7.120  1.00 26.64 ? 185  LEU A CB  1 
ATOM   1392 C CG  . LEU A 1 185 ? -2.678  -17.645 -7.653  1.00 28.36 ? 185  LEU A CG  1 
ATOM   1393 C CD1 . LEU A 1 185 ? -2.777  -18.784 -8.668  1.00 30.71 ? 185  LEU A CD1 1 
ATOM   1394 C CD2 . LEU A 1 185 ? -3.667  -17.846 -6.517  1.00 31.43 ? 185  LEU A CD2 1 
ATOM   1395 N N   . ASP A 1 186 ? 1.022   -15.606 -4.999  1.00 22.31 ? 186  ASP A N   1 
ATOM   1396 C CA  . ASP A 1 186 ? 2.258   -15.735 -4.251  1.00 21.14 ? 186  ASP A CA  1 
ATOM   1397 C C   . ASP A 1 186 ? 2.006   -16.484 -2.945  1.00 23.99 ? 186  ASP A C   1 
ATOM   1398 O O   . ASP A 1 186 ? 0.907   -16.422 -2.398  1.00 28.85 ? 186  ASP A O   1 
ATOM   1399 C CB  . ASP A 1 186 ? 2.791   -14.341 -3.935  1.00 21.70 ? 186  ASP A CB  1 
ATOM   1400 C CG  . ASP A 1 186 ? 4.292   -14.299 -3.811  1.00 21.83 ? 186  ASP A CG  1 
ATOM   1401 O OD1 . ASP A 1 186 ? 4.943   -15.365 -3.772  1.00 25.22 ? 186  ASP A OD1 1 
ATOM   1402 O OD2 . ASP A 1 186 ? 4.836   -13.181 -3.729  1.00 22.09 ? 186  ASP A OD2 1 
ATOM   1403 N N   . LYS A 1 187 ? 3.016   -17.199 -2.460  1.00 28.27 ? 187  LYS A N   1 
ATOM   1404 C CA  . LYS A 1 187 ? 2.927   -17.836 -1.152  1.00 29.73 ? 187  LYS A CA  1 
ATOM   1405 C C   . LYS A 1 187 ? 2.659   -16.716 -0.156  1.00 29.44 ? 187  LYS A C   1 
ATOM   1406 O O   . LYS A 1 187 ? 3.406   -15.741 -0.109  1.00 30.48 ? 187  LYS A O   1 
ATOM   1407 C CB  . LYS A 1 187 ? 4.238   -18.551 -0.823  1.00 31.63 ? 187  LYS A CB  1 
ATOM   1408 C CG  . LYS A 1 187 ? 4.145   -19.593 0.283   1.00 45.79 ? 187  LYS A CG  1 
ATOM   1409 C CD  . LYS A 1 187 ? 5.483   -20.317 0.452   1.00 53.42 ? 187  LYS A CD  1 
ATOM   1410 C CE  . LYS A 1 187 ? 5.415   -21.422 1.504   1.00 62.99 ? 187  LYS A CE  1 
ATOM   1411 N NZ  . LYS A 1 187 ? 4.602   -22.591 1.060   1.00 62.81 ? 187  LYS A NZ  1 
ATOM   1412 N N   . PRO A 1 188 ? 1.573   -16.835 0.622   1.00 29.94 ? 188  PRO A N   1 
ATOM   1413 C CA  . PRO A 1 188 ? 1.150   -15.702 1.453   1.00 28.04 ? 188  PRO A CA  1 
ATOM   1414 C C   . PRO A 1 188 ? 2.209   -15.264 2.454   1.00 30.30 ? 188  PRO A C   1 
ATOM   1415 O O   . PRO A 1 188 ? 2.884   -16.088 3.069   1.00 32.87 ? 188  PRO A O   1 
ATOM   1416 C CB  . PRO A 1 188 ? -0.096  -16.235 2.169   1.00 31.93 ? 188  PRO A CB  1 
ATOM   1417 C CG  . PRO A 1 188 ? -0.620  -17.299 1.257   1.00 37.56 ? 188  PRO A CG  1 
ATOM   1418 C CD  . PRO A 1 188 ? 0.601   -17.942 0.657   1.00 34.05 ? 188  PRO A CD  1 
ATOM   1419 N N   . THR A 1 189 ? 2.352   -13.952 2.589   1.00 26.55 ? 189  THR A N   1 
ATOM   1420 C CA  . THR A 1 189 ? 3.251   -13.359 3.570   1.00 26.67 ? 189  THR A CA  1 
ATOM   1421 C C   . THR A 1 189 ? 2.424   -12.612 4.600   1.00 27.56 ? 189  THR A C   1 
ATOM   1422 O O   . THR A 1 189 ? 2.920   -11.728 5.295   1.00 29.06 ? 189  THR A O   1 
ATOM   1423 C CB  . THR A 1 189 ? 4.224   -12.380 2.912   1.00 27.79 ? 189  THR A CB  1 
ATOM   1424 O OG1 . THR A 1 189 ? 3.497   -11.508 2.041   1.00 29.61 ? 189  THR A OG1 1 
ATOM   1425 C CG2 . THR A 1 189 ? 5.256   -13.145 2.098   1.00 33.76 ? 189  THR A CG2 1 
ATOM   1426 N N   . THR A 1 190 ? 1.155   -12.983 4.682   1.00 27.44 ? 190  THR A N   1 
ATOM   1427 C CA  . THR A 1 190 ? 0.239   -12.401 5.649   1.00 24.83 ? 190  THR A CA  1 
ATOM   1428 C C   . THR A 1 190 ? 0.674   -12.736 7.071   1.00 29.37 ? 190  THR A C   1 
ATOM   1429 O O   . THR A 1 190 ? 1.117   -13.854 7.353   1.00 30.88 ? 190  THR A O   1 
ATOM   1430 C CB  . THR A 1 190 ? -1.183  -12.923 5.399   1.00 29.86 ? 190  THR A CB  1 
ATOM   1431 O OG1 . THR A 1 190 ? -1.520  -12.709 4.022   1.00 34.07 ? 190  THR A OG1 1 
ATOM   1432 C CG2 . THR A 1 190 ? -2.195  -12.206 6.281   1.00 27.40 ? 190  THR A CG2 1 
ATOM   1433 N N   . VAL A 1 191 ? 0.544   -11.760 7.959   1.00 23.06 ? 191  VAL A N   1 
ATOM   1434 C CA  . VAL A 1 191 ? 0.835   -11.939 9.377   1.00 25.76 ? 191  VAL A CA  1 
ATOM   1435 C C   . VAL A 1 191 ? -0.459  -11.957 10.174  1.00 25.23 ? 191  VAL A C   1 
ATOM   1436 O O   . VAL A 1 191 ? -1.340  -11.125 9.966   1.00 26.31 ? 191  VAL A O   1 
ATOM   1437 C CB  . VAL A 1 191 ? 1.740   -10.809 9.913   1.00 25.07 ? 191  VAL A CB  1 
ATOM   1438 C CG1 . VAL A 1 191 ? 1.815   -10.860 11.438  1.00 30.79 ? 191  VAL A CG1 1 
ATOM   1439 C CG2 . VAL A 1 191 ? 3.133   -10.912 9.304   1.00 29.60 ? 191  VAL A CG2 1 
ATOM   1440 N N   . THR A 1 192 ? -0.573  -12.920 11.084  1.00 27.28 ? 192  THR A N   1 
ATOM   1441 C CA  . THR A 1 192 ? -1.741  -13.026 11.941  1.00 27.94 ? 192  THR A CA  1 
ATOM   1442 C C   . THR A 1 192 ? -1.428  -12.336 13.261  1.00 27.64 ? 192  THR A C   1 
ATOM   1443 O O   . THR A 1 192 ? -0.419  -12.641 13.902  1.00 30.33 ? 192  THR A O   1 
ATOM   1444 C CB  . THR A 1 192 ? -2.111  -14.505 12.203  1.00 28.14 ? 192  THR A CB  1 
ATOM   1445 O OG1 . THR A 1 192 ? -2.315  -15.179 10.954  1.00 31.33 ? 192  THR A OG1 1 
ATOM   1446 C CG2 . THR A 1 192 ? -3.386  -14.597 13.037  1.00 30.08 ? 192  THR A CG2 1 
ATOM   1447 N N   . CYS A 1 193 ? -2.274  -11.379 13.643  1.00 24.67 ? 193  CYS A N   1 
ATOM   1448 C CA  . CYS A 1 193 ? -2.147  -10.694 14.931  1.00 26.65 ? 193  CYS A CA  1 
ATOM   1449 C C   . CYS A 1 193 ? -3.398  -10.907 15.769  1.00 25.18 ? 193  CYS A C   1 
ATOM   1450 O O   . CYS A 1 193 ? -4.453  -11.242 15.244  1.00 27.81 ? 193  CYS A O   1 
ATOM   1451 C CB  . CYS A 1 193 ? -1.969  -9.187  14.744  1.00 26.51 ? 193  CYS A CB  1 
ATOM   1452 S SG  . CYS A 1 193 ? -0.469  -8.697  13.907  1.00 27.41 ? 193  CYS A SG  1 
ATOM   1453 N N   . PRO A 1 194 ? -3.288  -10.685 17.086  1.00 28.23 ? 194  PRO A N   1 
ATOM   1454 C CA  . PRO A 1 194 ? -4.480  -10.743 17.934  1.00 29.32 ? 194  PRO A CA  1 
ATOM   1455 C C   . PRO A 1 194 ? -5.551  -9.781  17.443  1.00 27.74 ? 194  PRO A C   1 
ATOM   1456 O O   . PRO A 1 194 ? -5.229  -8.696  16.958  1.00 27.24 ? 194  PRO A O   1 
ATOM   1457 C CB  . PRO A 1 194 ? -3.953  -10.278 19.292  1.00 31.08 ? 194  PRO A CB  1 
ATOM   1458 C CG  . PRO A 1 194 ? -2.519  -10.671 19.284  1.00 31.47 ? 194  PRO A CG  1 
ATOM   1459 C CD  . PRO A 1 194 ? -2.058  -10.462 17.866  1.00 31.67 ? 194  PRO A CD  1 
ATOM   1460 N N   . GLY A 1 195 ? -6.813  -10.175 17.559  1.00 27.19 ? 195  GLY A N   1 
ATOM   1461 C CA  . GLY A 1 195 ? -7.909  -9.292  17.211  1.00 24.05 ? 195  GLY A CA  1 
ATOM   1462 C C   . GLY A 1 195 ? -7.822  -7.987  17.981  1.00 28.13 ? 195  GLY A C   1 
ATOM   1463 O O   . GLY A 1 195 ? -7.447  -7.975  19.158  1.00 30.73 ? 195  GLY A O   1 
ATOM   1464 N N   . SER A 1 196 ? -8.152  -6.887  17.313  1.00 24.97 ? 196  SER A N   1 
ATOM   1465 C CA  . SER A 1 196 ? -8.143  -5.567  17.935  1.00 26.86 ? 196  SER A CA  1 
ATOM   1466 C C   . SER A 1 196 ? -6.753  -5.045  18.299  1.00 29.18 ? 196  SER A C   1 
ATOM   1467 O O   . SER A 1 196 ? -6.604  -4.299  19.267  1.00 28.68 ? 196  SER A O   1 
ATOM   1468 C CB  . SER A 1 196 ? -9.042  -5.545  19.174  1.00 30.69 ? 196  SER A CB  1 
ATOM   1469 O OG  . SER A 1 196 ? -10.405 -5.636  18.799  1.00 33.46 ? 196  SER A OG  1 
ATOM   1470 N N   . SER A 1 197 ? -5.741  -5.427  17.527  1.00 26.28 ? 197  SER A N   1 
ATOM   1471 C CA  . SER A 1 197 ? -4.411  -4.846  17.687  1.00 24.45 ? 197  SER A CA  1 
ATOM   1472 C C   . SER A 1 197 ? -4.398  -3.424  17.136  1.00 22.60 ? 197  SER A C   1 
ATOM   1473 O O   . SER A 1 197 ? -5.312  -3.031  16.421  1.00 23.73 ? 197  SER A O   1 
ATOM   1474 C CB  . SER A 1 197 ? -3.356  -5.697  16.973  1.00 24.92 ? 197  SER A CB  1 
ATOM   1475 O OG  . SER A 1 197 ? -3.268  -6.998  17.536  1.00 27.56 ? 197  SER A OG  1 
ATOM   1476 N N   . ASN A 1 198 ? -3.369  -2.657  17.492  1.00 24.70 ? 198  ASN A N   1 
ATOM   1477 C CA  . ASN A 1 198 ? -3.147  -1.322  16.932  1.00 21.46 ? 198  ASN A CA  1 
ATOM   1478 C C   . ASN A 1 198 ? -1.861  -1.327  16.117  1.00 18.62 ? 198  ASN A C   1 
ATOM   1479 O O   . ASN A 1 198 ? -1.011  -2.189  16.303  1.00 21.45 ? 198  ASN A O   1 
ATOM   1480 C CB  . ASN A 1 198 ? -3.070  -0.270  18.038  1.00 23.74 ? 198  ASN A CB  1 
ATOM   1481 C CG  . ASN A 1 198 ? -4.374  -0.116  18.777  1.00 26.85 ? 198  ASN A CG  1 
ATOM   1482 O OD1 . ASN A 1 198 ? -5.445  -0.103  18.173  1.00 27.28 ? 198  ASN A OD1 1 
ATOM   1483 N ND2 . ASN A 1 198 ? -4.296  -0.009  20.098  1.00 31.52 ? 198  ASN A ND2 1 
ATOM   1484 N N   . TYR A 1 199 ? -1.720  -0.364  15.211  1.00 20.35 ? 199  TYR A N   1 
ATOM   1485 C CA  . TYR A 1 199 ? -0.664  -0.460  14.199  1.00 18.67 ? 199  TYR A CA  1 
ATOM   1486 C C   . TYR A 1 199 ? -0.018  0.868   13.878  1.00 17.53 ? 199  TYR A C   1 
ATOM   1487 O O   . TYR A 1 199 ? -0.591  1.928   14.123  1.00 18.89 ? 199  TYR A O   1 
ATOM   1488 C CB  . TYR A 1 199 ? -1.244  -1.035  12.894  1.00 19.11 ? 199  TYR A CB  1 
ATOM   1489 C CG  . TYR A 1 199 ? -1.870  -2.401  13.070  1.00 18.66 ? 199  TYR A CG  1 
ATOM   1490 C CD1 . TYR A 1 199 ? -1.094  -3.551  13.030  1.00 18.64 ? 199  TYR A CD1 1 
ATOM   1491 C CD2 . TYR A 1 199 ? -3.232  -2.527  13.312  1.00 20.85 ? 199  TYR A CD2 1 
ATOM   1492 C CE1 . TYR A 1 199 ? -1.668  -4.813  13.209  1.00 19.34 ? 199  TYR A CE1 1 
ATOM   1493 C CE2 . TYR A 1 199 ? -3.812  -3.784  13.492  1.00 20.59 ? 199  TYR A CE2 1 
ATOM   1494 C CZ  . TYR A 1 199 ? -3.026  -4.909  13.442  1.00 21.14 ? 199  TYR A CZ  1 
ATOM   1495 O OH  . TYR A 1 199 ? -3.601  -6.157  13.617  1.00 23.55 ? 199  TYR A OH  1 
ATOM   1496 N N   . ARG A 1 200 ? 1.181   0.794   13.305  1.00 18.49 ? 200  ARG A N   1 
ATOM   1497 C CA  . ARG A 1 200 ? 1.848   1.966   12.756  1.00 16.46 ? 200  ARG A CA  1 
ATOM   1498 C C   . ARG A 1 200 ? 2.310   1.649   11.345  1.00 17.12 ? 200  ARG A C   1 
ATOM   1499 O O   . ARG A 1 200 ? 2.916   0.603   11.100  1.00 19.84 ? 200  ARG A O   1 
ATOM   1500 C CB  . ARG A 1 200 ? 3.053   2.364   13.600  1.00 19.59 ? 200  ARG A CB  1 
ATOM   1501 C CG  . ARG A 1 200 ? 3.776   3.599   13.058  1.00 19.96 ? 200  ARG A CG  1 
ATOM   1502 C CD  . ARG A 1 200 ? 4.947   4.004   13.933  1.00 23.65 ? 200  ARG A CD  1 
ATOM   1503 N NE  . ARG A 1 200 ? 4.475   4.599   15.181  1.00 26.72 ? 200  ARG A NE  1 
ATOM   1504 C CZ  . ARG A 1 200 ? 4.717   4.097   16.385  1.00 30.84 ? 200  ARG A CZ  1 
ATOM   1505 N NH1 . ARG A 1 200 ? 5.438   2.995   16.510  1.00 35.14 ? 200  ARG A NH1 1 
ATOM   1506 N NH2 . ARG A 1 200 ? 4.247   4.712   17.465  1.00 30.83 ? 200  ARG A NH2 1 
ATOM   1507 N N   . VAL A 1 201 ? 1.992   2.555   10.426  1.00 16.84 ? 201  VAL A N   1 
ATOM   1508 C CA  . VAL A 1 201 ? 2.484   2.468   9.054   1.00 16.89 ? 201  VAL A CA  1 
ATOM   1509 C C   . VAL A 1 201 ? 3.481   3.602   8.885   1.00 15.97 ? 201  VAL A C   1 
ATOM   1510 O O   . VAL A 1 201 ? 3.124   4.765   9.066   1.00 18.62 ? 201  VAL A O   1 
ATOM   1511 C CB  . VAL A 1 201 ? 1.344   2.659   8.058   1.00 17.58 ? 201  VAL A CB  1 
ATOM   1512 C CG1 . VAL A 1 201 ? 1.900   2.722   6.641   1.00 21.87 ? 201  VAL A CG1 1 
ATOM   1513 C CG2 . VAL A 1 201 ? 0.331   1.517   8.180   1.00 18.85 ? 201  VAL A CG2 1 
ATOM   1514 N N   . THR A 1 202 ? 4.727   3.260   8.563   1.00 15.70 ? 202  THR A N   1 
ATOM   1515 C CA  . THR A 1 202 ? 5.782   4.259   8.398   1.00 16.36 ? 202  THR A CA  1 
ATOM   1516 C C   . THR A 1 202 ? 6.244   4.280   6.948   1.00 16.78 ? 202  THR A C   1 
ATOM   1517 O O   . THR A 1 202 ? 6.688   3.252   6.430   1.00 18.65 ? 202  THR A O   1 
ATOM   1518 C CB  . THR A 1 202 ? 7.002   3.926   9.265   1.00 17.42 ? 202  THR A CB  1 
ATOM   1519 O OG1 . THR A 1 202 ? 6.597   3.766   10.634  1.00 19.45 ? 202  THR A OG1 1 
ATOM   1520 C CG2 . THR A 1 202 ? 8.056   5.032   9.181   1.00 17.86 ? 202  THR A CG2 1 
ATOM   1521 N N   . PHE A 1 203 ? 6.149   5.432   6.301   1.00 15.92 ? 203  PHE A N   1 
ATOM   1522 C CA  . PHE A 1 203 ? 6.708   5.587   4.964   1.00 14.54 ? 203  PHE A CA  1 
ATOM   1523 C C   . PHE A 1 203 ? 8.182   5.932   5.080   1.00 17.59 ? 203  PHE A C   1 
ATOM   1524 O O   . PHE A 1 203 ? 8.565   6.701   5.967   1.00 16.88 ? 203  PHE A O   1 
ATOM   1525 C CB  . PHE A 1 203 ? 5.965   6.680   4.204   1.00 15.37 ? 203  PHE A CB  1 
ATOM   1526 C CG  . PHE A 1 203 ? 4.484   6.460   4.109   1.00 16.77 ? 203  PHE A CG  1 
ATOM   1527 C CD1 . PHE A 1 203 ? 3.974   5.335   3.482   1.00 19.03 ? 203  PHE A CD1 1 
ATOM   1528 C CD2 . PHE A 1 203 ? 3.602   7.400   4.614   1.00 20.15 ? 203  PHE A CD2 1 
ATOM   1529 C CE1 . PHE A 1 203 ? 2.598   5.146   3.384   1.00 19.83 ? 203  PHE A CE1 1 
ATOM   1530 C CE2 . PHE A 1 203 ? 2.228   7.215   4.512   1.00 19.64 ? 203  PHE A CE2 1 
ATOM   1531 C CZ  . PHE A 1 203 ? 1.734   6.087   3.902   1.00 19.35 ? 203  PHE A CZ  1 
ATOM   1532 N N   . CYS A 1 204 ? 9.001   5.340   4.210   1.00 16.01 ? 204  CYS A N   1 
ATOM   1533 C CA  . CYS A 1 204 ? 10.465  5.519   4.227   1.00 16.08 ? 204  CYS A CA  1 
ATOM   1534 C C   . CYS A 1 204 ? 11.053  5.179   5.593   1.00 18.48 ? 204  CYS A C   1 
ATOM   1535 O O   . CYS A 1 204 ? 11.696  6.022   6.235   1.00 19.35 ? 204  CYS A O   1 
ATOM   1536 C CB  . CYS A 1 204 ? 10.860  6.945   3.834   1.00 19.55 ? 204  CYS A CB  1 
ATOM   1537 S SG  . CYS A 1 204 ? 10.320  7.447   2.186   1.00 19.56 ? 204  CYS A SG  1 
ATOM   1538 N N   . PRO A 1 205 ? 10.864  3.933   6.035   1.00 17.73 ? 205  PRO A N   1 
ATOM   1539 C CA  . PRO A 1 205 ? 11.265  3.589   7.401   1.00 20.21 ? 205  PRO A CA  1 
ATOM   1540 C C   . PRO A 1 205 ? 12.769  3.651   7.646   1.00 25.54 ? 205  PRO A C   1 
ATOM   1541 O O   . PRO A 1 205 ? 13.177  3.835   8.792   1.00 26.63 ? 205  PRO A O   1 
ATOM   1542 C CB  . PRO A 1 205 ? 10.758  2.156   7.571   1.00 20.92 ? 205  PRO A CB  1 
ATOM   1543 C CG  . PRO A 1 205 ? 10.651  1.619   6.174   1.00 19.85 ? 205  PRO A CG  1 
ATOM   1544 C CD  . PRO A 1 205 ? 10.252  2.793   5.326   1.00 17.47 ? 205  PRO A CD  1 
ATOM   1545 N N   . THR A 1 206 ? 13.578  3.500   6.604   1.00 23.84 ? 206  THR A N   1 
ATOM   1546 C CA  . THR A 1 206 ? 15.026  3.518   6.791   1.00 29.23 ? 206  THR A CA  1 
ATOM   1547 C C   . THR A 1 206 ? 15.576  4.905   6.481   1.00 38.57 ? 206  THR A C   1 
ATOM   1548 O O   . THR A 1 206 ? 16.527  5.368   7.113   1.00 48.52 ? 206  THR A O   1 
ATOM   1549 C CB  . THR A 1 206 ? 15.726  2.438   5.943   1.00 32.44 ? 206  THR A CB  1 
ATOM   1550 O OG1 . THR A 1 206 ? 15.387  2.616   4.564   1.00 44.22 ? 206  THR A OG1 1 
ATOM   1551 C CG2 . THR A 1 206 ? 15.275  1.054   6.382   1.00 37.39 ? 206  THR A CG2 1 
ATOM   1552 N N   . ALA A 1 207 ? 14.958  5.567   5.506   1.00 43.49 ? 207  ALA A N   1 
ATOM   1553 C CA  . ALA A 1 207 ? 15.249  6.962   5.210   1.00 44.27 ? 207  ALA A CA  1 
ATOM   1554 C C   . ALA A 1 207 ? 14.150  7.857   5.777   1.00 32.73 ? 207  ALA A C   1 
ATOM   1555 O O   . ALA A 1 207 ? 13.697  8.790   5.113   1.00 41.58 ? 207  ALA A O   1 
ATOM   1556 C CB  . ALA A 1 207 ? 15.383  7.171   3.705   1.00 45.12 ? 207  ALA A CB  1 
HETATM 1557 O O1  . TLA B 2 .   ? 3.235   -10.890 -21.842 1.00 20.24 ? 1208 TLA A O1  1 
HETATM 1558 O O11 . TLA B 2 .   ? 4.977   -9.684  -21.283 1.00 20.93 ? 1208 TLA A O11 1 
HETATM 1559 C C1  . TLA B 2 .   ? 4.039   -9.958  -22.062 1.00 19.29 ? 1208 TLA A C1  1 
HETATM 1560 C C2  . TLA B 2 .   ? 3.869   -9.208  -23.287 1.00 20.42 ? 1208 TLA A C2  1 
HETATM 1561 O O2  . TLA B 2 .   ? 2.588   -9.354  -23.847 1.00 25.49 ? 1208 TLA A O2  1 
HETATM 1562 C C3  . TLA B 2 .   ? 4.918   -9.569  -24.290 1.00 23.32 ? 1208 TLA A C3  1 
HETATM 1563 O O3  . TLA B 2 .   ? 4.913   -10.939 -24.547 1.00 23.64 ? 1208 TLA A O3  1 
HETATM 1564 C C4  . TLA B 2 .   ? 4.823   -8.705  -25.556 1.00 27.45 ? 1208 TLA A C4  1 
HETATM 1565 O O4  . TLA B 2 .   ? 4.483   -9.251  -26.654 1.00 30.01 ? 1208 TLA A O4  1 
HETATM 1566 O O41 . TLA B 2 .   ? 5.065   -7.454  -25.474 1.00 27.34 ? 1208 TLA A O41 1 
HETATM 1567 H H2  . TLA B 2 .   ? 3.992   -8.270  -23.071 1.00 24.50 ? 1208 TLA A H2  1 
HETATM 1568 H HA  . TLA B 2 .   ? 2.657   -9.727  -24.668 1.00 30.59 ? 1208 TLA A HA  1 
HETATM 1569 H H3  . TLA B 2 .   ? 5.782   -9.368  -23.876 1.00 27.98 ? 1208 TLA A H3  1 
HETATM 1570 H HB  . TLA B 2 .   ? 5.682   -11.285 -24.307 1.00 28.36 ? 1208 TLA A HB  1 
HETATM 1571 O O   . HOH C 3 .   ? -10.572 -2.013  17.539  1.00 35.90 ? 2001 HOH A O   1 
HETATM 1572 O O   . HOH C 3 .   ? -1.269  2.736   16.891  1.00 30.38 ? 2002 HOH A O   1 
HETATM 1573 O O   . HOH C 3 .   ? 3.134   8.996   18.582  1.00 23.22 ? 2003 HOH A O   1 
HETATM 1574 O O   . HOH C 3 .   ? 4.937   9.323   15.380  1.00 21.50 ? 2004 HOH A O   1 
HETATM 1575 O O   . HOH C 3 .   ? 12.959  12.554  6.835   1.00 23.15 ? 2005 HOH A O   1 
HETATM 1576 O O   . HOH C 3 .   ? 8.661   3.391   12.553  1.00 39.33 ? 2006 HOH A O   1 
HETATM 1577 O O   . HOH C 3 .   ? 13.214  9.971   1.794   1.00 28.64 ? 2007 HOH A O   1 
HETATM 1578 O O   . HOH C 3 .   ? -6.966  17.883  5.328   1.00 45.78 ? 2008 HOH A O   1 
HETATM 1579 O O   . HOH C 3 .   ? -2.460  18.853  6.693   1.00 40.14 ? 2009 HOH A O   1 
HETATM 1580 O O   . HOH C 3 .   ? 11.737  7.068   -1.579  1.00 34.55 ? 2010 HOH A O   1 
HETATM 1581 O O   . HOH C 3 .   ? 7.800   17.769  3.613   1.00 26.88 ? 2011 HOH A O   1 
HETATM 1582 O O   . HOH C 3 .   ? 8.098   17.548  -0.909  1.00 32.22 ? 2012 HOH A O   1 
HETATM 1583 O O   . HOH C 3 .   ? 5.450   14.042  -3.181  1.00 24.43 ? 2013 HOH A O   1 
HETATM 1584 O O   . HOH C 3 .   ? -2.670  19.308  0.141   1.00 36.76 ? 2014 HOH A O   1 
HETATM 1585 O O   . HOH C 3 .   ? -13.953 -3.738  1.789   1.00 41.59 ? 2015 HOH A O   1 
HETATM 1586 O O   . HOH C 3 .   ? -12.110 1.296   -5.246  1.00 33.88 ? 2016 HOH A O   1 
HETATM 1587 O O   . HOH C 3 .   ? -16.626 7.481   2.510   1.00 37.52 ? 2017 HOH A O   1 
HETATM 1588 O O   . HOH C 3 .   ? -13.251 5.031   9.877   1.00 43.93 ? 2018 HOH A O   1 
HETATM 1589 O O   . HOH C 3 .   ? -13.948 8.801   -5.801  1.00 41.96 ? 2019 HOH A O   1 
HETATM 1590 O O   . HOH C 3 .   ? -8.085  15.342  5.599   1.00 34.36 ? 2020 HOH A O   1 
HETATM 1591 O O   . HOH C 3 .   ? -5.228  15.090  11.189  1.00 40.09 ? 2021 HOH A O   1 
HETATM 1592 O O   . HOH C 3 .   ? -4.347  17.589  4.334   1.00 28.64 ? 2022 HOH A O   1 
HETATM 1593 O O   . HOH C 3 .   ? 0.408   18.699  6.524   1.00 30.92 ? 2023 HOH A O   1 
HETATM 1594 O O   . HOH C 3 .   ? -5.719  -1.349  -4.982  1.00 39.25 ? 2024 HOH A O   1 
HETATM 1595 O O   . HOH C 3 .   ? 7.500   17.948  10.290  1.00 22.51 ? 2025 HOH A O   1 
HETATM 1596 O O   . HOH C 3 .   ? 3.062   19.769  11.912  1.00 21.12 ? 2026 HOH A O   1 
HETATM 1597 O O   . HOH C 3 .   ? 5.745   19.926  9.097   1.00 25.26 ? 2027 HOH A O   1 
HETATM 1598 O O   . HOH C 3 .   ? -0.375  19.681  9.746   1.00 39.47 ? 2028 HOH A O   1 
HETATM 1599 O O   . HOH C 3 .   ? -2.934  -8.496  -10.494 1.00 38.33 ? 2029 HOH A O   1 
HETATM 1600 O O   . HOH C 3 .   ? -3.748  12.850  13.878  1.00 36.83 ? 2030 HOH A O   1 
HETATM 1601 O O   . HOH C 3 .   ? -13.681 2.602   9.898   1.00 41.24 ? 2031 HOH A O   1 
HETATM 1602 O O   . HOH C 3 .   ? -16.723 -2.915  10.710  1.00 39.10 ? 2032 HOH A O   1 
HETATM 1603 O O   . HOH C 3 .   ? -15.960 -8.002  9.152   1.00 41.94 ? 2033 HOH A O   1 
HETATM 1604 O O   . HOH C 3 .   ? -15.654 -4.041  6.189   1.00 38.97 ? 2034 HOH A O   1 
HETATM 1605 O O   . HOH C 3 .   ? -6.981  -5.132  2.019   1.00 26.03 ? 2035 HOH A O   1 
HETATM 1606 O O   . HOH C 3 .   ? -10.404 -4.636  -0.349  1.00 42.89 ? 2036 HOH A O   1 
HETATM 1607 O O   . HOH C 3 .   ? 14.578  -7.813  -14.080 1.00 42.75 ? 2037 HOH A O   1 
HETATM 1608 O O   . HOH C 3 .   ? -7.252  -6.545  -2.853  1.00 45.66 ? 2038 HOH A O   1 
HETATM 1609 O O   . HOH C 3 .   ? 2.149   3.635   -0.901  1.00 17.80 ? 2039 HOH A O   1 
HETATM 1610 O O   . HOH C 3 .   ? -6.124  11.519  -5.181  1.00 22.03 ? 2040 HOH A O   1 
HETATM 1611 O O   . HOH C 3 .   ? 5.627   11.081  -8.051  1.00 32.78 ? 2041 HOH A O   1 
HETATM 1612 O O   . HOH C 3 .   ? 7.687   13.227  -4.543  1.00 37.13 ? 2042 HOH A O   1 
HETATM 1613 O O   . HOH C 3 .   ? 3.218   18.396  -5.256  1.00 33.73 ? 2043 HOH A O   1 
HETATM 1614 O O   . HOH C 3 .   ? 4.523   18.364  -9.331  1.00 43.16 ? 2044 HOH A O   1 
HETATM 1615 O O   . HOH C 3 .   ? -3.178  23.121  -6.655  1.00 44.12 ? 2045 HOH A O   1 
HETATM 1616 O O   . HOH C 3 .   ? 8.777   -15.918 -6.801  1.00 36.91 ? 2046 HOH A O   1 
HETATM 1617 O O   . HOH C 3 .   ? 11.151  -15.726 -6.164  1.00 41.69 ? 2047 HOH A O   1 
HETATM 1618 O O   . HOH C 3 .   ? -11.485 15.516  -0.957  1.00 34.60 ? 2048 HOH A O   1 
HETATM 1619 O O   . HOH C 3 .   ? -7.348  13.397  -10.882 1.00 35.14 ? 2049 HOH A O   1 
HETATM 1620 O O   . HOH C 3 .   ? -9.522  16.276  -10.255 1.00 38.50 ? 2050 HOH A O   1 
HETATM 1621 O O   . HOH C 3 .   ? -1.926  8.588   -9.745  1.00 21.36 ? 2051 HOH A O   1 
HETATM 1622 O O   . HOH C 3 .   ? 3.015   7.385   -12.038 1.00 33.81 ? 2052 HOH A O   1 
HETATM 1623 O O   . HOH C 3 .   ? -0.448  6.589   -11.083 1.00 25.04 ? 2053 HOH A O   1 
HETATM 1624 O O   . HOH C 3 .   ? -7.827  7.573   -10.013 1.00 38.90 ? 2054 HOH A O   1 
HETATM 1625 O O   . HOH C 3 .   ? -11.937 8.507   -4.028  1.00 31.07 ? 2055 HOH A O   1 
HETATM 1626 O O   . HOH C 3 .   ? -13.908 11.371  -7.938  1.00 45.72 ? 2056 HOH A O   1 
HETATM 1627 O O   . HOH C 3 .   ? -14.335 11.813  0.235   1.00 46.79 ? 2057 HOH A O   1 
HETATM 1628 O O   . HOH C 3 .   ? -5.212  1.777   -3.124  1.00 24.94 ? 2058 HOH A O   1 
HETATM 1629 O O   . HOH C 3 .   ? -3.865  0.794   -5.436  1.00 26.33 ? 2059 HOH A O   1 
HETATM 1630 O O   . HOH C 3 .   ? -6.722  0.599   -8.226  1.00 37.79 ? 2060 HOH A O   1 
HETATM 1631 O O   . HOH C 3 .   ? 0.323   3.117   -13.742 1.00 33.62 ? 2061 HOH A O   1 
HETATM 1632 O O   . HOH C 3 .   ? 0.761   -2.978  -4.503  1.00 17.08 ? 2062 HOH A O   1 
HETATM 1633 O O   . HOH C 3 .   ? -4.495  -8.729  5.079   1.00 30.24 ? 2063 HOH A O   1 
HETATM 1634 O O   . HOH C 3 .   ? -2.809  -6.512  -3.226  1.00 28.69 ? 2064 HOH A O   1 
HETATM 1635 O O   . HOH C 3 .   ? -7.020  -7.621  3.768   1.00 33.23 ? 2065 HOH A O   1 
HETATM 1636 O O   . HOH C 3 .   ? -16.099 -8.892  13.141  1.00 38.21 ? 2066 HOH A O   1 
HETATM 1637 O O   . HOH C 3 .   ? -10.181 -3.655  15.605  1.00 28.39 ? 2067 HOH A O   1 
HETATM 1638 O O   . HOH C 3 .   ? -11.824 -9.842  17.294  1.00 34.64 ? 2068 HOH A O   1 
HETATM 1639 O O   . HOH C 3 .   ? -9.462  -16.000 11.745  1.00 39.72 ? 2069 HOH A O   1 
HETATM 1640 O O   . HOH C 3 .   ? -7.417  -4.183  14.997  1.00 27.27 ? 2070 HOH A O   1 
HETATM 1641 O O   . HOH C 3 .   ? 3.327   -9.094  3.969   1.00 24.60 ? 2071 HOH A O   1 
HETATM 1642 O O   . HOH C 3 .   ? 3.866   -7.299  -8.829  1.00 23.64 ? 2072 HOH A O   1 
HETATM 1643 O O   . HOH C 3 .   ? 7.299   -8.442  -3.400  1.00 20.00 ? 2073 HOH A O   1 
HETATM 1644 O O   . HOH C 3 .   ? -2.370  -5.669  -10.576 1.00 28.89 ? 2074 HOH A O   1 
HETATM 1645 O O   . HOH C 3 .   ? 0.801   -7.943  -10.071 1.00 30.80 ? 2075 HOH A O   1 
HETATM 1646 O O   . HOH C 3 .   ? -3.425  -3.653  -12.135 1.00 38.52 ? 2076 HOH A O   1 
HETATM 1647 O O   . HOH C 3 .   ? 10.580  5.482   -3.863  1.00 33.89 ? 2077 HOH A O   1 
HETATM 1648 O O   . HOH C 3 .   ? 5.763   1.147   11.200  1.00 20.43 ? 2078 HOH A O   1 
HETATM 1649 O O   . HOH C 3 .   ? 8.796   -4.619  10.380  1.00 37.53 ? 2079 HOH A O   1 
HETATM 1650 O O   . HOH C 3 .   ? 6.245   -0.877  16.067  1.00 44.72 ? 2080 HOH A O   1 
HETATM 1651 O O   . HOH C 3 .   ? -2.026  -6.890  19.947  1.00 37.90 ? 2081 HOH A O   1 
HETATM 1652 O O   . HOH C 3 .   ? 4.052   -12.842 14.037  1.00 46.18 ? 2082 HOH A O   1 
HETATM 1653 O O   . HOH C 3 .   ? 9.676   -7.783  6.474   1.00 34.16 ? 2083 HOH A O   1 
HETATM 1654 O O   . HOH C 3 .   ? 10.519  -7.504  2.220   1.00 24.39 ? 2084 HOH A O   1 
HETATM 1655 O O   . HOH C 3 .   ? 12.749  -4.356  3.115   1.00 34.98 ? 2085 HOH A O   1 
HETATM 1656 O O   . HOH C 3 .   ? 12.679  2.673   -1.554  1.00 36.47 ? 2086 HOH A O   1 
HETATM 1657 O O   . HOH C 3 .   ? 17.707  -1.710  -2.512  1.00 40.33 ? 2087 HOH A O   1 
HETATM 1658 O O   . HOH C 3 .   ? 12.625  3.150   -4.376  1.00 27.32 ? 2088 HOH A O   1 
HETATM 1659 O O   . HOH C 3 .   ? 16.296  5.532   -6.545  1.00 48.95 ? 2089 HOH A O   1 
HETATM 1660 O O   . HOH C 3 .   ? 16.214  1.069   -13.296 1.00 36.72 ? 2090 HOH A O   1 
HETATM 1661 O O   . HOH C 3 .   ? 17.224  4.072   -12.108 1.00 43.91 ? 2091 HOH A O   1 
HETATM 1662 O O   . HOH C 3 .   ? 18.123  -2.647  -12.327 1.00 28.73 ? 2092 HOH A O   1 
HETATM 1663 O O   . HOH C 3 .   ? 15.749  -4.630  -13.167 1.00 37.31 ? 2093 HOH A O   1 
HETATM 1664 O O   . HOH C 3 .   ? 12.152  -4.241  -18.922 1.00 32.70 ? 2094 HOH A O   1 
HETATM 1665 O O   . HOH C 3 .   ? 15.860  -2.816  -17.061 1.00 40.70 ? 2095 HOH A O   1 
HETATM 1666 O O   . HOH C 3 .   ? 5.492   1.115   -17.320 1.00 31.47 ? 2096 HOH A O   1 
HETATM 1667 O O   . HOH C 3 .   ? 6.341   -0.469  -20.906 1.00 41.75 ? 2097 HOH A O   1 
HETATM 1668 O O   . HOH C 3 .   ? 9.842   5.618   -12.265 1.00 37.77 ? 2098 HOH A O   1 
HETATM 1669 O O   . HOH C 3 .   ? 4.634   -7.560  -11.523 1.00 21.69 ? 2099 HOH A O   1 
HETATM 1670 O O   . HOH C 3 .   ? 1.766   -9.176  -12.261 1.00 29.86 ? 2100 HOH A O   1 
HETATM 1671 O O   . HOH C 3 .   ? -4.053  -1.597  -12.790 1.00 40.76 ? 2101 HOH A O   1 
HETATM 1672 O O   . HOH C 3 .   ? 0.289   -7.290  -23.739 1.00 32.91 ? 2102 HOH A O   1 
HETATM 1673 O O   . HOH C 3 .   ? -5.460  -9.998  -22.447 1.00 28.44 ? 2103 HOH A O   1 
HETATM 1674 O O   . HOH C 3 .   ? -5.279  -3.862  -14.071 1.00 42.89 ? 2104 HOH A O   1 
HETATM 1675 O O   . HOH C 3 .   ? -6.732  -5.333  -14.453 1.00 44.62 ? 2105 HOH A O   1 
HETATM 1676 O O   . HOH C 3 .   ? 1.913   -12.519 -20.040 1.00 18.14 ? 2106 HOH A O   1 
HETATM 1677 O O   . HOH C 3 .   ? -4.556  -16.535 -15.095 1.00 29.27 ? 2107 HOH A O   1 
HETATM 1678 O O   . HOH C 3 .   ? -2.336  -17.335 -18.851 1.00 27.57 ? 2108 HOH A O   1 
HETATM 1679 O O   . HOH C 3 .   ? 1.525   -13.856 -12.396 1.00 18.87 ? 2109 HOH A O   1 
HETATM 1680 O O   . HOH C 3 .   ? 4.312   -17.469 -15.546 1.00 19.93 ? 2110 HOH A O   1 
HETATM 1681 O O   . HOH C 3 .   ? -0.757  -10.401 -10.109 1.00 33.73 ? 2111 HOH A O   1 
HETATM 1682 O O   . HOH C 3 .   ? -0.519  -12.507 -10.701 0.50 22.46 ? 2112 HOH A O   1 
HETATM 1683 O O   . HOH C 3 .   ? -5.641  -9.263  -10.988 1.00 36.72 ? 2113 HOH A O   1 
HETATM 1684 O O   . HOH C 3 .   ? -11.783 -13.554 -13.874 1.00 41.37 ? 2114 HOH A O   1 
HETATM 1685 O O   . HOH C 3 .   ? -8.009  -10.288 -14.414 1.00 38.26 ? 2115 HOH A O   1 
HETATM 1686 O O   . HOH C 3 .   ? -4.364  -19.006 -17.908 1.00 41.44 ? 2116 HOH A O   1 
HETATM 1687 O O   . HOH C 3 .   ? 1.466   -19.830 -8.633  1.00 32.89 ? 2117 HOH A O   1 
HETATM 1688 O O   . HOH C 3 .   ? 3.392   -11.675 -12.595 1.00 19.82 ? 2118 HOH A O   1 
HETATM 1689 O O   . HOH C 3 .   ? 13.534  -11.303 -12.444 1.00 28.28 ? 2119 HOH A O   1 
HETATM 1690 O O   . HOH C 3 .   ? 14.018  -13.861 -12.664 1.00 41.43 ? 2120 HOH A O   1 
HETATM 1691 O O   . HOH C 3 .   ? 11.530  -6.768  -19.649 1.00 39.60 ? 2121 HOH A O   1 
HETATM 1692 O O   . HOH C 3 .   ? 7.386   -13.784 -7.813  1.00 21.04 ? 2122 HOH A O   1 
HETATM 1693 O O   . HOH C 3 .   ? 12.833  -13.762 -6.878  1.00 30.71 ? 2123 HOH A O   1 
HETATM 1694 O O   . HOH C 3 .   ? 14.834  -11.131 -9.990  1.00 37.38 ? 2124 HOH A O   1 
HETATM 1695 O O   . HOH C 3 .   ? 10.146  -18.021 -8.307  1.00 44.23 ? 2125 HOH A O   1 
HETATM 1696 O O   . HOH C 3 .   ? 12.960  -13.399 -2.400  1.00 37.95 ? 2126 HOH A O   1 
HETATM 1697 O O   . HOH C 3 .   ? 6.026   -15.633 -0.137  1.00 34.45 ? 2127 HOH A O   1 
HETATM 1698 O O   . HOH C 3 .   ? 15.948  -7.374  -12.310 1.00 36.02 ? 2128 HOH A O   1 
HETATM 1699 O O   . HOH C 3 .   ? 14.859  -8.986  -11.968 1.00 38.32 ? 2129 HOH A O   1 
HETATM 1700 O O   . HOH C 3 .   ? 13.647  -6.086  1.567   1.00 41.32 ? 2130 HOH A O   1 
HETATM 1701 O O   . HOH C 3 .   ? 9.279   -14.493 1.623   1.00 44.66 ? 2131 HOH A O   1 
HETATM 1702 O O   . HOH C 3 .   ? 3.065   -9.720  -10.765 1.00 31.83 ? 2132 HOH A O   1 
HETATM 1703 O O   . HOH C 3 .   ? 5.109   -18.819 -6.128  1.00 39.05 ? 2133 HOH A O   1 
HETATM 1704 O O   . HOH C 3 .   ? -1.698  -15.632 -2.633  1.00 33.44 ? 2134 HOH A O   1 
HETATM 1705 O O   . HOH C 3 .   ? 6.952   -16.749 -4.686  1.00 38.85 ? 2135 HOH A O   1 
HETATM 1706 O O   . HOH C 3 .   ? 1.222   -16.116 5.879   1.00 41.83 ? 2136 HOH A O   1 
HETATM 1707 O O   . HOH C 3 .   ? 5.255   -12.651 6.607   1.00 42.30 ? 2137 HOH A O   1 
HETATM 1708 O O   . HOH C 3 .   ? -0.225  -15.695 8.902   1.00 44.38 ? 2138 HOH A O   1 
HETATM 1709 O O   . HOH C 3 .   ? 1.580   -14.827 11.488  1.00 43.65 ? 2139 HOH A O   1 
HETATM 1710 O O   . HOH C 3 .   ? -7.719  -1.695  19.271  1.00 34.92 ? 2140 HOH A O   1 
HETATM 1711 O O   . HOH C 3 .   ? 6.793   1.021   14.057  1.00 37.44 ? 2141 HOH A O   1 
HETATM 1712 O O   . HOH C 3 .   ? 13.095  3.782   3.492   1.00 30.16 ? 2142 HOH A O   1 
HETATM 1713 O O   . HOH C 3 .   ? 7.512   -6.683  -23.726 1.00 32.35 ? 2143 HOH A O   1 
# 
